data_4X1Y
#
_entry.id   4X1Y
#
_cell.length_a   66.610
_cell.length_b   127.860
_cell.length_c   255.040
_cell.angle_alpha   90.00
_cell.angle_beta   90.00
_cell.angle_gamma   90.00
#
_symmetry.space_group_name_H-M   'P 21 21 21'
#
loop_
_entity.id
_entity.type
_entity.pdbx_description
1 polymer 'Tubulin alpha chain'
2 polymer 'Tubulin beta chain'
3 polymer Stathmin-4
4 non-polymer "GUANOSINE-5'-TRIPHOSPHATE"
5 non-polymer 'MAGNESIUM ION'
6 non-polymer "GUANOSINE-5'-DIPHOSPHATE"
7 non-polymer N-[(7S)-1,2,3,10-tetramethoxy-9-oxo-6,7-dihydro-5H-benzo[d]heptalen-7-yl]ethanamide
8 non-polymer N,2-dimethyl-L-alanyl-N-[(3R,4S,5S)-1-{(2S)-2-[(1R,2R)-3-{[(1S)-1-carboxy-2-phenylethyl]amino}-1-methoxy-2-methyl-3-oxopropyl]pyrrolidin-1-yl}-3-methoxy-5-methyl-1-oxoheptan-4-yl]-N-methyl-L-valinamide
#
loop_
_entity_poly.entity_id
_entity_poly.type
_entity_poly.pdbx_seq_one_letter_code
_entity_poly.pdbx_strand_id
1 'polypeptide(L)'
;MRECISIHVGQAGVQIGNACWELYCLEHGIQPDGQMPSDKTIGGGDDSFNTFFSETGAGKHVPRAVFVDLEPTVIDEVRT
GTYRQLFHPEQLITGKEDAANNYARGHYTIGKEIIDLVLDRIRKLADQCTGLQGFLVFHSFGGGTGSGFTSLLMERLSVD
YGKKSKLEFSIYPAPQVSTAVVEPYNSILTTHTTLEHSDCAFMVDNEAIYDICRRNLDIERPTYTNLNRLIGQIVSSITA
SLRFDGALNVDLTEFQTNLVPYPRIHFPLATYAPVISAEKAYHEQLSVAEITNACFEPANQMVKCDPRHGKYMACCLLYR
GDVVPKDVNAAIATIKTKRTIQFVDWCPTGFKVGINYQPPTVVPGGDLAKVQRAVCMLSNTTAIAEAWARLDHKFDLMYA
KRAFVHWYVGEGMEEGEFSEAREDMAALEKDYEEVGVDSVEGEGEEEGEEY
;
A,C
2 'polypeptide(L)'
;MREIVHIQAGQCGNQIGAKFWEVISDEHGIDPTGSYHGDSDLQLERINVYYNEATGNKYVPRAILVDLEPGTMDSVRSGP
FGQIFRPDNFVFGQSGAGNNWAKGHYTEGAELVDSVLDVVRKESESCDCLQGFQLTHSLGGGTGSGMGTLLISKIREEYP
DRIMNTFSVMPSPKVSDTVVEPYNATLSVHQLVENTDETYSIDNEALYDICFRTLKLTTPTYGDLNHLVSATMSGVTTCL
RFPGQLNADLRKLAVNMVPFPRLHFFMPGFAPLTSRGSQQYRALTVPELTQQMFDSKNMMAACDPRHGRYLTVAAVFRGR
MSMKEVDEQMLNVQNKNSSYFVEWIPNNVKTAVCDIPPRGLKMSATFIGNSTAIQELFKRISEQFTAMFRRKAFLHWYTG
EGMDEMEFTEAESNMNDLVSEYQQYQDATADEQGEFEEEEGEDEA
;
B,D
3 'polypeptide(L)'
;ADMEVIELNKATSGQSWEVILKPPSFDGVPEFNASLPRRRDPSLEEIQKKLEAAEERRKYQEAELLKHLAEKREHEREVI
QKAIEENNNFIKMAKEKLAQKMESNKENREAHLAAMLERLQEKDKHAEEVRKNKELKEEASR
;
E
#
# COMPACT_ATOMS: atom_id res chain seq x y z
N ARG A 2 -26.79 -19.21 -69.80
CA ARG A 2 -25.48 -19.88 -69.93
C ARG A 2 -24.39 -19.36 -68.96
N GLU A 3 -24.59 -18.13 -68.44
CA GLU A 3 -23.71 -17.40 -67.52
C GLU A 3 -23.53 -18.12 -66.15
N CYS A 4 -22.33 -18.00 -65.51
CA CYS A 4 -21.96 -18.64 -64.22
C CYS A 4 -21.13 -17.78 -63.24
N ILE A 5 -21.74 -17.45 -62.08
CA ILE A 5 -21.13 -16.63 -61.03
C ILE A 5 -20.40 -17.50 -60.00
N SER A 6 -19.09 -17.29 -59.89
CA SER A 6 -18.23 -17.96 -58.93
C SER A 6 -18.08 -17.05 -57.71
N ILE A 7 -18.84 -17.33 -56.65
CA ILE A 7 -18.78 -16.58 -55.40
C ILE A 7 -17.68 -17.20 -54.49
N HIS A 8 -16.78 -16.34 -53.95
CA HIS A 8 -15.66 -16.77 -53.08
C HIS A 8 -15.73 -16.17 -51.67
N VAL A 9 -16.35 -16.92 -50.73
CA VAL A 9 -16.54 -16.52 -49.33
C VAL A 9 -15.43 -17.10 -48.46
N GLY A 10 -14.87 -16.25 -47.61
CA GLY A 10 -13.81 -16.64 -46.69
C GLY A 10 -12.47 -16.89 -47.32
N GLN A 11 -11.45 -16.93 -46.46
CA GLN A 11 -10.04 -17.13 -46.74
C GLN A 11 -9.72 -18.34 -47.64
N ALA A 12 -10.37 -19.50 -47.40
CA ALA A 12 -10.15 -20.68 -48.23
C ALA A 12 -10.75 -20.40 -49.63
N GLY A 13 -12.08 -20.21 -49.70
CA GLY A 13 -12.81 -19.86 -50.91
C GLY A 13 -12.20 -18.74 -51.71
N VAL A 14 -11.48 -17.82 -51.06
CA VAL A 14 -10.79 -16.74 -51.77
C VAL A 14 -9.48 -17.24 -52.35
N GLN A 15 -8.63 -17.86 -51.53
CA GLN A 15 -7.33 -18.36 -51.97
C GLN A 15 -7.51 -19.43 -53.03
N ILE A 16 -8.59 -20.22 -52.87
CA ILE A 16 -9.06 -21.27 -53.76
C ILE A 16 -9.54 -20.64 -55.11
N GLY A 17 -10.23 -19.50 -55.01
CA GLY A 17 -10.73 -18.74 -56.14
C GLY A 17 -9.61 -18.04 -56.87
N ASN A 18 -8.48 -17.85 -56.18
CA ASN A 18 -7.30 -17.23 -56.75
C ASN A 18 -6.64 -18.23 -57.68
N ALA A 19 -6.55 -19.48 -57.22
CA ALA A 19 -5.96 -20.61 -57.94
C ALA A 19 -6.72 -21.00 -59.22
N CYS A 20 -8.07 -21.00 -59.17
CA CYS A 20 -8.93 -21.41 -60.28
C CYS A 20 -8.95 -20.43 -61.44
N TRP A 21 -9.27 -19.14 -61.18
CA TRP A 21 -9.23 -18.05 -62.17
C TRP A 21 -7.79 -17.87 -62.71
N GLU A 22 -6.78 -18.39 -61.99
CA GLU A 22 -5.38 -18.38 -62.41
C GLU A 22 -5.30 -19.45 -63.50
N LEU A 23 -5.92 -20.62 -63.25
CA LEU A 23 -5.94 -21.74 -64.20
C LEU A 23 -6.85 -21.50 -65.41
N TYR A 24 -7.98 -20.81 -65.21
CA TYR A 24 -8.90 -20.51 -66.32
C TYR A 24 -8.20 -19.58 -67.30
N CYS A 25 -7.58 -18.51 -66.80
CA CYS A 25 -6.84 -17.55 -67.62
C CYS A 25 -5.73 -18.22 -68.41
N LEU A 26 -5.24 -19.39 -67.94
CA LEU A 26 -4.22 -20.15 -68.63
C LEU A 26 -4.85 -20.97 -69.77
N GLU A 27 -5.89 -21.76 -69.41
CA GLU A 27 -6.67 -22.65 -70.27
C GLU A 27 -7.36 -21.94 -71.43
N HIS A 28 -7.74 -20.66 -71.23
CA HIS A 28 -8.43 -19.83 -72.23
C HIS A 28 -7.51 -18.90 -72.98
N GLY A 29 -6.29 -18.72 -72.48
CA GLY A 29 -5.28 -17.86 -73.10
C GLY A 29 -5.50 -16.39 -72.80
N ILE A 30 -5.90 -16.10 -71.56
CA ILE A 30 -6.12 -14.73 -71.10
C ILE A 30 -4.87 -14.27 -70.37
N GLN A 31 -4.61 -12.96 -70.46
CA GLN A 31 -3.49 -12.28 -69.82
C GLN A 31 -3.97 -11.76 -68.45
N PRO A 32 -3.07 -11.43 -67.50
CA PRO A 32 -3.52 -10.91 -66.20
C PRO A 32 -4.12 -9.49 -66.26
N ASP A 33 -4.06 -8.87 -67.46
CA ASP A 33 -4.58 -7.55 -67.79
C ASP A 33 -6.04 -7.60 -68.26
N GLY A 34 -6.51 -8.80 -68.60
CA GLY A 34 -7.88 -9.04 -69.03
C GLY A 34 -8.06 -9.37 -70.50
N GLN A 35 -7.13 -8.91 -71.36
CA GLN A 35 -7.22 -9.16 -72.81
C GLN A 35 -6.68 -10.51 -73.29
N MET A 36 -7.17 -10.98 -74.46
CA MET A 36 -6.74 -12.24 -75.06
C MET A 36 -6.40 -12.14 -76.55
N PRO A 37 -5.38 -12.89 -77.03
CA PRO A 37 -5.01 -12.80 -78.46
C PRO A 37 -5.64 -13.92 -79.33
N SER A 38 -5.12 -14.13 -80.56
CA SER A 38 -5.62 -15.14 -81.50
C SER A 38 -4.53 -16.18 -81.81
N ASP A 46 -13.20 -21.01 -78.20
CA ASP A 46 -14.42 -21.33 -78.96
C ASP A 46 -15.71 -20.72 -78.37
N ASP A 47 -15.62 -19.46 -77.89
CA ASP A 47 -16.73 -18.64 -77.33
C ASP A 47 -17.46 -19.16 -76.06
N SER A 48 -17.39 -20.49 -75.78
CA SER A 48 -18.01 -21.11 -74.60
C SER A 48 -17.32 -20.71 -73.27
N PHE A 49 -16.07 -20.21 -73.35
CA PHE A 49 -15.28 -19.70 -72.23
C PHE A 49 -15.98 -18.50 -71.59
N ASN A 50 -16.75 -17.73 -72.39
CA ASN A 50 -17.48 -16.52 -71.98
C ASN A 50 -18.61 -16.76 -70.98
N THR A 51 -18.92 -18.05 -70.66
CA THR A 51 -19.93 -18.46 -69.67
C THR A 51 -19.49 -17.98 -68.26
N PHE A 52 -18.21 -17.54 -68.14
CA PHE A 52 -17.52 -17.06 -66.94
C PHE A 52 -16.82 -15.68 -67.07
N PHE A 53 -16.81 -15.05 -68.29
CA PHE A 53 -16.12 -13.77 -68.52
C PHE A 53 -16.92 -12.76 -69.29
N SER A 54 -17.08 -11.55 -68.72
CA SER A 54 -17.78 -10.41 -69.32
C SER A 54 -16.76 -9.46 -69.94
N GLU A 55 -16.81 -9.27 -71.28
CA GLU A 55 -15.88 -8.38 -72.00
C GLU A 55 -16.25 -6.89 -71.81
N THR A 56 -15.24 -5.99 -71.88
CA THR A 56 -15.39 -4.53 -71.75
C THR A 56 -15.12 -3.85 -73.13
N GLY A 57 -15.38 -2.54 -73.22
CA GLY A 57 -15.14 -1.73 -74.42
C GLY A 57 -13.69 -1.72 -74.89
N ALA A 58 -12.79 -2.12 -73.98
CA ALA A 58 -11.33 -2.26 -74.14
C ALA A 58 -10.94 -3.72 -74.52
N GLY A 59 -11.93 -4.53 -74.89
CA GLY A 59 -11.75 -5.92 -75.28
C GLY A 59 -11.33 -6.86 -74.17
N LYS A 60 -11.10 -6.34 -72.94
CA LYS A 60 -10.67 -7.16 -71.81
C LYS A 60 -11.82 -7.92 -71.17
N HIS A 61 -11.63 -9.24 -71.01
CA HIS A 61 -12.61 -10.22 -70.50
C HIS A 61 -12.49 -10.46 -68.98
N VAL A 62 -13.24 -9.68 -68.20
CA VAL A 62 -13.32 -9.67 -66.74
C VAL A 62 -14.11 -10.89 -66.16
N PRO A 63 -13.47 -11.68 -65.26
CA PRO A 63 -14.16 -12.83 -64.64
C PRO A 63 -15.49 -12.51 -63.95
N ARG A 64 -16.45 -13.43 -64.08
CA ARG A 64 -17.77 -13.35 -63.42
C ARG A 64 -17.56 -14.06 -62.05
N ALA A 65 -16.90 -13.31 -61.13
CA ALA A 65 -16.48 -13.71 -59.78
C ALA A 65 -16.65 -12.58 -58.79
N VAL A 66 -17.10 -12.91 -57.59
CA VAL A 66 -17.25 -11.93 -56.50
C VAL A 66 -16.53 -12.45 -55.24
N PHE A 67 -15.42 -11.78 -54.85
CA PHE A 67 -14.63 -12.18 -53.68
C PHE A 67 -15.06 -11.44 -52.42
N VAL A 68 -15.54 -12.23 -51.46
CA VAL A 68 -16.02 -11.76 -50.16
C VAL A 68 -15.17 -12.37 -49.04
N ASP A 69 -14.72 -11.52 -48.08
CA ASP A 69 -13.92 -11.85 -46.89
C ASP A 69 -14.10 -10.70 -45.88
N LEU A 70 -14.33 -11.02 -44.59
CA LEU A 70 -14.58 -9.97 -43.60
C LEU A 70 -13.38 -9.17 -43.05
N GLU A 71 -12.16 -9.48 -43.53
CA GLU A 71 -10.91 -8.80 -43.18
C GLU A 71 -10.13 -8.44 -44.47
N PRO A 72 -9.60 -7.21 -44.53
CA PRO A 72 -8.90 -6.75 -45.74
C PRO A 72 -7.69 -7.54 -46.26
N THR A 73 -6.92 -8.16 -45.37
CA THR A 73 -5.68 -8.89 -45.68
C THR A 73 -5.67 -9.69 -46.98
N VAL A 74 -6.57 -10.71 -47.09
CA VAL A 74 -6.68 -11.64 -48.22
C VAL A 74 -7.08 -11.03 -49.56
N ILE A 75 -8.15 -10.22 -49.57
CA ILE A 75 -8.61 -9.56 -50.79
C ILE A 75 -7.61 -8.48 -51.25
N ASP A 76 -6.91 -7.85 -50.27
CA ASP A 76 -5.88 -6.85 -50.58
C ASP A 76 -4.70 -7.52 -51.27
N GLU A 77 -4.52 -8.83 -51.05
CA GLU A 77 -3.47 -9.62 -51.69
C GLU A 77 -3.81 -9.86 -53.16
N VAL A 78 -5.11 -9.82 -53.51
CA VAL A 78 -5.60 -9.97 -54.88
C VAL A 78 -5.29 -8.67 -55.64
N ARG A 79 -5.70 -7.52 -55.07
CA ARG A 79 -5.49 -6.16 -55.60
C ARG A 79 -3.98 -5.80 -55.74
N THR A 80 -3.09 -6.75 -55.36
CA THR A 80 -1.63 -6.69 -55.39
C THR A 80 -1.09 -7.55 -56.53
N GLY A 81 -1.47 -8.84 -56.55
CA GLY A 81 -1.01 -9.80 -57.55
C GLY A 81 -1.26 -9.34 -58.96
N THR A 82 -0.46 -9.86 -59.93
CA THR A 82 -0.56 -9.54 -61.38
C THR A 82 -2.01 -9.48 -61.95
N TYR A 83 -2.90 -10.28 -61.35
CA TYR A 83 -4.33 -10.40 -61.65
C TYR A 83 -5.16 -9.26 -60.99
N ARG A 84 -4.48 -8.15 -60.59
CA ARG A 84 -5.09 -6.96 -59.98
C ARG A 84 -6.01 -6.26 -61.00
N GLN A 85 -5.59 -6.30 -62.30
CA GLN A 85 -6.24 -5.71 -63.48
C GLN A 85 -7.52 -6.47 -63.90
N LEU A 86 -7.49 -7.82 -63.83
CA LEU A 86 -8.55 -8.78 -64.14
C LEU A 86 -9.93 -8.43 -63.54
N PHE A 87 -9.98 -7.84 -62.33
CA PHE A 87 -11.21 -7.54 -61.62
C PHE A 87 -11.45 -6.05 -61.31
N HIS A 88 -12.72 -5.71 -61.08
CA HIS A 88 -13.19 -4.37 -60.74
C HIS A 88 -13.17 -4.12 -59.25
N PRO A 89 -13.00 -2.84 -58.81
CA PRO A 89 -12.97 -2.54 -57.36
C PRO A 89 -14.24 -2.94 -56.60
N GLU A 90 -15.35 -3.04 -57.32
CA GLU A 90 -16.64 -3.38 -56.73
C GLU A 90 -16.76 -4.88 -56.40
N GLN A 91 -16.22 -5.78 -57.27
CA GLN A 91 -16.27 -7.25 -57.12
C GLN A 91 -15.38 -7.90 -56.02
N LEU A 92 -14.47 -7.13 -55.41
CA LEU A 92 -13.59 -7.61 -54.35
C LEU A 92 -13.99 -6.88 -53.07
N ILE A 93 -15.04 -7.42 -52.41
CA ILE A 93 -15.65 -6.89 -51.19
C ILE A 93 -14.87 -7.34 -49.95
N THR A 94 -14.37 -6.36 -49.13
CA THR A 94 -13.68 -6.63 -47.85
C THR A 94 -14.22 -5.83 -46.70
N GLY A 95 -14.63 -6.53 -45.65
CA GLY A 95 -15.10 -5.93 -44.41
C GLY A 95 -13.93 -5.48 -43.56
N LYS A 96 -14.20 -5.04 -42.31
CA LYS A 96 -13.16 -4.56 -41.39
C LYS A 96 -12.63 -5.70 -40.50
N GLU A 97 -13.52 -6.33 -39.72
CA GLU A 97 -13.18 -7.41 -38.81
C GLU A 97 -13.88 -8.71 -39.16
N ASP A 98 -13.11 -9.81 -39.21
CA ASP A 98 -13.66 -11.11 -39.54
C ASP A 98 -14.43 -11.74 -38.38
N ALA A 99 -15.22 -12.77 -38.69
CA ALA A 99 -16.05 -13.50 -37.74
C ALA A 99 -15.25 -14.15 -36.61
N ALA A 100 -13.90 -14.20 -36.75
CA ALA A 100 -12.91 -14.75 -35.83
C ALA A 100 -13.20 -16.20 -35.43
N ASN A 101 -13.17 -17.11 -36.43
CA ASN A 101 -13.45 -18.54 -36.25
C ASN A 101 -14.82 -18.82 -35.65
N ASN A 102 -15.73 -17.82 -35.65
CA ASN A 102 -17.08 -17.93 -35.09
C ASN A 102 -18.19 -17.89 -36.18
N TYR A 103 -18.93 -19.04 -36.35
CA TYR A 103 -20.05 -19.18 -37.29
C TYR A 103 -21.09 -18.09 -37.00
N ALA A 104 -21.61 -18.07 -35.76
CA ALA A 104 -22.65 -17.14 -35.31
C ALA A 104 -22.32 -15.68 -35.60
N ARG A 105 -21.02 -15.30 -35.47
CA ARG A 105 -20.51 -13.95 -35.74
C ARG A 105 -20.60 -13.63 -37.24
N GLY A 106 -20.19 -14.60 -38.08
CA GLY A 106 -20.20 -14.47 -39.54
C GLY A 106 -21.59 -14.43 -40.15
N HIS A 107 -22.58 -15.00 -39.45
CA HIS A 107 -23.95 -15.09 -39.90
C HIS A 107 -24.81 -13.93 -39.38
N TYR A 108 -24.96 -13.81 -38.05
CA TYR A 108 -25.85 -12.82 -37.43
C TYR A 108 -25.27 -11.46 -37.18
N THR A 109 -23.98 -11.43 -36.77
CA THR A 109 -23.28 -10.20 -36.40
C THR A 109 -22.74 -9.47 -37.64
N ILE A 110 -21.50 -9.80 -38.04
CA ILE A 110 -20.80 -9.21 -39.18
C ILE A 110 -21.45 -9.59 -40.52
N GLY A 111 -22.37 -10.56 -40.47
CA GLY A 111 -23.14 -11.01 -41.61
C GLY A 111 -24.08 -9.92 -42.10
N LYS A 112 -25.21 -9.72 -41.35
CA LYS A 112 -26.27 -8.71 -41.55
C LYS A 112 -25.72 -7.38 -42.11
N GLU A 113 -24.57 -6.96 -41.53
CA GLU A 113 -23.75 -5.79 -41.84
C GLU A 113 -23.47 -5.70 -43.35
N ILE A 114 -22.84 -6.75 -43.90
CA ILE A 114 -22.36 -6.82 -45.27
C ILE A 114 -23.26 -7.55 -46.30
N ILE A 115 -24.33 -8.26 -45.86
CA ILE A 115 -25.21 -9.02 -46.78
C ILE A 115 -25.74 -8.28 -48.01
N ASP A 116 -26.52 -7.21 -47.78
CA ASP A 116 -27.12 -6.40 -48.83
C ASP A 116 -26.08 -6.00 -49.88
N LEU A 117 -25.00 -5.28 -49.46
CA LEU A 117 -23.88 -4.85 -50.31
C LEU A 117 -23.24 -6.01 -51.13
N VAL A 118 -23.19 -7.21 -50.53
CA VAL A 118 -22.64 -8.42 -51.14
C VAL A 118 -23.56 -8.88 -52.27
N LEU A 119 -24.89 -8.86 -52.03
CA LEU A 119 -25.92 -9.24 -53.02
C LEU A 119 -25.96 -8.26 -54.22
N ASP A 120 -25.62 -6.97 -53.97
CA ASP A 120 -25.59 -5.93 -55.00
C ASP A 120 -24.56 -6.23 -56.09
N ARG A 121 -23.35 -6.65 -55.71
CA ARG A 121 -22.28 -6.97 -56.67
C ARG A 121 -22.63 -8.21 -57.44
N ILE A 122 -23.47 -9.05 -56.85
CA ILE A 122 -24.01 -10.26 -57.46
C ILE A 122 -25.08 -9.79 -58.44
N ARG A 123 -26.02 -8.92 -57.96
CA ARG A 123 -27.14 -8.37 -58.73
C ARG A 123 -26.63 -7.76 -59.99
N LYS A 124 -25.71 -6.77 -59.83
CA LYS A 124 -25.07 -6.04 -60.91
C LYS A 124 -24.18 -6.93 -61.79
N LEU A 125 -23.73 -8.09 -61.27
CA LEU A 125 -22.98 -9.08 -62.04
C LEU A 125 -24.00 -9.84 -62.91
N ALA A 126 -25.27 -10.00 -62.37
CA ALA A 126 -26.45 -10.72 -62.93
C ALA A 126 -27.36 -9.83 -63.78
N ASP A 127 -27.24 -8.51 -63.61
CA ASP A 127 -27.93 -7.49 -64.39
C ASP A 127 -27.24 -7.44 -65.76
N GLN A 128 -26.12 -8.17 -65.91
CA GLN A 128 -25.28 -8.30 -67.11
C GLN A 128 -25.39 -9.71 -67.69
N CYS A 129 -26.48 -10.43 -67.33
CA CYS A 129 -26.72 -11.81 -67.73
C CYS A 129 -27.95 -12.06 -68.63
N THR A 130 -27.76 -12.88 -69.72
CA THR A 130 -28.82 -13.31 -70.67
C THR A 130 -29.83 -14.19 -69.91
N GLY A 131 -29.29 -14.94 -68.97
CA GLY A 131 -29.97 -15.90 -68.12
C GLY A 131 -28.94 -16.76 -67.42
N LEU A 132 -28.80 -16.48 -66.13
CA LEU A 132 -27.90 -17.15 -65.21
C LEU A 132 -28.30 -18.60 -65.03
N GLN A 133 -27.35 -19.51 -65.30
CA GLN A 133 -27.48 -20.95 -65.08
C GLN A 133 -27.66 -21.12 -63.55
N GLY A 134 -26.66 -20.63 -62.80
CA GLY A 134 -26.63 -20.61 -61.35
C GLY A 134 -25.39 -19.93 -60.74
N PHE A 135 -25.00 -20.38 -59.53
CA PHE A 135 -23.86 -19.86 -58.76
C PHE A 135 -23.00 -20.99 -58.22
N LEU A 136 -21.67 -20.78 -58.21
CA LEU A 136 -20.67 -21.71 -57.67
C LEU A 136 -20.02 -21.10 -56.42
N VAL A 137 -20.49 -21.53 -55.24
CA VAL A 137 -20.01 -20.97 -53.98
C VAL A 137 -18.80 -21.73 -53.43
N PHE A 138 -17.67 -21.03 -53.33
CA PHE A 138 -16.42 -21.56 -52.78
C PHE A 138 -16.27 -21.03 -51.38
N HIS A 139 -15.75 -21.89 -50.48
CA HIS A 139 -15.58 -21.61 -49.05
C HIS A 139 -15.00 -22.82 -48.32
N SER A 140 -14.55 -22.57 -47.08
CA SER A 140 -14.05 -23.54 -46.12
C SER A 140 -15.28 -24.15 -45.41
N PHE A 141 -15.06 -24.94 -44.35
CA PHE A 141 -16.18 -25.48 -43.60
C PHE A 141 -16.21 -24.89 -42.19
N GLY A 142 -15.03 -24.84 -41.56
CA GLY A 142 -14.83 -24.40 -40.19
C GLY A 142 -14.32 -22.99 -39.93
N GLY A 143 -14.37 -22.14 -40.95
CA GLY A 143 -14.02 -20.72 -40.81
C GLY A 143 -15.24 -19.98 -40.33
N GLY A 144 -15.06 -18.89 -39.59
CA GLY A 144 -16.19 -18.10 -39.10
C GLY A 144 -16.85 -17.33 -40.23
N THR A 145 -16.00 -16.95 -41.20
CA THR A 145 -16.28 -16.23 -42.44
C THR A 145 -16.81 -17.28 -43.48
N GLY A 146 -16.02 -18.34 -43.71
CA GLY A 146 -16.33 -19.44 -44.62
C GLY A 146 -17.31 -20.46 -44.07
N SER A 147 -18.33 -20.01 -43.32
CA SER A 147 -19.41 -20.84 -42.75
C SER A 147 -20.66 -20.02 -42.43
N GLY A 148 -20.52 -19.01 -41.57
CA GLY A 148 -21.60 -18.14 -41.13
C GLY A 148 -22.18 -17.30 -42.24
N PHE A 149 -21.28 -16.66 -43.00
CA PHE A 149 -21.69 -15.82 -44.12
C PHE A 149 -22.12 -16.62 -45.35
N THR A 150 -21.42 -17.73 -45.64
CA THR A 150 -21.77 -18.55 -46.78
C THR A 150 -23.21 -18.97 -46.62
N SER A 151 -23.55 -19.53 -45.47
CA SER A 151 -24.91 -19.99 -45.16
C SER A 151 -25.91 -18.87 -45.20
N LEU A 152 -25.52 -17.66 -44.79
CA LEU A 152 -26.42 -16.50 -44.85
C LEU A 152 -26.74 -16.14 -46.30
N LEU A 153 -25.67 -16.06 -47.13
CA LEU A 153 -25.69 -15.77 -48.56
C LEU A 153 -26.56 -16.78 -49.32
N MET A 154 -26.38 -18.08 -49.05
CA MET A 154 -27.15 -19.16 -49.67
C MET A 154 -28.62 -19.04 -49.41
N GLU A 155 -28.98 -18.48 -48.24
CA GLU A 155 -30.36 -18.27 -47.83
C GLU A 155 -30.98 -17.23 -48.76
N ARG A 156 -30.34 -16.04 -48.85
CA ARG A 156 -30.77 -14.93 -49.73
C ARG A 156 -30.63 -15.26 -51.23
N LEU A 157 -29.59 -16.03 -51.65
CA LEU A 157 -29.41 -16.43 -53.05
C LEU A 157 -30.54 -17.32 -53.50
N SER A 158 -31.06 -18.17 -52.58
CA SER A 158 -32.17 -19.07 -52.83
C SER A 158 -33.49 -18.32 -52.93
N VAL A 159 -33.55 -17.10 -52.40
CA VAL A 159 -34.75 -16.28 -52.47
C VAL A 159 -34.68 -15.38 -53.73
N ASP A 160 -33.73 -14.39 -53.72
CA ASP A 160 -33.45 -13.38 -54.75
C ASP A 160 -33.20 -13.93 -56.16
N TYR A 161 -32.63 -15.15 -56.27
CA TYR A 161 -32.32 -15.80 -57.54
C TYR A 161 -32.77 -17.25 -57.45
N GLY A 162 -34.01 -17.44 -56.97
CA GLY A 162 -34.64 -18.75 -56.83
C GLY A 162 -34.69 -19.51 -58.13
N LYS A 163 -34.72 -20.86 -58.04
CA LYS A 163 -34.75 -21.81 -59.18
C LYS A 163 -33.39 -21.97 -59.92
N LYS A 164 -32.46 -21.00 -59.76
CA LYS A 164 -31.14 -21.10 -60.37
C LYS A 164 -30.30 -22.01 -59.49
N SER A 165 -29.56 -22.93 -60.13
CA SER A 165 -28.67 -23.93 -59.50
C SER A 165 -27.67 -23.33 -58.48
N LYS A 166 -27.13 -24.21 -57.59
CA LYS A 166 -26.12 -23.88 -56.58
C LYS A 166 -25.13 -25.03 -56.45
N LEU A 167 -23.89 -24.75 -56.80
CA LEU A 167 -22.81 -25.72 -56.77
C LEU A 167 -21.74 -25.33 -55.77
N GLU A 168 -21.80 -26.00 -54.62
CA GLU A 168 -20.96 -25.75 -53.47
C GLU A 168 -19.58 -26.37 -53.59
N PHE A 169 -18.58 -25.59 -53.23
CA PHE A 169 -17.20 -26.05 -53.17
C PHE A 169 -16.68 -25.85 -51.75
N SER A 170 -16.88 -26.91 -50.94
CA SER A 170 -16.58 -26.93 -49.51
C SER A 170 -15.22 -27.59 -49.21
N ILE A 171 -14.50 -27.02 -48.25
CA ILE A 171 -13.21 -27.53 -47.80
C ILE A 171 -13.36 -28.16 -46.40
N TYR A 172 -13.48 -29.49 -46.38
CA TYR A 172 -13.64 -30.29 -45.17
C TYR A 172 -12.40 -30.16 -44.23
N PRO A 173 -12.60 -29.81 -42.92
CA PRO A 173 -11.46 -29.61 -42.00
C PRO A 173 -10.58 -30.82 -41.64
N ALA A 174 -9.26 -30.57 -41.45
CA ALA A 174 -8.32 -31.63 -41.08
C ALA A 174 -7.20 -31.25 -40.05
N PRO A 175 -6.95 -32.12 -39.01
CA PRO A 175 -5.87 -31.84 -38.05
C PRO A 175 -4.45 -31.61 -38.62
N GLN A 176 -4.10 -32.37 -39.68
CA GLN A 176 -2.78 -32.33 -40.38
C GLN A 176 -2.50 -30.97 -40.99
N VAL A 177 -3.59 -30.22 -41.19
CA VAL A 177 -3.73 -28.90 -41.78
C VAL A 177 -4.06 -27.88 -40.66
N SER A 178 -3.85 -26.57 -40.92
CA SER A 178 -4.15 -25.47 -39.98
C SER A 178 -5.67 -25.42 -39.59
N THR A 179 -6.08 -26.32 -38.67
CA THR A 179 -7.46 -26.43 -38.16
C THR A 179 -7.61 -25.73 -36.77
N ALA A 180 -8.84 -25.33 -36.42
CA ALA A 180 -9.15 -24.68 -35.15
C ALA A 180 -10.14 -25.52 -34.39
N VAL A 181 -10.03 -25.47 -33.06
CA VAL A 181 -10.81 -26.22 -32.09
C VAL A 181 -12.35 -26.06 -32.21
N VAL A 182 -12.80 -24.91 -32.71
CA VAL A 182 -14.23 -24.66 -32.88
C VAL A 182 -14.86 -25.17 -34.22
N GLU A 183 -14.01 -25.49 -35.22
CA GLU A 183 -14.42 -25.98 -36.55
C GLU A 183 -15.59 -26.98 -36.57
N PRO A 184 -15.64 -28.07 -35.71
CA PRO A 184 -16.80 -29.00 -35.73
C PRO A 184 -18.16 -28.36 -35.41
N TYR A 185 -18.16 -27.23 -34.70
CA TYR A 185 -19.38 -26.51 -34.40
C TYR A 185 -19.84 -25.82 -35.69
N ASN A 186 -18.96 -24.99 -36.26
CA ASN A 186 -19.12 -24.27 -37.52
C ASN A 186 -19.52 -25.22 -38.67
N SER A 187 -18.85 -26.39 -38.80
CA SER A 187 -19.09 -27.39 -39.84
C SER A 187 -20.54 -27.92 -39.87
N ILE A 188 -21.05 -28.37 -38.73
CA ILE A 188 -22.43 -28.87 -38.61
C ILE A 188 -23.46 -27.73 -38.73
N LEU A 189 -23.21 -26.60 -38.04
CA LEU A 189 -24.07 -25.39 -38.06
C LEU A 189 -24.30 -24.92 -39.47
N THR A 190 -23.20 -24.90 -40.28
CA THR A 190 -23.23 -24.50 -41.69
C THR A 190 -23.92 -25.50 -42.57
N THR A 191 -23.65 -26.81 -42.37
CA THR A 191 -24.30 -27.85 -43.16
C THR A 191 -25.81 -27.83 -42.93
N HIS A 192 -26.26 -27.59 -41.69
CA HIS A 192 -27.67 -27.47 -41.30
C HIS A 192 -28.40 -26.36 -42.09
N THR A 193 -27.71 -25.24 -42.30
CA THR A 193 -28.24 -24.06 -43.00
C THR A 193 -28.09 -24.15 -44.53
N THR A 194 -26.90 -24.59 -45.01
CA THR A 194 -26.51 -24.77 -46.42
C THR A 194 -26.97 -26.13 -46.97
N LEU A 195 -27.89 -26.84 -46.28
CA LEU A 195 -28.34 -28.16 -46.74
C LEU A 195 -29.45 -28.05 -47.76
N GLU A 196 -30.54 -27.36 -47.38
CA GLU A 196 -31.75 -27.15 -48.17
C GLU A 196 -31.47 -26.27 -49.39
N HIS A 197 -30.47 -25.40 -49.25
CA HIS A 197 -30.10 -24.41 -50.26
C HIS A 197 -29.08 -24.83 -51.31
N SER A 198 -28.27 -25.85 -51.02
CA SER A 198 -27.33 -26.35 -52.02
C SER A 198 -28.06 -27.36 -52.89
N ASP A 199 -27.59 -27.50 -54.14
CA ASP A 199 -28.16 -28.41 -55.11
C ASP A 199 -27.17 -29.57 -55.31
N CYS A 200 -25.85 -29.26 -55.21
CA CYS A 200 -24.74 -30.24 -55.31
C CYS A 200 -23.42 -29.72 -54.70
N ALA A 201 -23.01 -30.30 -53.56
CA ALA A 201 -21.81 -29.91 -52.83
C ALA A 201 -20.65 -30.88 -52.97
N PHE A 202 -19.51 -30.38 -53.46
CA PHE A 202 -18.28 -31.17 -53.66
C PHE A 202 -17.32 -30.93 -52.51
N MET A 203 -17.29 -31.86 -51.53
CA MET A 203 -16.41 -31.76 -50.38
C MET A 203 -14.97 -31.97 -50.80
N VAL A 204 -14.04 -31.35 -50.06
CA VAL A 204 -12.59 -31.42 -50.27
C VAL A 204 -11.98 -31.68 -48.86
N ASP A 205 -11.71 -32.95 -48.51
CA ASP A 205 -11.09 -33.26 -47.21
C ASP A 205 -9.63 -32.85 -47.34
N ASN A 206 -9.20 -31.82 -46.59
CA ASN A 206 -7.83 -31.28 -46.62
C ASN A 206 -6.78 -32.36 -46.32
N GLU A 207 -7.16 -33.36 -45.49
CA GLU A 207 -6.33 -34.51 -45.08
C GLU A 207 -5.93 -35.29 -46.32
N ALA A 208 -6.92 -35.59 -47.19
CA ALA A 208 -6.74 -36.33 -48.43
C ALA A 208 -5.74 -35.63 -49.35
N ILE A 209 -5.88 -34.29 -49.52
CA ILE A 209 -5.02 -33.47 -50.37
C ILE A 209 -3.59 -33.42 -49.82
N TYR A 210 -3.46 -33.35 -48.48
CA TYR A 210 -2.21 -33.34 -47.72
C TYR A 210 -1.34 -34.55 -48.13
N ASP A 211 -1.87 -35.79 -47.99
CA ASP A 211 -1.18 -37.05 -48.33
C ASP A 211 -0.72 -37.09 -49.80
N ILE A 212 -1.61 -36.63 -50.70
CA ILE A 212 -1.46 -36.56 -52.16
C ILE A 212 -0.24 -35.71 -52.55
N CYS A 213 -0.07 -34.56 -51.88
CA CYS A 213 1.05 -33.66 -52.08
C CYS A 213 2.33 -34.25 -51.47
N ARG A 214 2.18 -35.24 -50.57
CA ARG A 214 3.31 -35.90 -49.93
C ARG A 214 3.77 -37.07 -50.79
N ARG A 215 3.07 -38.23 -50.69
CA ARG A 215 3.34 -39.50 -51.39
C ARG A 215 3.70 -39.38 -52.88
N ASN A 216 2.94 -38.54 -53.63
CA ASN A 216 3.13 -38.35 -55.07
C ASN A 216 4.06 -37.20 -55.45
N LEU A 217 3.69 -35.97 -55.06
CA LEU A 217 4.46 -34.75 -55.36
C LEU A 217 5.78 -34.65 -54.61
N ASP A 218 5.92 -35.40 -53.50
CA ASP A 218 7.11 -35.39 -52.64
C ASP A 218 7.36 -34.07 -51.89
N ILE A 219 6.28 -33.51 -51.32
CA ILE A 219 6.31 -32.28 -50.49
C ILE A 219 5.78 -32.72 -49.12
N GLU A 220 6.71 -32.98 -48.16
CA GLU A 220 6.42 -33.44 -46.78
C GLU A 220 5.49 -32.47 -46.07
N ARG A 221 5.86 -31.18 -46.11
CA ARG A 221 5.13 -30.05 -45.54
C ARG A 221 4.62 -29.16 -46.70
N PRO A 222 3.42 -29.49 -47.24
CA PRO A 222 2.90 -28.72 -48.38
C PRO A 222 2.31 -27.38 -47.96
N THR A 223 2.57 -26.34 -48.77
CA THR A 223 2.05 -24.98 -48.54
C THR A 223 0.59 -24.93 -49.04
N TYR A 224 -0.19 -23.90 -48.64
CA TYR A 224 -1.59 -23.74 -49.10
C TYR A 224 -1.64 -23.63 -50.62
N THR A 225 -0.63 -22.93 -51.19
CA THR A 225 -0.38 -22.69 -52.62
C THR A 225 -0.31 -24.03 -53.35
N ASN A 226 0.55 -24.95 -52.87
CA ASN A 226 0.75 -26.30 -53.41
C ASN A 226 -0.50 -27.16 -53.33
N LEU A 227 -1.27 -27.01 -52.24
CA LEU A 227 -2.52 -27.75 -52.00
C LEU A 227 -3.61 -27.23 -52.92
N ASN A 228 -3.58 -25.93 -53.23
CA ASN A 228 -4.52 -25.26 -54.12
C ASN A 228 -4.20 -25.48 -55.61
N ARG A 229 -2.98 -25.98 -55.93
CA ARG A 229 -2.52 -26.32 -57.28
C ARG A 229 -3.39 -27.48 -57.80
N LEU A 230 -3.73 -28.43 -56.91
CA LEU A 230 -4.55 -29.62 -57.16
C LEU A 230 -6.04 -29.34 -57.11
N ILE A 231 -6.46 -28.41 -56.21
CA ILE A 231 -7.85 -27.98 -56.04
C ILE A 231 -8.31 -27.26 -57.33
N GLY A 232 -7.41 -26.45 -57.93
CA GLY A 232 -7.72 -25.79 -59.19
C GLY A 232 -7.79 -26.83 -60.32
N GLN A 233 -6.88 -27.83 -60.34
CA GLN A 233 -6.90 -28.90 -61.34
C GLN A 233 -8.24 -29.61 -61.28
N ILE A 234 -8.60 -30.14 -60.11
CA ILE A 234 -9.87 -30.85 -59.90
C ILE A 234 -11.12 -29.98 -60.14
N VAL A 235 -11.18 -28.77 -59.54
CA VAL A 235 -12.29 -27.84 -59.76
C VAL A 235 -12.37 -27.46 -61.26
N SER A 236 -11.22 -27.26 -61.94
CA SER A 236 -11.20 -26.99 -63.38
C SER A 236 -11.63 -28.24 -64.18
N SER A 237 -11.30 -29.45 -63.68
CA SER A 237 -11.70 -30.71 -64.31
C SER A 237 -13.19 -30.96 -64.14
N ILE A 238 -13.81 -30.27 -63.15
CA ILE A 238 -15.25 -30.30 -62.88
C ILE A 238 -15.96 -29.31 -63.84
N THR A 239 -15.48 -28.05 -63.90
CA THR A 239 -16.01 -26.96 -64.72
C THR A 239 -15.62 -27.04 -66.21
N ALA A 240 -14.69 -27.96 -66.57
CA ALA A 240 -14.17 -28.19 -67.93
C ALA A 240 -15.22 -28.06 -69.07
N SER A 241 -16.29 -28.87 -69.00
CA SER A 241 -17.38 -28.93 -69.97
C SER A 241 -18.31 -27.73 -70.01
N LEU A 242 -18.22 -26.83 -69.01
CA LEU A 242 -19.04 -25.63 -68.98
C LEU A 242 -18.34 -24.48 -69.72
N ARG A 243 -17.00 -24.40 -69.55
CA ARG A 243 -16.10 -23.40 -70.14
C ARG A 243 -15.71 -23.73 -71.60
N PHE A 244 -15.98 -24.96 -72.02
CA PHE A 244 -15.65 -25.40 -73.37
C PHE A 244 -16.88 -25.98 -74.09
N ASP A 245 -16.74 -26.30 -75.39
CA ASP A 245 -17.86 -26.84 -76.17
C ASP A 245 -17.92 -28.38 -76.06
N GLY A 246 -18.23 -28.87 -74.87
CA GLY A 246 -18.34 -30.28 -74.57
C GLY A 246 -19.74 -30.86 -74.56
N ALA A 247 -19.86 -32.18 -74.31
CA ALA A 247 -21.15 -32.87 -74.27
C ALA A 247 -21.61 -33.34 -72.88
N LEU A 248 -20.68 -33.87 -72.03
CA LEU A 248 -21.06 -34.30 -70.68
C LEU A 248 -21.00 -33.12 -69.72
N ASN A 249 -22.06 -32.92 -68.91
CA ASN A 249 -22.21 -31.83 -67.92
C ASN A 249 -22.04 -30.44 -68.51
N VAL A 250 -22.75 -30.22 -69.62
CA VAL A 250 -22.79 -28.99 -70.39
C VAL A 250 -23.44 -27.82 -69.60
N ASP A 251 -24.16 -28.14 -68.52
CA ASP A 251 -24.85 -27.18 -67.66
C ASP A 251 -24.74 -27.58 -66.16
N LEU A 252 -25.05 -26.62 -65.26
CA LEU A 252 -25.04 -26.80 -63.79
C LEU A 252 -26.13 -27.80 -63.37
N THR A 253 -27.28 -27.78 -64.07
CA THR A 253 -28.44 -28.63 -63.79
C THR A 253 -28.20 -30.09 -64.18
N GLU A 254 -27.08 -30.37 -64.86
CA GLU A 254 -26.72 -31.74 -65.21
C GLU A 254 -26.18 -32.54 -64.04
N PHE A 255 -25.36 -31.91 -63.15
CA PHE A 255 -24.78 -32.56 -61.94
C PHE A 255 -25.88 -32.97 -60.96
N GLN A 256 -26.90 -32.09 -60.73
CA GLN A 256 -28.08 -32.33 -59.87
C GLN A 256 -28.83 -33.60 -60.29
N THR A 257 -28.69 -33.96 -61.57
CA THR A 257 -29.33 -35.10 -62.20
C THR A 257 -28.32 -36.24 -62.24
N ASN A 258 -27.20 -36.04 -62.95
CA ASN A 258 -26.13 -37.01 -63.15
C ASN A 258 -25.51 -37.58 -61.88
N LEU A 259 -25.64 -36.85 -60.74
CA LEU A 259 -25.08 -37.28 -59.45
C LEU A 259 -26.03 -37.23 -58.26
N VAL A 260 -27.03 -36.34 -58.25
CA VAL A 260 -27.92 -36.21 -57.10
C VAL A 260 -29.28 -36.96 -57.26
N PRO A 261 -29.35 -38.29 -56.97
CA PRO A 261 -30.63 -38.99 -57.06
C PRO A 261 -31.53 -38.55 -55.90
N TYR A 262 -31.11 -38.83 -54.63
CA TYR A 262 -31.82 -38.37 -53.43
C TYR A 262 -31.28 -36.96 -53.13
N PRO A 263 -32.19 -35.96 -52.99
CA PRO A 263 -31.77 -34.56 -52.84
C PRO A 263 -30.85 -34.19 -51.69
N ARG A 264 -31.05 -34.76 -50.48
CA ARG A 264 -30.24 -34.44 -49.30
C ARG A 264 -28.85 -35.02 -49.40
N ILE A 265 -28.74 -36.20 -50.02
CA ILE A 265 -27.48 -36.93 -50.25
C ILE A 265 -26.85 -36.39 -51.55
N HIS A 266 -26.45 -35.10 -51.49
CA HIS A 266 -25.86 -34.32 -52.60
C HIS A 266 -24.35 -34.07 -52.46
N PHE A 267 -23.65 -35.06 -51.88
CA PHE A 267 -22.23 -34.92 -51.65
C PHE A 267 -21.46 -36.00 -52.40
N PRO A 268 -21.10 -35.72 -53.68
CA PRO A 268 -20.35 -36.72 -54.44
C PRO A 268 -18.87 -36.71 -54.07
N LEU A 269 -18.25 -37.87 -54.25
CA LEU A 269 -16.84 -38.09 -53.95
C LEU A 269 -15.99 -37.87 -55.22
N ALA A 270 -15.09 -36.90 -55.17
CA ALA A 270 -14.21 -36.64 -56.29
C ALA A 270 -12.96 -37.53 -56.26
N THR A 271 -12.33 -37.73 -57.42
CA THR A 271 -11.11 -38.54 -57.62
C THR A 271 -10.35 -38.02 -58.86
N TYR A 272 -9.00 -37.90 -58.81
CA TYR A 272 -8.18 -37.40 -59.93
C TYR A 272 -6.94 -38.25 -60.17
N ALA A 273 -6.44 -38.23 -61.40
CA ALA A 273 -5.25 -38.91 -61.86
C ALA A 273 -4.73 -38.21 -63.14
N PRO A 274 -3.41 -38.13 -63.37
CA PRO A 274 -2.31 -38.64 -62.55
C PRO A 274 -1.74 -37.57 -61.61
N VAL A 275 -1.35 -37.97 -60.39
CA VAL A 275 -0.72 -37.03 -59.48
C VAL A 275 0.78 -37.09 -59.80
N ILE A 276 1.27 -36.05 -60.51
CA ILE A 276 2.62 -36.04 -61.03
C ILE A 276 3.52 -34.84 -60.68
N SER A 277 4.82 -35.16 -60.44
CA SER A 277 5.90 -34.26 -60.07
C SER A 277 6.83 -34.00 -61.24
N ALA A 278 7.36 -32.77 -61.32
CA ALA A 278 8.27 -32.33 -62.38
C ALA A 278 9.76 -32.54 -62.01
N GLU A 279 10.13 -32.41 -60.71
CA GLU A 279 11.51 -32.59 -60.25
C GLU A 279 11.93 -34.09 -60.18
N LYS A 280 11.31 -34.93 -61.03
CA LYS A 280 11.61 -36.35 -61.17
C LYS A 280 11.80 -36.69 -62.66
N ALA A 281 12.80 -37.54 -62.96
CA ALA A 281 13.20 -37.96 -64.31
C ALA A 281 12.06 -38.46 -65.22
N TYR A 282 12.19 -38.19 -66.53
CA TYR A 282 11.23 -38.56 -67.58
C TYR A 282 11.09 -40.08 -67.74
N HIS A 283 9.87 -40.53 -68.11
CA HIS A 283 9.51 -41.93 -68.35
C HIS A 283 8.33 -42.07 -69.36
N GLU A 284 7.85 -43.31 -69.61
CA GLU A 284 6.74 -43.62 -70.50
C GLU A 284 5.41 -43.11 -69.90
N GLN A 285 4.85 -42.01 -70.46
CA GLN A 285 3.61 -41.38 -70.00
C GLN A 285 2.41 -42.33 -69.98
N LEU A 286 1.67 -42.30 -68.85
CA LEU A 286 0.51 -43.13 -68.50
C LEU A 286 -0.57 -43.30 -69.56
N SER A 287 -1.13 -44.52 -69.67
CA SER A 287 -2.20 -44.88 -70.59
C SER A 287 -3.57 -44.67 -69.94
N VAL A 288 -4.66 -44.92 -70.69
CA VAL A 288 -6.04 -44.79 -70.20
C VAL A 288 -6.30 -45.87 -69.13
N ALA A 289 -5.86 -47.13 -69.42
CA ALA A 289 -5.96 -48.28 -68.52
C ALA A 289 -5.17 -48.06 -67.22
N GLU A 290 -4.10 -47.23 -67.28
CA GLU A 290 -3.25 -46.88 -66.13
C GLU A 290 -4.01 -45.95 -65.17
N ILE A 291 -4.57 -44.84 -65.71
CA ILE A 291 -5.29 -43.82 -64.94
C ILE A 291 -6.75 -44.15 -64.56
N THR A 292 -7.36 -45.14 -65.23
CA THR A 292 -8.74 -45.55 -64.90
C THR A 292 -8.71 -46.50 -63.71
N ASN A 293 -7.69 -47.39 -63.65
CA ASN A 293 -7.49 -48.31 -62.55
C ASN A 293 -7.18 -47.48 -61.28
N ALA A 294 -6.30 -46.47 -61.43
CA ALA A 294 -5.88 -45.52 -60.40
C ALA A 294 -7.05 -44.73 -59.81
N CYS A 295 -8.02 -44.36 -60.67
CA CYS A 295 -9.23 -43.61 -60.32
C CYS A 295 -10.07 -44.31 -59.24
N PHE A 296 -9.94 -45.64 -59.11
CA PHE A 296 -10.67 -46.38 -58.09
C PHE A 296 -9.97 -46.59 -56.76
N GLU A 297 -8.62 -46.50 -56.74
CA GLU A 297 -7.82 -46.65 -55.53
C GLU A 297 -8.00 -45.44 -54.59
N PRO A 298 -8.39 -45.66 -53.30
CA PRO A 298 -8.60 -44.53 -52.38
C PRO A 298 -7.38 -43.65 -52.10
N ALA A 299 -6.22 -44.01 -52.68
CA ALA A 299 -4.98 -43.26 -52.59
C ALA A 299 -5.09 -41.88 -53.28
N ASN A 300 -5.91 -41.77 -54.35
CA ASN A 300 -6.10 -40.50 -55.07
C ASN A 300 -7.46 -39.86 -54.83
N GLN A 301 -8.20 -40.34 -53.81
CA GLN A 301 -9.51 -39.84 -53.43
C GLN A 301 -9.42 -38.45 -52.82
N MET A 302 -10.31 -37.55 -53.27
CA MET A 302 -10.39 -36.15 -52.81
C MET A 302 -10.87 -36.03 -51.35
N VAL A 303 -11.64 -37.05 -50.86
CA VAL A 303 -12.21 -37.15 -49.51
C VAL A 303 -11.91 -38.54 -48.93
N LYS A 304 -11.46 -38.59 -47.66
CA LYS A 304 -11.11 -39.81 -46.94
C LYS A 304 -12.29 -40.56 -46.32
N CYS A 305 -12.66 -41.69 -46.97
CA CYS A 305 -13.72 -42.64 -46.62
C CYS A 305 -13.50 -43.97 -47.36
N ASP A 306 -14.15 -45.07 -46.89
CA ASP A 306 -14.03 -46.42 -47.46
C ASP A 306 -15.06 -46.65 -48.59
N PRO A 307 -14.67 -46.55 -49.90
CA PRO A 307 -15.66 -46.76 -50.97
C PRO A 307 -16.06 -48.23 -51.11
N ARG A 308 -15.13 -49.14 -50.73
CA ARG A 308 -15.23 -50.60 -50.72
C ARG A 308 -16.35 -51.07 -49.77
N HIS A 309 -16.66 -50.27 -48.74
CA HIS A 309 -17.71 -50.52 -47.76
C HIS A 309 -18.72 -49.36 -47.78
N GLY A 310 -19.35 -49.20 -48.94
CA GLY A 310 -20.34 -48.16 -49.23
C GLY A 310 -21.08 -48.40 -50.52
N LYS A 311 -22.43 -48.44 -50.44
CA LYS A 311 -23.33 -48.66 -51.57
C LYS A 311 -23.48 -47.40 -52.45
N TYR A 312 -22.97 -47.47 -53.71
CA TYR A 312 -22.99 -46.43 -54.75
C TYR A 312 -24.42 -46.08 -55.22
N MET A 313 -24.59 -44.89 -55.85
CA MET A 313 -25.88 -44.46 -56.42
C MET A 313 -25.74 -43.65 -57.73
N ALA A 314 -24.48 -43.39 -58.16
CA ALA A 314 -24.13 -42.65 -59.38
C ALA A 314 -22.65 -42.85 -59.68
N CYS A 315 -22.21 -42.34 -60.85
CA CYS A 315 -20.84 -42.35 -61.35
C CYS A 315 -20.74 -41.54 -62.64
N CYS A 316 -19.59 -40.87 -62.83
CA CYS A 316 -19.18 -40.05 -63.97
C CYS A 316 -17.69 -40.34 -64.12
N LEU A 317 -17.11 -40.06 -65.30
CA LEU A 317 -15.67 -40.26 -65.54
C LEU A 317 -15.18 -39.16 -66.46
N LEU A 318 -14.99 -37.95 -65.92
CA LEU A 318 -14.57 -36.77 -66.69
C LEU A 318 -13.07 -36.74 -67.04
N TYR A 319 -12.74 -37.15 -68.28
CA TYR A 319 -11.38 -37.21 -68.84
C TYR A 319 -10.95 -35.86 -69.47
N ARG A 320 -9.65 -35.74 -69.83
CA ARG A 320 -9.06 -34.55 -70.46
C ARG A 320 -7.88 -34.94 -71.35
N GLY A 321 -7.59 -34.10 -72.35
CA GLY A 321 -6.45 -34.24 -73.24
C GLY A 321 -6.56 -35.19 -74.42
N ASP A 322 -5.54 -36.06 -74.56
CA ASP A 322 -5.32 -37.04 -75.64
C ASP A 322 -5.87 -38.47 -75.34
N VAL A 323 -7.19 -38.61 -75.26
CA VAL A 323 -7.86 -39.90 -74.99
C VAL A 323 -8.57 -40.45 -76.25
N VAL A 324 -8.83 -41.79 -76.28
CA VAL A 324 -9.54 -42.49 -77.36
C VAL A 324 -10.71 -43.31 -76.73
N PRO A 325 -11.99 -43.09 -77.17
CA PRO A 325 -13.13 -43.79 -76.53
C PRO A 325 -13.09 -45.32 -76.40
N LYS A 326 -12.37 -46.02 -77.30
CA LYS A 326 -12.24 -47.49 -77.25
C LYS A 326 -11.37 -47.90 -76.05
N ASP A 327 -10.22 -47.22 -75.90
CA ASP A 327 -9.24 -47.43 -74.83
C ASP A 327 -9.85 -47.16 -73.44
N VAL A 328 -10.91 -46.29 -73.41
CA VAL A 328 -11.68 -45.89 -72.22
C VAL A 328 -12.53 -47.08 -71.76
N ASN A 329 -13.34 -47.64 -72.68
CA ASN A 329 -14.19 -48.79 -72.39
C ASN A 329 -13.37 -50.08 -72.23
N ALA A 330 -12.11 -50.07 -72.75
CA ALA A 330 -11.13 -51.17 -72.64
C ALA A 330 -10.67 -51.32 -71.18
N ALA A 331 -10.73 -50.22 -70.40
CA ALA A 331 -10.38 -50.16 -68.98
C ALA A 331 -11.59 -50.51 -68.09
N ILE A 332 -12.84 -50.14 -68.52
CA ILE A 332 -14.10 -50.44 -67.82
C ILE A 332 -14.30 -51.96 -67.83
N ALA A 333 -14.08 -52.57 -69.02
CA ALA A 333 -14.17 -54.01 -69.28
C ALA A 333 -13.18 -54.83 -68.44
N THR A 334 -12.01 -54.25 -68.12
CA THR A 334 -10.97 -54.91 -67.33
C THR A 334 -11.20 -54.83 -65.82
N ILE A 335 -11.85 -53.74 -65.33
CA ILE A 335 -12.12 -53.56 -63.89
C ILE A 335 -13.31 -54.40 -63.35
N LYS A 336 -14.40 -54.53 -64.14
CA LYS A 336 -15.57 -55.33 -63.74
C LYS A 336 -15.25 -56.84 -63.69
N THR A 337 -14.13 -57.26 -64.32
CA THR A 337 -13.60 -58.64 -64.38
C THR A 337 -13.05 -59.09 -63.01
N LYS A 338 -12.36 -58.17 -62.28
CA LYS A 338 -11.74 -58.43 -60.97
C LYS A 338 -12.62 -57.94 -59.79
N ARG A 339 -12.99 -56.63 -59.79
CA ARG A 339 -13.80 -56.01 -58.75
C ARG A 339 -15.28 -55.96 -59.07
N THR A 340 -16.12 -56.15 -58.03
CA THR A 340 -17.59 -56.12 -58.15
C THR A 340 -18.14 -54.68 -58.15
N ILE A 341 -17.78 -53.85 -57.12
CA ILE A 341 -18.22 -52.44 -56.95
C ILE A 341 -19.76 -52.31 -56.88
N GLN A 342 -20.31 -52.58 -55.69
CA GLN A 342 -21.74 -52.57 -55.37
C GLN A 342 -22.46 -51.26 -55.73
N PHE A 343 -23.81 -51.34 -55.82
CA PHE A 343 -24.71 -50.24 -56.16
C PHE A 343 -26.05 -50.47 -55.46
N VAL A 344 -26.80 -49.38 -55.20
CA VAL A 344 -28.12 -49.48 -54.57
C VAL A 344 -29.15 -50.06 -55.54
N ASP A 345 -30.19 -50.73 -55.01
CA ASP A 345 -31.28 -51.38 -55.74
C ASP A 345 -32.00 -50.44 -56.75
N TRP A 346 -32.47 -49.28 -56.27
CA TRP A 346 -33.16 -48.25 -57.05
C TRP A 346 -32.28 -47.54 -58.10
N CYS A 347 -30.99 -47.93 -58.21
CA CYS A 347 -30.01 -47.33 -59.13
C CYS A 347 -29.35 -48.30 -60.12
N PRO A 348 -29.16 -47.88 -61.40
CA PRO A 348 -28.54 -48.78 -62.40
C PRO A 348 -27.03 -48.81 -62.26
N THR A 349 -26.47 -50.03 -62.22
CA THR A 349 -25.03 -50.31 -62.06
C THR A 349 -24.18 -49.80 -63.26
N GLY A 350 -23.91 -48.48 -63.31
CA GLY A 350 -23.13 -47.91 -64.40
C GLY A 350 -22.79 -46.44 -64.39
N PHE A 351 -21.75 -46.11 -65.17
CA PHE A 351 -21.16 -44.77 -65.35
C PHE A 351 -21.90 -43.82 -66.31
N LYS A 352 -21.24 -42.68 -66.58
CA LYS A 352 -21.59 -41.59 -67.48
C LYS A 352 -20.25 -40.96 -67.87
N VAL A 353 -19.54 -41.61 -68.79
CA VAL A 353 -18.23 -41.18 -69.25
C VAL A 353 -18.40 -40.04 -70.26
N GLY A 354 -17.49 -39.08 -70.17
CA GLY A 354 -17.41 -37.92 -71.04
C GLY A 354 -15.96 -37.48 -71.20
N ILE A 355 -15.53 -37.18 -72.45
CA ILE A 355 -14.15 -36.73 -72.74
C ILE A 355 -14.10 -35.30 -73.27
N ASN A 356 -13.57 -34.36 -72.46
CA ASN A 356 -13.37 -33.00 -72.94
C ASN A 356 -11.95 -33.04 -73.54
N TYR A 357 -11.89 -33.04 -74.89
CA TYR A 357 -10.65 -33.13 -75.69
C TYR A 357 -9.58 -32.08 -75.38
N GLN A 358 -9.96 -30.99 -74.67
CA GLN A 358 -9.05 -29.91 -74.25
C GLN A 358 -7.91 -30.48 -73.38
N PRO A 359 -6.65 -29.98 -73.57
CA PRO A 359 -5.52 -30.58 -72.84
C PRO A 359 -5.36 -30.23 -71.36
N PRO A 360 -4.70 -31.12 -70.55
CA PRO A 360 -4.46 -30.80 -69.14
C PRO A 360 -3.45 -29.67 -68.99
N THR A 361 -3.95 -28.47 -68.59
CA THR A 361 -3.16 -27.26 -68.36
C THR A 361 -2.68 -27.23 -66.89
N VAL A 362 -1.34 -27.11 -66.68
CA VAL A 362 -0.66 -27.02 -65.38
C VAL A 362 0.14 -25.71 -65.35
N VAL A 363 0.18 -25.03 -64.19
CA VAL A 363 0.85 -23.72 -63.96
C VAL A 363 2.32 -23.69 -64.44
N PRO A 364 2.70 -22.76 -65.37
CA PRO A 364 4.09 -22.73 -65.86
C PRO A 364 5.04 -22.37 -64.72
N GLY A 365 5.92 -23.31 -64.41
CA GLY A 365 6.86 -23.20 -63.30
C GLY A 365 6.24 -23.53 -61.96
N GLY A 366 5.30 -24.49 -61.97
CA GLY A 366 4.59 -24.95 -60.78
C GLY A 366 5.09 -26.30 -60.30
N ASP A 367 4.54 -26.74 -59.16
CA ASP A 367 4.87 -28.01 -58.50
C ASP A 367 4.43 -29.20 -59.40
N LEU A 368 3.23 -29.10 -59.99
CA LEU A 368 2.64 -30.09 -60.89
C LEU A 368 3.40 -30.14 -62.22
N ALA A 369 3.28 -31.28 -62.94
CA ALA A 369 3.96 -31.49 -64.23
C ALA A 369 2.99 -31.65 -65.42
N LYS A 370 3.50 -31.24 -66.61
CA LYS A 370 2.81 -31.29 -67.90
C LYS A 370 2.47 -32.74 -68.25
N VAL A 371 1.17 -33.03 -68.40
CA VAL A 371 0.64 -34.35 -68.77
C VAL A 371 -0.24 -34.23 -70.00
N GLN A 372 -0.14 -35.21 -70.93
CA GLN A 372 -0.94 -35.27 -72.17
C GLN A 372 -2.36 -35.77 -71.88
N ARG A 373 -2.47 -36.79 -70.98
CA ARG A 373 -3.71 -37.43 -70.55
C ARG A 373 -3.99 -37.18 -69.05
N ALA A 374 -5.28 -36.95 -68.70
CA ALA A 374 -5.76 -36.70 -67.33
C ALA A 374 -7.23 -37.07 -67.16
N VAL A 375 -7.59 -37.55 -65.96
CA VAL A 375 -8.97 -37.95 -65.61
C VAL A 375 -9.43 -37.43 -64.22
N CYS A 376 -10.74 -37.35 -64.04
CA CYS A 376 -11.41 -36.98 -62.80
C CYS A 376 -12.69 -37.77 -62.71
N MET A 377 -13.06 -38.18 -61.50
CA MET A 377 -14.27 -38.96 -61.27
C MET A 377 -15.20 -38.25 -60.31
N LEU A 378 -16.49 -38.35 -60.57
CA LEU A 378 -17.53 -37.83 -59.71
C LEU A 378 -18.34 -39.06 -59.30
N SER A 379 -18.24 -39.45 -58.02
CA SER A 379 -18.89 -40.67 -57.51
C SER A 379 -19.67 -40.47 -56.21
N ASN A 380 -21.02 -40.39 -56.28
CA ASN A 380 -21.82 -40.26 -55.06
C ASN A 380 -21.95 -41.63 -54.40
N THR A 381 -21.34 -41.78 -53.22
CA THR A 381 -21.26 -43.02 -52.42
C THR A 381 -21.80 -42.81 -50.97
N THR A 382 -22.47 -43.85 -50.38
CA THR A 382 -22.95 -43.80 -48.98
C THR A 382 -21.75 -43.73 -48.00
N ALA A 383 -20.55 -44.07 -48.53
CA ALA A 383 -19.22 -44.06 -47.89
C ALA A 383 -18.79 -42.68 -47.44
N ILE A 384 -19.29 -41.62 -48.10
CA ILE A 384 -19.01 -40.22 -47.76
C ILE A 384 -19.51 -39.84 -46.35
N ALA A 385 -20.50 -40.62 -45.80
CA ALA A 385 -21.04 -40.42 -44.45
C ALA A 385 -20.05 -40.84 -43.37
N GLU A 386 -18.92 -41.46 -43.75
CA GLU A 386 -17.87 -41.91 -42.82
C GLU A 386 -17.07 -40.71 -42.29
N ALA A 387 -17.13 -39.57 -43.02
CA ALA A 387 -16.51 -38.30 -42.66
C ALA A 387 -17.50 -37.39 -41.91
N TRP A 388 -18.83 -37.59 -42.11
CA TRP A 388 -19.87 -36.83 -41.40
C TRP A 388 -20.00 -37.36 -39.96
N ALA A 389 -19.68 -38.65 -39.76
CA ALA A 389 -19.70 -39.33 -38.46
C ALA A 389 -18.53 -38.81 -37.60
N ARG A 390 -17.38 -38.53 -38.26
CA ARG A 390 -16.14 -38.00 -37.68
C ARG A 390 -16.47 -36.66 -37.04
N LEU A 391 -17.07 -35.79 -37.84
CA LEU A 391 -17.51 -34.45 -37.49
C LEU A 391 -18.64 -34.48 -36.44
N ASP A 392 -19.64 -35.33 -36.63
CA ASP A 392 -20.75 -35.44 -35.70
C ASP A 392 -20.36 -35.90 -34.31
N HIS A 393 -19.27 -36.69 -34.16
CA HIS A 393 -18.79 -37.15 -32.85
C HIS A 393 -18.03 -36.02 -32.11
N LYS A 394 -17.11 -35.36 -32.82
CA LYS A 394 -16.33 -34.22 -32.33
C LYS A 394 -17.27 -33.14 -31.84
N PHE A 395 -18.37 -32.92 -32.56
CA PHE A 395 -19.41 -31.96 -32.19
C PHE A 395 -20.06 -32.42 -30.87
N ASP A 396 -20.40 -33.71 -30.80
CA ASP A 396 -21.09 -34.31 -29.67
C ASP A 396 -20.36 -34.36 -28.34
N LEU A 397 -19.03 -34.40 -28.39
CA LEU A 397 -18.16 -34.37 -27.23
C LEU A 397 -18.21 -32.96 -26.59
N MET A 398 -17.89 -31.92 -27.40
CA MET A 398 -17.86 -30.52 -26.99
C MET A 398 -19.22 -30.02 -26.57
N TYR A 399 -20.26 -30.33 -27.36
CA TYR A 399 -21.60 -29.86 -27.04
C TYR A 399 -22.19 -30.53 -25.82
N ALA A 400 -21.79 -31.80 -25.57
CA ALA A 400 -22.20 -32.56 -24.40
C ALA A 400 -21.84 -31.79 -23.13
N LYS A 401 -20.58 -31.29 -23.09
CA LYS A 401 -20.07 -30.47 -21.99
C LYS A 401 -20.21 -28.93 -22.25
N ARG A 402 -20.94 -28.52 -23.32
CA ARG A 402 -21.23 -27.14 -23.73
C ARG A 402 -19.98 -26.27 -24.00
N ALA A 403 -18.81 -26.93 -24.21
CA ALA A 403 -17.51 -26.31 -24.46
C ALA A 403 -17.53 -25.36 -25.69
N PHE A 404 -17.29 -24.06 -25.47
CA PHE A 404 -17.23 -22.97 -26.45
C PHE A 404 -18.54 -22.31 -26.84
N VAL A 405 -19.68 -23.01 -26.63
CA VAL A 405 -21.06 -22.55 -26.95
C VAL A 405 -21.30 -21.06 -26.62
N HIS A 406 -20.90 -20.62 -25.41
CA HIS A 406 -21.06 -19.23 -24.95
C HIS A 406 -20.71 -18.16 -26.00
N TRP A 407 -19.64 -18.40 -26.79
CA TRP A 407 -19.14 -17.52 -27.85
C TRP A 407 -20.22 -17.30 -28.92
N TYR A 408 -20.90 -18.39 -29.36
CA TYR A 408 -21.96 -18.41 -30.38
C TYR A 408 -23.22 -17.69 -29.89
N VAL A 409 -23.61 -17.95 -28.62
CA VAL A 409 -24.75 -17.33 -27.92
C VAL A 409 -24.47 -15.82 -27.67
N GLY A 410 -23.19 -15.48 -27.56
CA GLY A 410 -22.71 -14.11 -27.37
C GLY A 410 -22.91 -13.26 -28.62
N GLU A 411 -23.00 -13.93 -29.79
CA GLU A 411 -23.21 -13.31 -31.10
C GLU A 411 -24.69 -13.20 -31.49
N GLY A 412 -25.60 -13.70 -30.63
CA GLY A 412 -27.04 -13.64 -30.83
C GLY A 412 -27.75 -14.95 -31.15
N MET A 413 -26.98 -16.03 -31.39
CA MET A 413 -27.50 -17.37 -31.71
C MET A 413 -28.29 -17.99 -30.51
N GLU A 414 -28.61 -19.30 -30.60
CA GLU A 414 -29.29 -20.05 -29.54
C GLU A 414 -28.82 -21.50 -29.47
N GLU A 415 -28.87 -22.09 -28.25
CA GLU A 415 -28.55 -23.51 -28.04
C GLU A 415 -29.61 -24.25 -28.84
N GLY A 416 -30.77 -23.60 -29.01
CA GLY A 416 -31.91 -24.06 -29.79
C GLY A 416 -31.47 -24.47 -31.18
N GLU A 417 -30.55 -23.68 -31.80
CA GLU A 417 -29.97 -23.94 -33.12
C GLU A 417 -28.88 -25.02 -33.08
N PHE A 418 -28.09 -25.11 -31.99
CA PHE A 418 -27.02 -26.11 -31.83
C PHE A 418 -27.56 -27.53 -31.91
N SER A 419 -28.75 -27.74 -31.34
CA SER A 419 -29.41 -29.04 -31.36
C SER A 419 -30.06 -29.25 -32.73
N GLU A 420 -30.83 -28.23 -33.24
CA GLU A 420 -31.48 -28.25 -34.56
C GLU A 420 -30.49 -28.72 -35.63
N ALA A 421 -29.22 -28.29 -35.50
CA ALA A 421 -28.13 -28.61 -36.39
C ALA A 421 -27.73 -30.06 -36.31
N ARG A 422 -27.58 -30.60 -35.08
CA ARG A 422 -27.18 -31.98 -34.84
C ARG A 422 -28.29 -33.00 -35.14
N GLU A 423 -29.55 -32.67 -34.76
CA GLU A 423 -30.74 -33.49 -34.99
C GLU A 423 -30.90 -33.79 -36.50
N ASP A 424 -30.76 -32.73 -37.34
CA ASP A 424 -30.76 -32.76 -38.81
C ASP A 424 -29.56 -33.55 -39.35
N MET A 425 -28.38 -33.43 -38.67
CA MET A 425 -27.14 -34.13 -38.99
C MET A 425 -27.17 -35.61 -38.60
N ALA A 426 -28.13 -35.96 -37.73
CA ALA A 426 -28.41 -37.33 -37.32
C ALA A 426 -29.44 -37.93 -38.30
N ALA A 427 -30.39 -37.07 -38.77
CA ALA A 427 -31.43 -37.41 -39.77
C ALA A 427 -30.76 -37.68 -41.10
N LEU A 428 -29.75 -36.86 -41.50
CA LEU A 428 -28.94 -37.00 -42.71
C LEU A 428 -28.09 -38.26 -42.61
N GLU A 429 -27.60 -38.57 -41.40
CA GLU A 429 -26.81 -39.79 -41.13
C GLU A 429 -27.69 -41.07 -41.34
N LYS A 430 -29.00 -40.95 -41.01
CA LYS A 430 -30.01 -42.00 -41.19
C LYS A 430 -30.40 -42.15 -42.66
N ASP A 431 -30.27 -41.06 -43.46
CA ASP A 431 -30.58 -41.07 -44.90
C ASP A 431 -29.54 -41.95 -45.59
N TYR A 432 -28.28 -41.94 -45.11
CA TYR A 432 -27.23 -42.81 -45.64
C TYR A 432 -27.43 -44.28 -45.17
N GLU A 433 -28.27 -44.48 -44.12
CA GLU A 433 -28.64 -45.78 -43.57
C GLU A 433 -29.85 -46.34 -44.34
N GLU A 434 -30.87 -45.49 -44.60
CA GLU A 434 -32.10 -45.85 -45.35
C GLU A 434 -31.75 -46.26 -46.78
N VAL A 435 -30.68 -45.68 -47.33
CA VAL A 435 -30.17 -45.91 -48.70
C VAL A 435 -29.13 -47.07 -48.76
N GLY A 436 -28.13 -47.06 -47.89
CA GLY A 436 -27.13 -48.11 -47.84
C GLY A 436 -27.67 -49.37 -47.18
N VAL A 437 -28.60 -50.10 -47.89
CA VAL A 437 -29.27 -51.33 -47.43
C VAL A 437 -28.58 -52.63 -47.88
N GLU B 3 -4.80 -4.18 -35.06
CA GLU B 3 -4.35 -3.11 -34.15
C GLU B 3 -4.70 -3.35 -32.66
N ILE B 4 -3.68 -3.32 -31.75
CA ILE B 4 -3.85 -3.49 -30.29
C ILE B 4 -3.30 -2.28 -29.53
N VAL B 5 -4.07 -1.82 -28.50
CA VAL B 5 -3.74 -0.70 -27.61
C VAL B 5 -3.12 -1.27 -26.33
N HIS B 6 -1.86 -0.87 -26.02
CA HIS B 6 -1.09 -1.37 -24.86
C HIS B 6 -1.06 -0.43 -23.65
N ILE B 7 -1.58 -0.90 -22.50
CA ILE B 7 -1.59 -0.12 -21.26
C ILE B 7 -0.70 -0.81 -20.23
N GLN B 8 0.19 -0.05 -19.57
CA GLN B 8 1.04 -0.56 -18.49
C GLN B 8 0.80 0.25 -17.21
N ALA B 9 0.40 -0.46 -16.13
CA ALA B 9 0.03 0.13 -14.83
C ALA B 9 0.87 -0.30 -13.57
N GLY B 10 1.35 0.71 -12.85
CA GLY B 10 2.15 0.52 -11.66
C GLY B 10 3.63 0.30 -11.92
N GLN B 11 4.37 0.06 -10.84
CA GLN B 11 5.82 -0.17 -10.81
C GLN B 11 6.14 -1.44 -11.62
N CYS B 12 5.45 -2.53 -11.28
CA CYS B 12 5.58 -3.83 -11.92
C CYS B 12 5.21 -3.74 -13.41
N GLY B 13 3.94 -3.40 -13.70
CA GLY B 13 3.40 -3.22 -15.04
C GLY B 13 4.25 -2.37 -15.97
N ASN B 14 4.75 -1.23 -15.49
CA ASN B 14 5.61 -0.37 -16.31
C ASN B 14 7.01 -0.94 -16.58
N GLN B 15 7.53 -1.78 -15.66
CA GLN B 15 8.84 -2.39 -15.85
C GLN B 15 8.73 -3.56 -16.83
N ILE B 16 7.72 -4.44 -16.59
CA ILE B 16 7.30 -5.59 -17.41
C ILE B 16 7.04 -5.09 -18.84
N GLY B 17 6.22 -4.03 -18.94
CA GLY B 17 5.85 -3.40 -20.20
C GLY B 17 7.02 -2.83 -20.97
N ALA B 18 7.95 -2.13 -20.26
CA ALA B 18 9.17 -1.53 -20.82
C ALA B 18 10.05 -2.62 -21.39
N LYS B 19 10.11 -3.80 -20.72
CA LYS B 19 10.91 -4.92 -21.20
C LYS B 19 10.32 -5.60 -22.43
N PHE B 20 8.97 -5.70 -22.53
CA PHE B 20 8.29 -6.26 -23.70
C PHE B 20 8.60 -5.36 -24.91
N TRP B 21 8.43 -4.04 -24.72
CA TRP B 21 8.65 -3.01 -25.71
C TRP B 21 10.05 -2.84 -26.22
N GLU B 22 11.05 -3.45 -25.57
CA GLU B 22 12.43 -3.33 -26.02
C GLU B 22 12.93 -4.58 -26.70
N VAL B 23 12.43 -5.73 -26.22
CA VAL B 23 12.70 -7.05 -26.77
C VAL B 23 12.07 -7.10 -28.18
N ILE B 24 10.78 -6.69 -28.29
CA ILE B 24 10.01 -6.63 -29.53
C ILE B 24 10.53 -5.52 -30.46
N SER B 25 11.15 -4.45 -29.91
CA SER B 25 11.73 -3.39 -30.71
C SER B 25 12.93 -3.89 -31.45
N ASP B 26 13.71 -4.79 -30.81
CA ASP B 26 14.88 -5.41 -31.42
C ASP B 26 14.45 -6.43 -32.49
N GLU B 27 13.39 -7.21 -32.18
CA GLU B 27 12.81 -8.24 -33.05
C GLU B 27 12.08 -7.67 -34.26
N HIS B 28 11.84 -6.35 -34.27
CA HIS B 28 11.17 -5.64 -35.36
C HIS B 28 12.07 -4.60 -36.03
N GLY B 29 13.30 -4.48 -35.52
CA GLY B 29 14.31 -3.56 -36.04
C GLY B 29 13.97 -2.09 -35.85
N ILE B 30 13.49 -1.71 -34.65
CA ILE B 30 13.17 -0.34 -34.29
C ILE B 30 14.13 0.07 -33.17
N ASP B 31 15.10 0.97 -33.47
CA ASP B 31 16.12 1.42 -32.51
C ASP B 31 15.51 2.35 -31.43
N PRO B 32 16.17 2.63 -30.27
CA PRO B 32 15.54 3.50 -29.25
C PRO B 32 15.00 4.88 -29.66
N THR B 33 15.30 5.34 -30.90
CA THR B 33 14.87 6.63 -31.44
C THR B 33 13.52 6.53 -32.18
N GLY B 34 13.23 5.36 -32.73
CA GLY B 34 12.03 5.09 -33.50
C GLY B 34 12.28 5.19 -35.00
N SER B 35 13.17 4.33 -35.51
CA SER B 35 13.56 4.32 -36.92
C SER B 35 13.88 2.90 -37.36
N TYR B 36 13.32 2.49 -38.52
CA TYR B 36 13.57 1.14 -39.07
C TYR B 36 14.98 1.03 -39.66
N HIS B 37 15.73 0.04 -39.15
CA HIS B 37 17.10 -0.28 -39.57
C HIS B 37 17.27 -1.81 -39.73
N GLY B 38 16.14 -2.52 -39.72
CA GLY B 38 16.07 -3.98 -39.82
C GLY B 38 16.46 -4.56 -41.17
N ASP B 39 16.73 -5.88 -41.16
CA ASP B 39 17.16 -6.65 -42.34
C ASP B 39 16.01 -7.00 -43.28
N SER B 40 15.06 -7.86 -42.86
CA SER B 40 13.92 -8.23 -43.71
C SER B 40 12.69 -7.35 -43.56
N ASP B 41 11.97 -7.15 -44.69
CA ASP B 41 10.74 -6.37 -44.78
C ASP B 41 9.56 -7.14 -44.12
N LEU B 42 9.83 -8.39 -43.70
CA LEU B 42 8.95 -9.33 -42.98
C LEU B 42 8.60 -8.77 -41.58
N GLN B 43 9.47 -7.89 -41.06
CA GLN B 43 9.34 -7.22 -39.78
C GLN B 43 8.23 -6.17 -39.90
N LEU B 44 8.38 -5.23 -40.86
CA LEU B 44 7.43 -4.14 -41.09
C LEU B 44 6.05 -4.55 -41.61
N GLU B 45 5.90 -5.83 -42.02
CA GLU B 45 4.63 -6.36 -42.52
C GLU B 45 3.53 -6.26 -41.45
N ARG B 46 3.84 -6.72 -40.22
CA ARG B 46 2.89 -6.66 -39.11
C ARG B 46 3.32 -5.71 -37.98
N ILE B 47 3.83 -4.51 -38.37
CA ILE B 47 4.28 -3.48 -37.45
C ILE B 47 3.12 -2.61 -37.01
N ASN B 48 2.08 -2.54 -37.85
CA ASN B 48 0.89 -1.73 -37.62
C ASN B 48 0.02 -2.19 -36.42
N VAL B 49 0.40 -3.31 -35.76
CA VAL B 49 -0.30 -3.89 -34.60
C VAL B 49 0.14 -3.21 -33.29
N TYR B 50 1.43 -2.86 -33.21
CA TYR B 50 2.03 -2.23 -32.05
C TYR B 50 2.53 -0.82 -32.28
N TYR B 51 3.24 -0.56 -33.38
CA TYR B 51 3.77 0.79 -33.66
C TYR B 51 2.96 1.58 -34.69
N ASN B 52 2.96 2.90 -34.54
CA ASN B 52 2.29 3.84 -35.43
C ASN B 52 3.35 4.58 -36.24
N GLU B 53 2.92 5.49 -37.14
CA GLU B 53 3.85 6.29 -37.96
C GLU B 53 3.78 7.78 -37.60
N ALA B 54 4.78 8.56 -38.05
CA ALA B 54 4.88 10.01 -37.79
C ALA B 54 5.30 10.81 -39.04
N THR B 55 5.92 10.12 -40.03
CA THR B 55 6.47 10.66 -41.30
C THR B 55 7.43 11.88 -41.12
N GLY B 56 8.58 11.69 -40.44
CA GLY B 56 9.02 10.44 -39.84
C GLY B 56 10.21 9.81 -40.55
N ASN B 57 10.15 8.52 -40.97
CA ASN B 57 9.04 7.56 -40.89
C ASN B 57 8.56 7.25 -39.46
N LYS B 58 9.45 7.47 -38.46
CA LYS B 58 9.27 7.33 -37.01
C LYS B 58 8.15 6.43 -36.47
N TYR B 59 8.55 5.31 -35.82
CA TYR B 59 7.62 4.35 -35.23
C TYR B 59 7.47 4.57 -33.71
N VAL B 60 6.26 4.93 -33.28
CA VAL B 60 5.85 5.19 -31.89
C VAL B 60 5.05 3.97 -31.36
N PRO B 61 5.42 3.33 -30.20
CA PRO B 61 4.64 2.18 -29.72
C PRO B 61 3.25 2.60 -29.28
N ARG B 62 2.21 1.79 -29.61
CA ARG B 62 0.82 2.03 -29.21
C ARG B 62 0.71 1.66 -27.71
N ALA B 63 1.55 2.34 -26.89
CA ALA B 63 1.69 2.18 -25.46
C ALA B 63 1.29 3.43 -24.70
N ILE B 64 0.39 3.25 -23.72
CA ILE B 64 -0.15 4.22 -22.75
C ILE B 64 0.50 3.85 -21.39
N LEU B 65 1.21 4.81 -20.77
CA LEU B 65 1.92 4.61 -19.50
C LEU B 65 1.17 5.26 -18.34
N VAL B 66 0.76 4.43 -17.34
CA VAL B 66 0.01 4.86 -16.15
C VAL B 66 0.70 4.49 -14.84
N ASP B 67 0.75 5.46 -13.89
CA ASP B 67 1.30 5.32 -12.52
C ASP B 67 0.74 6.40 -11.56
N LEU B 68 0.53 6.06 -10.26
CA LEU B 68 0.01 7.06 -9.34
C LEU B 68 1.06 7.90 -8.65
N GLU B 69 2.34 7.71 -9.03
CA GLU B 69 3.55 8.40 -8.59
C GLU B 69 4.54 8.45 -9.77
N PRO B 70 5.40 9.47 -9.90
CA PRO B 70 6.29 9.53 -11.09
C PRO B 70 7.47 8.54 -11.15
N GLY B 71 7.96 8.10 -10.00
CA GLY B 71 9.11 7.20 -9.85
C GLY B 71 9.47 6.30 -11.03
N THR B 72 8.53 5.41 -11.37
CA THR B 72 8.67 4.39 -12.43
C THR B 72 8.67 5.01 -13.81
N MET B 73 7.79 5.99 -14.07
CA MET B 73 7.68 6.70 -15.35
C MET B 73 9.02 7.29 -15.78
N ASP B 74 9.74 7.91 -14.82
CA ASP B 74 11.04 8.52 -15.03
C ASP B 74 12.11 7.48 -15.32
N SER B 75 11.99 6.27 -14.73
CA SER B 75 12.91 5.14 -14.95
C SER B 75 12.91 4.82 -16.43
N VAL B 76 11.70 4.72 -17.02
CA VAL B 76 11.39 4.46 -18.42
C VAL B 76 11.98 5.61 -19.25
N ARG B 77 11.59 6.87 -18.92
CA ARG B 77 12.05 8.10 -19.58
C ARG B 77 13.56 8.12 -19.70
N SER B 78 14.25 7.88 -18.57
CA SER B 78 15.70 7.87 -18.47
C SER B 78 16.32 6.59 -19.04
N GLY B 79 15.49 5.55 -19.22
CA GLY B 79 15.90 4.27 -19.78
C GLY B 79 16.27 4.33 -21.25
N PRO B 80 16.87 3.23 -21.80
CA PRO B 80 17.31 3.26 -23.23
C PRO B 80 16.21 3.48 -24.27
N PHE B 81 15.30 2.49 -24.40
CA PHE B 81 14.19 2.54 -25.34
C PHE B 81 13.10 3.55 -24.94
N GLY B 82 13.18 4.06 -23.71
CA GLY B 82 12.24 5.04 -23.14
C GLY B 82 11.95 6.30 -23.95
N GLN B 83 12.85 6.65 -24.88
CA GLN B 83 12.73 7.81 -25.77
C GLN B 83 11.61 7.64 -26.82
N ILE B 84 11.46 6.40 -27.31
CA ILE B 84 10.49 5.99 -28.32
C ILE B 84 9.00 6.31 -28.01
N PHE B 85 8.63 6.47 -26.72
CA PHE B 85 7.26 6.70 -26.26
C PHE B 85 6.76 8.11 -26.46
N ARG B 86 5.45 8.26 -26.76
CA ARG B 86 4.82 9.56 -26.97
C ARG B 86 4.83 10.33 -25.66
N PRO B 87 5.54 11.48 -25.56
CA PRO B 87 5.57 12.23 -24.29
C PRO B 87 4.19 12.50 -23.70
N ASP B 88 3.20 12.78 -24.60
CA ASP B 88 1.79 13.05 -24.35
C ASP B 88 0.99 11.79 -23.90
N ASN B 89 1.67 10.62 -23.78
CA ASN B 89 1.07 9.35 -23.35
C ASN B 89 1.39 8.94 -21.90
N PHE B 90 2.29 9.69 -21.23
CA PHE B 90 2.67 9.43 -19.84
C PHE B 90 1.63 10.08 -18.98
N VAL B 91 0.75 9.26 -18.40
CA VAL B 91 -0.33 9.76 -17.54
C VAL B 91 0.00 9.38 -16.09
N PHE B 92 0.34 10.37 -15.24
CA PHE B 92 0.71 10.10 -13.84
C PHE B 92 0.30 11.14 -12.80
N GLY B 93 0.10 10.64 -11.57
CA GLY B 93 -0.22 11.42 -10.38
C GLY B 93 1.01 11.54 -9.52
N GLN B 94 0.83 12.03 -8.28
CA GLN B 94 1.93 12.27 -7.33
C GLN B 94 1.74 11.56 -5.98
N SER B 95 0.52 11.09 -5.73
CA SER B 95 0.12 10.38 -4.51
C SER B 95 0.05 8.85 -4.79
N GLY B 96 1.21 8.20 -4.73
CA GLY B 96 1.44 6.80 -5.11
C GLY B 96 0.49 5.61 -4.91
N ALA B 97 -0.73 5.80 -4.28
CA ALA B 97 -1.73 4.76 -3.89
C ALA B 97 -1.18 3.80 -2.79
N GLY B 98 0.16 3.76 -2.64
CA GLY B 98 0.94 2.99 -1.70
C GLY B 98 0.46 1.60 -1.37
N ASN B 99 0.78 0.62 -2.26
CA ASN B 99 0.41 -0.81 -2.16
C ASN B 99 -0.98 -1.08 -1.54
N ASN B 100 -2.00 -0.32 -1.97
CA ASN B 100 -3.36 -0.39 -1.49
C ASN B 100 -4.28 -0.43 -2.69
N TRP B 101 -4.96 -1.56 -2.87
CA TRP B 101 -5.88 -1.77 -3.98
C TRP B 101 -6.99 -0.70 -3.95
N ALA B 102 -7.63 -0.50 -2.76
CA ALA B 102 -8.72 0.46 -2.49
C ALA B 102 -8.37 1.92 -2.84
N LYS B 103 -7.06 2.26 -2.78
CA LYS B 103 -6.49 3.58 -3.09
C LYS B 103 -6.43 3.75 -4.59
N GLY B 104 -5.75 2.78 -5.25
CA GLY B 104 -5.59 2.71 -6.71
C GLY B 104 -6.90 2.50 -7.44
N HIS B 105 -7.78 1.67 -6.88
CA HIS B 105 -9.09 1.40 -7.46
C HIS B 105 -10.14 2.45 -7.20
N TYR B 106 -10.10 3.18 -6.04
CA TYR B 106 -11.11 4.21 -5.76
C TYR B 106 -10.54 5.63 -5.68
N THR B 107 -10.34 6.11 -4.44
CA THR B 107 -9.81 7.41 -4.00
C THR B 107 -8.79 8.03 -4.98
N GLU B 108 -7.51 7.57 -4.95
CA GLU B 108 -6.42 8.06 -5.81
C GLU B 108 -6.57 7.79 -7.31
N GLY B 109 -6.80 6.54 -7.69
CA GLY B 109 -6.96 6.16 -9.08
C GLY B 109 -7.98 6.97 -9.87
N ALA B 110 -9.24 7.04 -9.36
CA ALA B 110 -10.38 7.79 -9.94
C ALA B 110 -10.01 9.24 -10.38
N GLU B 111 -9.08 9.83 -9.64
CA GLU B 111 -8.61 11.17 -9.91
C GLU B 111 -7.69 11.23 -11.15
N LEU B 112 -7.29 10.07 -11.69
CA LEU B 112 -6.42 10.00 -12.88
C LEU B 112 -7.00 9.11 -14.02
N VAL B 113 -8.10 8.38 -13.76
CA VAL B 113 -8.71 7.46 -14.73
C VAL B 113 -9.17 8.12 -16.03
N ASP B 114 -10.02 9.16 -15.91
CA ASP B 114 -10.61 9.94 -17.03
C ASP B 114 -9.51 10.52 -17.89
N SER B 115 -8.42 10.98 -17.25
CA SER B 115 -7.20 11.54 -17.83
C SER B 115 -6.50 10.50 -18.74
N VAL B 116 -6.43 9.23 -18.26
CA VAL B 116 -5.84 8.11 -18.98
C VAL B 116 -6.76 7.77 -20.15
N LEU B 117 -8.08 7.56 -19.88
CA LEU B 117 -9.11 7.22 -20.86
C LEU B 117 -9.10 8.09 -22.12
N ASP B 118 -8.86 9.42 -21.95
CA ASP B 118 -8.75 10.40 -23.02
C ASP B 118 -7.64 9.96 -23.99
N VAL B 119 -6.49 9.53 -23.44
CA VAL B 119 -5.34 9.03 -24.20
C VAL B 119 -5.72 7.74 -24.97
N VAL B 120 -6.44 6.80 -24.31
CA VAL B 120 -6.84 5.59 -25.03
C VAL B 120 -7.80 5.95 -26.14
N ARG B 121 -8.77 6.86 -25.85
CA ARG B 121 -9.74 7.37 -26.82
C ARG B 121 -9.02 7.86 -28.07
N LYS B 122 -7.99 8.73 -27.89
CA LYS B 122 -7.13 9.28 -28.95
C LYS B 122 -6.43 8.16 -29.73
N GLU B 123 -5.70 7.27 -29.03
CA GLU B 123 -4.96 6.17 -29.63
C GLU B 123 -5.78 5.11 -30.40
N SER B 124 -7.08 4.96 -30.04
CA SER B 124 -8.00 4.01 -30.66
C SER B 124 -8.63 4.56 -31.95
N GLU B 125 -8.75 5.89 -32.05
CA GLU B 125 -9.31 6.63 -33.21
C GLU B 125 -8.38 6.49 -34.43
N SER B 126 -7.03 6.48 -34.18
CA SER B 126 -5.96 6.32 -35.17
C SER B 126 -5.69 4.84 -35.59
N CYS B 127 -6.70 3.94 -35.35
CA CYS B 127 -6.74 2.50 -35.67
C CYS B 127 -7.86 2.29 -36.68
N ASP B 128 -7.56 1.63 -37.84
CA ASP B 128 -8.51 1.30 -38.93
C ASP B 128 -9.62 0.41 -38.35
N CYS B 129 -9.18 -0.63 -37.62
CA CYS B 129 -9.97 -1.55 -36.84
C CYS B 129 -9.04 -2.01 -35.71
N LEU B 130 -9.53 -1.91 -34.47
CA LEU B 130 -8.84 -2.31 -33.27
C LEU B 130 -9.27 -3.76 -32.88
N GLN B 131 -8.31 -4.57 -32.39
CA GLN B 131 -8.49 -5.94 -31.91
C GLN B 131 -9.06 -5.90 -30.50
N GLY B 132 -8.26 -5.29 -29.64
CA GLY B 132 -8.59 -5.14 -28.23
C GLY B 132 -7.52 -4.42 -27.43
N PHE B 133 -7.40 -4.84 -26.17
CA PHE B 133 -6.52 -4.21 -25.19
C PHE B 133 -5.53 -5.14 -24.54
N GLN B 134 -4.40 -4.56 -24.09
CA GLN B 134 -3.29 -5.26 -23.47
C GLN B 134 -2.88 -4.60 -22.16
N LEU B 135 -3.26 -5.19 -21.01
CA LEU B 135 -2.86 -4.64 -19.71
C LEU B 135 -1.73 -5.40 -19.07
N THR B 136 -0.63 -4.72 -18.75
CA THR B 136 0.48 -5.37 -18.04
C THR B 136 0.48 -4.73 -16.66
N HIS B 137 0.33 -5.57 -15.58
CA HIS B 137 0.23 -5.13 -14.17
C HIS B 137 0.46 -6.25 -13.16
N SER B 138 0.76 -5.85 -11.91
CA SER B 138 0.93 -6.69 -10.72
C SER B 138 -0.43 -6.81 -10.03
N LEU B 139 -0.70 -7.96 -9.40
CA LEU B 139 -1.97 -8.13 -8.67
C LEU B 139 -1.92 -7.82 -7.17
N GLY B 140 -0.70 -7.63 -6.63
CA GLY B 140 -0.48 -7.34 -5.21
C GLY B 140 -0.29 -5.89 -4.77
N GLY B 141 0.03 -4.98 -5.71
CA GLY B 141 0.24 -3.58 -5.38
C GLY B 141 -1.02 -2.75 -5.18
N GLY B 142 -0.98 -1.52 -5.69
CA GLY B 142 -2.08 -0.57 -5.62
C GLY B 142 -2.51 -0.03 -6.97
N THR B 143 -1.53 0.43 -7.79
CA THR B 143 -1.80 1.00 -9.12
C THR B 143 -2.27 -0.09 -10.09
N GLY B 144 -1.41 -1.07 -10.35
CA GLY B 144 -1.69 -2.19 -11.23
C GLY B 144 -2.82 -3.04 -10.70
N SER B 145 -2.73 -3.37 -9.41
CA SER B 145 -3.75 -4.13 -8.72
C SER B 145 -5.16 -3.42 -8.76
N GLY B 146 -5.24 -2.21 -8.23
CA GLY B 146 -6.47 -1.41 -8.12
C GLY B 146 -6.86 -0.59 -9.33
N MET B 147 -5.98 0.36 -9.75
CA MET B 147 -6.24 1.25 -10.90
C MET B 147 -6.33 0.52 -12.25
N GLY B 148 -5.44 -0.46 -12.42
CA GLY B 148 -5.38 -1.34 -13.57
C GLY B 148 -6.68 -2.07 -13.72
N THR B 149 -7.24 -2.59 -12.62
CA THR B 149 -8.56 -3.26 -12.67
C THR B 149 -9.68 -2.24 -12.96
N LEU B 150 -9.54 -0.99 -12.42
CA LEU B 150 -10.47 0.14 -12.64
C LEU B 150 -10.51 0.57 -14.14
N LEU B 151 -9.33 0.61 -14.80
CA LEU B 151 -9.14 0.91 -16.20
C LEU B 151 -9.83 -0.14 -17.06
N ILE B 152 -9.69 -1.43 -16.68
CA ILE B 152 -10.30 -2.55 -17.38
C ILE B 152 -11.83 -2.39 -17.35
N SER B 153 -12.40 -2.04 -16.18
CA SER B 153 -13.83 -1.85 -15.95
C SER B 153 -14.35 -0.69 -16.79
N LYS B 154 -13.65 0.45 -16.72
CA LYS B 154 -14.02 1.63 -17.47
C LYS B 154 -13.99 1.37 -18.97
N ILE B 155 -12.91 0.69 -19.47
CA ILE B 155 -12.72 0.35 -20.88
C ILE B 155 -13.83 -0.55 -21.38
N ARG B 156 -14.17 -1.58 -20.59
CA ARG B 156 -15.25 -2.54 -20.87
C ARG B 156 -16.58 -1.79 -21.14
N GLU B 157 -16.82 -0.67 -20.44
CA GLU B 157 -17.99 0.19 -20.59
C GLU B 157 -17.93 0.98 -21.90
N GLU B 158 -16.73 1.46 -22.31
CA GLU B 158 -16.50 2.24 -23.54
C GLU B 158 -16.33 1.34 -24.81
N TYR B 159 -15.60 0.23 -24.71
CA TYR B 159 -15.33 -0.66 -25.85
C TYR B 159 -15.85 -2.09 -25.59
N PRO B 160 -17.15 -2.31 -25.21
CA PRO B 160 -17.63 -3.67 -24.88
C PRO B 160 -17.24 -4.81 -25.80
N ASP B 161 -17.37 -4.54 -27.11
CA ASP B 161 -17.08 -5.40 -28.24
C ASP B 161 -15.57 -5.71 -28.33
N ARG B 162 -14.70 -4.75 -27.95
CA ARG B 162 -13.25 -4.96 -28.00
C ARG B 162 -12.82 -5.88 -26.88
N ILE B 163 -11.82 -6.71 -27.20
CA ILE B 163 -11.30 -7.76 -26.33
C ILE B 163 -10.31 -7.32 -25.23
N MET B 164 -10.41 -7.95 -24.02
CA MET B 164 -9.56 -7.68 -22.86
C MET B 164 -8.48 -8.73 -22.57
N ASN B 165 -7.25 -8.42 -23.00
CA ASN B 165 -6.10 -9.28 -22.78
C ASN B 165 -5.20 -8.63 -21.71
N THR B 166 -4.76 -9.42 -20.70
CA THR B 166 -3.91 -8.95 -19.59
C THR B 166 -2.71 -9.83 -19.27
N PHE B 167 -1.67 -9.18 -18.79
CA PHE B 167 -0.47 -9.81 -18.27
C PHE B 167 -0.47 -9.49 -16.78
N SER B 168 -1.05 -10.42 -16.01
CA SER B 168 -1.28 -10.29 -14.58
C SER B 168 -0.27 -11.03 -13.72
N VAL B 169 0.70 -10.29 -13.17
CA VAL B 169 1.70 -10.93 -12.31
C VAL B 169 1.18 -11.17 -10.87
N MET B 170 1.26 -12.46 -10.44
CA MET B 170 0.79 -13.02 -9.16
C MET B 170 1.76 -12.81 -7.98
N PRO B 171 1.26 -12.31 -6.82
CA PRO B 171 2.16 -12.03 -5.70
C PRO B 171 2.58 -13.29 -4.95
N SER B 172 3.82 -13.29 -4.45
CA SER B 172 4.31 -14.42 -3.70
C SER B 172 5.04 -13.94 -2.47
N PRO B 173 5.01 -14.70 -1.36
CA PRO B 173 5.75 -14.25 -0.17
C PRO B 173 7.27 -14.38 -0.30
N LYS B 174 7.74 -15.05 -1.39
CA LYS B 174 9.13 -15.26 -1.77
C LYS B 174 9.67 -13.94 -2.25
N VAL B 175 9.01 -13.36 -3.23
CA VAL B 175 9.40 -12.07 -3.77
C VAL B 175 8.45 -11.03 -3.22
N SER B 176 8.94 -10.07 -2.42
CA SER B 176 8.13 -9.01 -1.78
C SER B 176 7.42 -9.44 -0.50
N ASP B 177 7.78 -8.69 0.57
CA ASP B 177 7.38 -8.82 1.96
C ASP B 177 6.11 -8.08 2.42
N THR B 178 5.45 -7.24 1.57
CA THR B 178 4.22 -6.56 2.00
C THR B 178 3.15 -7.57 2.36
N VAL B 179 2.61 -7.42 3.55
CA VAL B 179 1.64 -8.30 4.20
C VAL B 179 0.27 -8.41 3.49
N VAL B 180 -0.20 -7.27 2.97
CA VAL B 180 -1.49 -6.98 2.35
C VAL B 180 -1.68 -7.52 0.94
N GLU B 181 -0.58 -7.89 0.22
CA GLU B 181 -0.65 -8.43 -1.15
C GLU B 181 -1.82 -9.38 -1.38
N PRO B 182 -2.10 -10.41 -0.49
CA PRO B 182 -3.27 -11.30 -0.70
C PRO B 182 -4.64 -10.62 -0.77
N TYR B 183 -4.82 -9.54 0.01
CA TYR B 183 -6.01 -8.70 0.02
C TYR B 183 -6.18 -8.04 -1.35
N ASN B 184 -5.10 -7.49 -1.91
CA ASN B 184 -5.13 -6.81 -3.19
C ASN B 184 -5.49 -7.76 -4.36
N ALA B 185 -4.74 -8.88 -4.47
CA ALA B 185 -4.88 -9.88 -5.52
C ALA B 185 -6.25 -10.47 -5.57
N THR B 186 -6.83 -10.85 -4.41
CA THR B 186 -8.19 -11.44 -4.30
C THR B 186 -9.23 -10.43 -4.83
N LEU B 187 -8.99 -9.12 -4.52
CA LEU B 187 -9.85 -8.03 -4.98
C LEU B 187 -9.69 -7.82 -6.50
N SER B 188 -8.41 -7.95 -6.99
CA SER B 188 -7.98 -7.89 -8.41
C SER B 188 -8.53 -9.05 -9.23
N VAL B 189 -8.41 -10.27 -8.70
CA VAL B 189 -8.85 -11.50 -9.35
C VAL B 189 -10.35 -11.45 -9.61
N HIS B 190 -11.13 -11.10 -8.59
CA HIS B 190 -12.59 -10.91 -8.62
C HIS B 190 -13.03 -10.07 -9.85
N GLN B 191 -12.24 -9.00 -10.17
CA GLN B 191 -12.42 -8.07 -11.28
C GLN B 191 -12.05 -8.72 -12.61
N LEU B 192 -10.96 -9.51 -12.64
CA LEU B 192 -10.46 -10.17 -13.86
C LEU B 192 -11.36 -11.29 -14.35
N VAL B 193 -11.97 -12.02 -13.39
CA VAL B 193 -12.91 -13.14 -13.59
C VAL B 193 -14.10 -12.66 -14.45
N GLU B 194 -14.54 -11.42 -14.16
CA GLU B 194 -15.68 -10.74 -14.78
C GLU B 194 -15.33 -9.82 -15.98
N ASN B 195 -14.10 -9.28 -16.04
CA ASN B 195 -13.82 -8.31 -17.08
C ASN B 195 -12.88 -8.71 -18.15
N THR B 196 -11.84 -9.51 -17.89
CA THR B 196 -11.00 -9.85 -19.03
C THR B 196 -11.51 -11.03 -19.84
N ASP B 197 -10.88 -11.27 -21.00
CA ASP B 197 -11.27 -12.34 -21.93
C ASP B 197 -10.21 -13.41 -21.89
N GLU B 198 -8.95 -12.99 -21.82
CA GLU B 198 -7.76 -13.85 -21.72
C GLU B 198 -6.88 -13.22 -20.66
N THR B 199 -6.40 -14.04 -19.69
CA THR B 199 -5.50 -13.57 -18.65
C THR B 199 -4.29 -14.48 -18.48
N TYR B 200 -3.11 -13.92 -18.79
CA TYR B 200 -1.82 -14.59 -18.66
C TYR B 200 -1.32 -14.44 -17.20
N SER B 201 -1.51 -15.52 -16.41
CA SER B 201 -1.16 -15.63 -15.00
C SER B 201 0.33 -15.91 -14.86
N ILE B 202 1.09 -14.84 -14.69
CA ILE B 202 2.54 -14.81 -14.50
C ILE B 202 2.68 -14.90 -12.96
N ASP B 203 3.33 -15.95 -12.47
CA ASP B 203 3.47 -16.17 -11.05
C ASP B 203 4.88 -15.87 -10.54
N ASN B 204 4.99 -14.88 -9.64
CA ASN B 204 6.26 -14.49 -9.01
C ASN B 204 6.85 -15.62 -8.16
N GLU B 205 5.99 -16.51 -7.59
CA GLU B 205 6.40 -17.69 -6.84
C GLU B 205 7.33 -18.46 -7.78
N ALA B 206 6.76 -18.86 -8.97
CA ALA B 206 7.42 -19.59 -10.07
C ALA B 206 8.59 -18.82 -10.72
N LEU B 207 8.43 -17.50 -11.03
CA LEU B 207 9.53 -16.71 -11.64
C LEU B 207 10.80 -16.74 -10.81
N TYR B 208 10.64 -16.72 -9.46
CA TYR B 208 11.69 -16.80 -8.46
C TYR B 208 12.30 -18.21 -8.41
N ASP B 209 11.44 -19.25 -8.32
CA ASP B 209 11.91 -20.64 -8.23
C ASP B 209 12.72 -21.05 -9.44
N ILE B 210 12.28 -20.60 -10.65
CA ILE B 210 12.95 -20.82 -11.93
C ILE B 210 14.36 -20.19 -11.86
N CYS B 211 14.42 -18.89 -11.51
CA CYS B 211 15.64 -18.10 -11.31
C CYS B 211 16.57 -18.78 -10.31
N PHE B 212 16.01 -19.22 -9.19
CA PHE B 212 16.78 -19.82 -8.12
C PHE B 212 17.26 -21.26 -8.42
N ARG B 213 16.37 -22.25 -8.18
CA ARG B 213 16.60 -23.68 -8.34
C ARG B 213 17.19 -24.10 -9.70
N THR B 214 16.76 -23.42 -10.79
CA THR B 214 17.09 -23.79 -12.17
C THR B 214 18.11 -22.90 -12.92
N LEU B 215 17.92 -21.58 -12.91
CA LEU B 215 18.85 -20.67 -13.59
C LEU B 215 20.16 -20.52 -12.81
N LYS B 216 20.18 -21.09 -11.58
CA LYS B 216 21.28 -21.11 -10.61
C LYS B 216 21.68 -19.70 -10.17
N LEU B 217 20.68 -18.79 -10.12
CA LEU B 217 20.89 -17.40 -9.69
C LEU B 217 20.62 -17.39 -8.22
N THR B 218 21.71 -17.26 -7.42
CA THR B 218 21.72 -17.30 -5.94
C THR B 218 20.99 -16.10 -5.34
N THR B 219 21.16 -14.93 -5.97
CA THR B 219 20.49 -13.70 -5.57
C THR B 219 19.74 -13.20 -6.80
N PRO B 220 18.50 -13.71 -7.02
CA PRO B 220 17.71 -13.28 -8.18
C PRO B 220 17.25 -11.84 -8.04
N THR B 221 17.35 -11.06 -9.13
CA THR B 221 16.91 -9.66 -9.14
C THR B 221 15.68 -9.53 -10.03
N TYR B 222 15.00 -8.35 -10.01
CA TYR B 222 13.79 -8.13 -10.81
C TYR B 222 14.11 -8.18 -12.26
N GLY B 223 15.33 -7.77 -12.62
CA GLY B 223 15.87 -7.83 -13.97
C GLY B 223 15.81 -9.23 -14.54
N ASP B 224 16.29 -10.23 -13.75
CA ASP B 224 16.31 -11.66 -14.10
C ASP B 224 14.89 -12.25 -14.20
N LEU B 225 14.03 -11.87 -13.21
CA LEU B 225 12.63 -12.28 -13.10
C LEU B 225 11.87 -11.78 -14.32
N ASN B 226 12.01 -10.46 -14.66
CA ASN B 226 11.40 -9.77 -15.79
C ASN B 226 11.94 -10.24 -17.11
N HIS B 227 13.19 -10.73 -17.14
CA HIS B 227 13.83 -11.22 -18.36
C HIS B 227 13.06 -12.41 -18.94
N LEU B 228 12.67 -13.38 -18.08
CA LEU B 228 11.84 -14.54 -18.45
C LEU B 228 10.48 -14.06 -18.98
N VAL B 229 9.88 -13.05 -18.31
CA VAL B 229 8.57 -12.47 -18.66
C VAL B 229 8.62 -11.84 -20.07
N SER B 230 9.66 -10.99 -20.34
CA SER B 230 9.83 -10.35 -21.66
C SER B 230 9.93 -11.45 -22.74
N ALA B 231 10.79 -12.45 -22.51
CA ALA B 231 10.95 -13.60 -23.40
C ALA B 231 9.59 -14.16 -23.75
N THR B 232 8.77 -14.59 -22.74
CA THR B 232 7.42 -15.20 -22.88
C THR B 232 6.40 -14.30 -23.56
N MET B 233 6.46 -12.97 -23.30
CA MET B 233 5.55 -12.02 -23.90
C MET B 233 5.75 -11.95 -25.42
N SER B 234 7.01 -11.99 -25.89
CA SER B 234 7.36 -11.99 -27.32
C SER B 234 6.91 -13.32 -27.96
N GLY B 235 7.05 -14.40 -27.18
CA GLY B 235 6.67 -15.75 -27.56
C GLY B 235 5.17 -15.95 -27.66
N VAL B 236 4.38 -15.28 -26.79
CA VAL B 236 2.91 -15.40 -26.83
C VAL B 236 2.28 -14.44 -27.84
N THR B 237 3.08 -13.48 -28.35
CA THR B 237 2.67 -12.50 -29.36
C THR B 237 3.39 -12.74 -30.69
N THR B 238 3.96 -13.96 -30.89
CA THR B 238 4.68 -14.33 -32.10
C THR B 238 3.71 -14.37 -33.28
N CYS B 239 2.51 -14.99 -33.07
CA CYS B 239 1.46 -15.14 -34.09
C CYS B 239 0.76 -13.83 -34.45
N LEU B 240 0.84 -12.80 -33.59
CA LEU B 240 0.22 -11.50 -33.80
C LEU B 240 1.10 -10.58 -34.66
N ARG B 241 2.32 -10.30 -34.17
CA ARG B 241 3.27 -9.38 -34.80
C ARG B 241 4.14 -10.00 -35.94
N PHE B 242 3.89 -11.29 -36.29
CA PHE B 242 4.65 -11.95 -37.34
C PHE B 242 3.89 -12.73 -38.43
N PRO B 243 4.16 -12.38 -39.71
CA PRO B 243 3.50 -13.09 -40.82
C PRO B 243 4.07 -14.48 -41.17
N GLY B 244 3.29 -15.50 -40.82
CA GLY B 244 3.55 -16.91 -41.10
C GLY B 244 2.30 -17.54 -41.67
N GLN B 245 2.07 -18.86 -41.42
CA GLN B 245 0.84 -19.56 -41.87
C GLN B 245 -0.31 -19.04 -40.99
N LEU B 246 0.07 -18.56 -39.78
CA LEU B 246 -0.80 -17.95 -38.78
C LEU B 246 -0.26 -16.54 -38.46
N ASN B 247 -0.92 -15.43 -38.89
CA ASN B 247 -2.19 -15.23 -39.61
C ASN B 247 -3.51 -15.39 -38.82
N ALA B 248 -3.49 -14.87 -37.55
CA ALA B 248 -4.60 -14.87 -36.58
C ALA B 248 -4.57 -13.66 -35.63
N ASP B 249 -5.47 -13.65 -34.62
CA ASP B 249 -5.59 -12.54 -33.68
C ASP B 249 -6.08 -12.91 -32.26
N LEU B 250 -6.29 -11.85 -31.45
CA LEU B 250 -6.80 -11.80 -30.09
C LEU B 250 -8.13 -12.52 -29.88
N ARG B 251 -9.21 -12.13 -30.66
CA ARG B 251 -10.55 -12.72 -30.57
C ARG B 251 -10.55 -14.19 -30.94
N LYS B 252 -9.87 -14.53 -32.05
CA LYS B 252 -9.71 -15.92 -32.54
C LYS B 252 -9.02 -16.79 -31.46
N LEU B 253 -7.99 -16.21 -30.79
CA LEU B 253 -7.22 -16.86 -29.71
C LEU B 253 -8.12 -17.21 -28.55
N ALA B 254 -8.93 -16.24 -28.10
CA ALA B 254 -9.88 -16.35 -27.00
C ALA B 254 -10.96 -17.37 -27.30
N VAL B 255 -11.60 -17.27 -28.47
CA VAL B 255 -12.67 -18.19 -28.89
C VAL B 255 -12.18 -19.64 -28.88
N ASN B 256 -10.92 -19.86 -29.25
CA ASN B 256 -10.31 -21.18 -29.31
C ASN B 256 -9.63 -21.66 -28.00
N MET B 257 -9.10 -20.71 -27.22
CA MET B 257 -8.45 -21.08 -25.98
C MET B 257 -9.43 -21.19 -24.86
N VAL B 258 -10.45 -20.31 -24.84
CA VAL B 258 -11.42 -20.21 -23.74
C VAL B 258 -12.70 -21.04 -23.98
N PRO B 259 -12.79 -22.25 -23.33
CA PRO B 259 -13.98 -23.12 -23.54
C PRO B 259 -15.21 -22.62 -22.80
N PHE B 260 -14.98 -22.07 -21.60
CA PHE B 260 -15.98 -21.54 -20.70
C PHE B 260 -15.55 -20.12 -20.37
N PRO B 261 -16.48 -19.16 -20.08
CA PRO B 261 -16.05 -17.75 -19.94
C PRO B 261 -14.96 -17.45 -18.92
N ARG B 262 -15.26 -17.76 -17.64
CA ARG B 262 -14.46 -17.54 -16.42
C ARG B 262 -13.13 -18.25 -16.43
N LEU B 263 -13.09 -19.42 -17.07
CA LEU B 263 -11.90 -20.24 -17.21
C LEU B 263 -11.04 -19.64 -18.32
N HIS B 264 -10.45 -18.45 -18.08
CA HIS B 264 -9.68 -17.71 -19.06
C HIS B 264 -8.30 -17.27 -18.56
N PHE B 265 -7.80 -17.99 -17.55
CA PHE B 265 -6.53 -17.74 -16.88
C PHE B 265 -5.54 -18.79 -17.34
N PHE B 266 -4.48 -18.31 -17.99
CA PHE B 266 -3.54 -19.22 -18.64
C PHE B 266 -2.25 -19.37 -17.93
N MET B 267 -1.65 -20.54 -18.14
CA MET B 267 -0.37 -20.98 -17.59
C MET B 267 0.72 -20.76 -18.66
N PRO B 268 1.44 -19.62 -18.64
CA PRO B 268 2.49 -19.39 -19.66
C PRO B 268 3.66 -20.33 -19.44
N GLY B 269 4.39 -20.59 -20.50
CA GLY B 269 5.54 -21.49 -20.48
C GLY B 269 6.64 -21.05 -21.42
N PHE B 270 7.80 -21.71 -21.31
CA PHE B 270 8.95 -21.37 -22.13
C PHE B 270 10.03 -22.44 -22.14
N ALA B 271 10.71 -22.55 -23.28
CA ALA B 271 11.85 -23.44 -23.51
C ALA B 271 12.70 -22.77 -24.60
N PRO B 272 14.04 -22.59 -24.40
CA PRO B 272 14.84 -22.97 -23.23
C PRO B 272 14.88 -21.86 -22.18
N LEU B 273 15.12 -22.26 -20.93
CA LEU B 273 15.20 -21.28 -19.85
C LEU B 273 16.57 -20.60 -19.86
N THR B 274 16.65 -19.47 -20.59
CA THR B 274 17.88 -18.68 -20.77
C THR B 274 18.18 -17.83 -19.56
N SER B 275 19.49 -17.69 -19.26
CA SER B 275 19.98 -16.83 -18.18
C SER B 275 20.42 -15.49 -18.81
N ARG B 276 20.27 -14.37 -18.07
CA ARG B 276 20.61 -13.01 -18.52
C ARG B 276 22.05 -12.92 -19.05
N GLY B 277 22.19 -12.61 -20.34
CA GLY B 277 23.46 -12.47 -21.03
C GLY B 277 24.25 -13.73 -21.21
N SER B 278 24.71 -14.34 -20.08
CA SER B 278 25.51 -15.56 -20.00
C SER B 278 24.69 -16.85 -20.21
N GLN B 279 25.08 -17.74 -21.16
CA GLN B 279 26.24 -17.58 -22.04
C GLN B 279 25.93 -17.92 -23.52
N GLN B 280 24.80 -18.64 -23.78
CA GLN B 280 24.29 -19.17 -25.06
C GLN B 280 24.94 -20.53 -25.38
N TYR B 281 25.51 -20.74 -26.59
CA TYR B 281 26.23 -21.95 -27.07
C TYR B 281 25.46 -23.30 -27.03
N ARG B 282 25.55 -24.08 -28.15
CA ARG B 282 24.91 -25.39 -28.39
C ARG B 282 23.40 -25.37 -28.59
N ALA B 283 22.95 -25.91 -29.74
CA ALA B 283 21.55 -26.01 -30.16
C ALA B 283 20.79 -27.12 -29.40
N LEU B 284 19.45 -27.06 -29.41
CA LEU B 284 18.59 -28.04 -28.76
C LEU B 284 17.85 -28.85 -29.79
N THR B 285 17.62 -30.14 -29.50
CA THR B 285 16.83 -30.98 -30.39
C THR B 285 15.34 -30.72 -30.13
N VAL B 286 14.49 -30.99 -31.12
CA VAL B 286 13.04 -30.82 -31.02
C VAL B 286 12.45 -31.57 -29.79
N PRO B 287 12.77 -32.87 -29.53
CA PRO B 287 12.19 -33.55 -28.34
C PRO B 287 12.66 -32.98 -27.01
N GLU B 288 13.89 -32.41 -26.98
CA GLU B 288 14.51 -31.74 -25.83
C GLU B 288 13.69 -30.49 -25.54
N LEU B 289 13.27 -29.77 -26.61
CA LEU B 289 12.47 -28.57 -26.55
C LEU B 289 11.06 -28.84 -26.06
N THR B 290 10.41 -29.84 -26.63
CA THR B 290 9.02 -30.19 -26.32
C THR B 290 8.74 -30.55 -24.86
N GLN B 291 9.46 -31.56 -24.31
CA GLN B 291 9.29 -32.03 -22.93
C GLN B 291 9.61 -30.96 -21.88
N GLN B 292 10.62 -30.10 -22.17
CA GLN B 292 11.06 -28.98 -21.33
C GLN B 292 9.86 -28.08 -21.12
N MET B 293 9.35 -27.53 -22.21
CA MET B 293 8.18 -26.67 -22.31
C MET B 293 6.90 -27.27 -21.68
N PHE B 294 6.68 -28.59 -21.84
CA PHE B 294 5.52 -29.31 -21.27
C PHE B 294 5.71 -29.74 -19.79
N ASP B 295 6.93 -29.52 -19.25
CA ASP B 295 7.33 -29.83 -17.88
C ASP B 295 7.16 -28.60 -16.96
N SER B 296 6.69 -28.87 -15.72
CA SER B 296 6.42 -27.92 -14.63
C SER B 296 7.62 -27.00 -14.30
N LYS B 297 8.85 -27.51 -14.49
CA LYS B 297 10.10 -26.78 -14.23
C LYS B 297 10.33 -25.64 -15.24
N ASN B 298 9.30 -25.36 -16.10
CA ASN B 298 9.29 -24.33 -17.15
C ASN B 298 8.04 -23.41 -17.15
N MET B 299 6.93 -23.84 -16.46
CA MET B 299 5.68 -23.06 -16.33
C MET B 299 5.89 -21.80 -15.48
N MET B 300 5.54 -20.63 -16.06
CA MET B 300 5.63 -19.31 -15.44
C MET B 300 4.54 -19.12 -14.38
N ALA B 301 3.76 -20.19 -14.10
CA ALA B 301 2.73 -20.25 -13.09
C ALA B 301 3.03 -21.43 -12.13
N ALA B 302 2.88 -21.18 -10.80
CA ALA B 302 3.13 -22.14 -9.71
C ALA B 302 1.87 -23.00 -9.42
N CYS B 303 1.78 -24.04 -10.24
CA CYS B 303 0.80 -25.12 -10.34
C CYS B 303 1.61 -26.29 -10.91
N ASP B 304 1.21 -27.52 -10.55
CA ASP B 304 1.79 -28.70 -11.16
C ASP B 304 0.70 -29.10 -12.17
N PRO B 305 1.05 -29.07 -13.49
CA PRO B 305 0.05 -29.39 -14.52
C PRO B 305 -0.44 -30.84 -14.42
N ARG B 306 0.37 -31.73 -13.76
CA ARG B 306 0.04 -33.15 -13.53
C ARG B 306 -0.98 -33.26 -12.39
N HIS B 307 -1.50 -32.09 -11.89
CA HIS B 307 -2.54 -32.03 -10.86
C HIS B 307 -3.93 -31.84 -11.41
N GLY B 308 -4.03 -31.14 -12.52
CA GLY B 308 -5.30 -30.91 -13.22
C GLY B 308 -5.41 -31.63 -14.54
N ARG B 309 -6.06 -30.97 -15.51
CA ARG B 309 -6.30 -31.44 -16.89
C ARG B 309 -6.34 -30.20 -17.78
N TYR B 310 -5.63 -30.23 -18.93
CA TYR B 310 -5.60 -29.14 -19.90
C TYR B 310 -6.87 -29.14 -20.71
N LEU B 311 -7.61 -28.02 -20.67
CA LEU B 311 -8.86 -27.86 -21.42
C LEU B 311 -8.49 -27.62 -22.89
N THR B 312 -7.44 -26.77 -23.09
CA THR B 312 -6.88 -26.31 -24.37
C THR B 312 -5.42 -25.92 -24.22
N VAL B 313 -4.57 -26.30 -25.16
CA VAL B 313 -3.14 -25.97 -25.11
C VAL B 313 -2.73 -25.22 -26.38
N ALA B 314 -1.82 -24.25 -26.27
CA ALA B 314 -1.24 -23.50 -27.40
C ALA B 314 0.28 -23.52 -27.25
N ALA B 315 1.00 -23.66 -28.39
CA ALA B 315 2.47 -23.72 -28.42
C ALA B 315 3.13 -23.19 -29.70
N VAL B 316 3.86 -22.06 -29.59
CA VAL B 316 4.57 -21.44 -30.71
C VAL B 316 6.04 -21.81 -30.70
N PHE B 317 6.49 -22.49 -31.75
CA PHE B 317 7.89 -22.86 -31.89
C PHE B 317 8.55 -21.81 -32.79
N ARG B 318 9.83 -21.47 -32.53
CA ARG B 318 10.53 -20.46 -33.34
C ARG B 318 11.77 -20.99 -34.11
N GLY B 319 12.20 -20.24 -35.13
CA GLY B 319 13.35 -20.55 -35.98
C GLY B 319 13.17 -21.62 -37.06
N ARG B 320 14.32 -22.08 -37.61
CA ARG B 320 14.42 -23.13 -38.63
C ARG B 320 14.47 -24.52 -37.96
N MET B 321 13.35 -25.26 -38.02
CA MET B 321 13.22 -26.61 -37.46
C MET B 321 12.38 -27.53 -38.38
N SER B 322 12.46 -28.85 -38.16
CA SER B 322 11.66 -29.75 -38.97
C SER B 322 10.25 -29.78 -38.38
N MET B 323 9.27 -29.26 -39.16
CA MET B 323 7.86 -29.19 -38.78
C MET B 323 7.35 -30.61 -38.52
N LYS B 324 7.95 -31.59 -39.21
CA LYS B 324 7.72 -33.01 -39.10
C LYS B 324 8.07 -33.38 -37.65
N GLU B 325 9.35 -33.14 -37.24
CA GLU B 325 9.94 -33.37 -35.93
C GLU B 325 9.04 -32.82 -34.83
N VAL B 326 8.56 -31.57 -35.01
CA VAL B 326 7.68 -30.83 -34.10
C VAL B 326 6.35 -31.58 -33.91
N ASP B 327 5.63 -31.81 -35.02
CA ASP B 327 4.36 -32.53 -35.08
C ASP B 327 4.51 -33.91 -34.44
N GLU B 328 5.59 -34.64 -34.81
CA GLU B 328 5.97 -35.97 -34.34
C GLU B 328 6.03 -36.07 -32.82
N GLN B 329 6.66 -35.08 -32.18
CA GLN B 329 6.83 -35.08 -30.73
C GLN B 329 5.58 -34.71 -29.97
N MET B 330 4.82 -33.73 -30.50
CA MET B 330 3.57 -33.27 -29.89
C MET B 330 2.57 -34.41 -29.76
N LEU B 331 2.34 -35.15 -30.86
CA LEU B 331 1.41 -36.29 -30.90
C LEU B 331 1.82 -37.42 -29.94
N ASN B 332 3.14 -37.58 -29.75
CA ASN B 332 3.79 -38.55 -28.87
C ASN B 332 3.50 -38.20 -27.40
N VAL B 333 3.59 -36.88 -27.08
CA VAL B 333 3.34 -36.27 -25.76
C VAL B 333 1.88 -36.47 -25.32
N GLN B 334 0.92 -36.15 -26.23
CA GLN B 334 -0.53 -36.29 -26.04
C GLN B 334 -0.91 -37.75 -25.87
N ASN B 335 -0.15 -38.68 -26.51
CA ASN B 335 -0.33 -40.13 -26.40
C ASN B 335 0.12 -40.63 -25.01
N LYS B 336 1.34 -40.23 -24.58
CA LYS B 336 1.95 -40.57 -23.29
C LYS B 336 1.17 -40.03 -22.08
N ASN B 337 0.88 -38.71 -22.04
CA ASN B 337 0.21 -38.03 -20.93
C ASN B 337 -1.27 -37.71 -21.18
N SER B 338 -2.01 -38.66 -21.80
CA SER B 338 -3.43 -38.56 -22.17
C SER B 338 -4.46 -38.40 -21.02
N SER B 339 -4.04 -38.63 -19.76
CA SER B 339 -4.89 -38.47 -18.57
C SER B 339 -5.13 -36.96 -18.28
N TYR B 340 -4.10 -36.14 -18.56
CA TYR B 340 -4.02 -34.72 -18.28
C TYR B 340 -4.51 -33.78 -19.38
N PHE B 341 -5.15 -34.33 -20.42
CA PHE B 341 -5.79 -33.58 -21.54
C PHE B 341 -7.25 -34.00 -21.59
N VAL B 342 -8.15 -33.01 -21.79
CA VAL B 342 -9.59 -33.29 -21.88
C VAL B 342 -9.98 -33.96 -23.21
N GLU B 343 -10.64 -35.12 -23.11
CA GLU B 343 -11.06 -35.92 -24.28
C GLU B 343 -12.21 -35.29 -25.03
N TRP B 344 -13.17 -34.73 -24.27
CA TRP B 344 -14.39 -34.05 -24.70
C TRP B 344 -14.20 -32.72 -25.47
N ILE B 345 -12.95 -32.29 -25.70
CA ILE B 345 -12.60 -31.14 -26.56
C ILE B 345 -11.56 -31.72 -27.51
N PRO B 346 -11.99 -32.20 -28.69
CA PRO B 346 -11.04 -32.88 -29.60
C PRO B 346 -10.04 -31.94 -30.21
N ASN B 347 -8.87 -32.50 -30.59
CA ASN B 347 -7.73 -31.82 -31.21
C ASN B 347 -7.38 -30.52 -30.48
N ASN B 348 -7.48 -30.58 -29.13
CA ASN B 348 -7.28 -29.47 -28.17
C ASN B 348 -5.85 -28.96 -27.94
N VAL B 349 -4.84 -29.59 -28.56
CA VAL B 349 -3.47 -29.10 -28.48
C VAL B 349 -3.10 -28.51 -29.84
N LYS B 350 -2.77 -27.19 -29.85
CA LYS B 350 -2.46 -26.43 -31.07
C LYS B 350 -1.02 -25.90 -31.16
N THR B 351 -0.34 -26.30 -32.25
CA THR B 351 1.03 -25.91 -32.58
C THR B 351 1.06 -24.70 -33.54
N ALA B 352 2.22 -24.04 -33.60
CA ALA B 352 2.53 -22.89 -34.45
C ALA B 352 4.05 -22.87 -34.61
N VAL B 353 4.53 -22.47 -35.82
CA VAL B 353 5.97 -22.38 -36.13
C VAL B 353 6.22 -21.02 -36.82
N CYS B 354 7.42 -20.45 -36.64
CA CYS B 354 7.83 -19.18 -37.24
C CYS B 354 9.34 -19.22 -37.52
N ASP B 355 9.72 -19.19 -38.81
CA ASP B 355 11.11 -19.30 -39.29
C ASP B 355 12.15 -18.29 -38.78
N ILE B 356 11.70 -17.13 -38.26
CA ILE B 356 12.58 -16.10 -37.69
C ILE B 356 12.90 -16.49 -36.22
N PRO B 357 14.16 -16.86 -35.86
CA PRO B 357 14.45 -17.22 -34.45
C PRO B 357 14.48 -15.99 -33.55
N PRO B 358 14.22 -16.12 -32.23
CA PRO B 358 14.26 -14.92 -31.36
C PRO B 358 15.69 -14.39 -31.16
N ARG B 359 15.82 -13.23 -30.47
CA ARG B 359 17.11 -12.57 -30.19
C ARG B 359 18.09 -13.47 -29.43
N GLY B 360 19.28 -13.65 -30.00
CA GLY B 360 20.36 -14.45 -29.43
C GLY B 360 20.25 -15.94 -29.65
N LEU B 361 19.26 -16.56 -28.98
CA LEU B 361 19.00 -18.00 -29.09
C LEU B 361 18.29 -18.36 -30.39
N LYS B 362 18.88 -19.29 -31.16
CA LYS B 362 18.37 -19.69 -32.47
C LYS B 362 17.38 -20.86 -32.48
N MET B 363 16.41 -20.87 -31.53
CA MET B 363 15.34 -21.89 -31.35
C MET B 363 14.54 -21.68 -30.03
N SER B 364 13.22 -21.40 -30.11
CA SER B 364 12.36 -21.21 -28.94
C SER B 364 11.05 -21.99 -28.98
N ALA B 365 10.36 -22.10 -27.83
CA ALA B 365 9.06 -22.75 -27.62
C ALA B 365 8.32 -21.99 -26.51
N THR B 366 7.08 -21.61 -26.76
CA THR B 366 6.31 -20.82 -25.79
C THR B 366 4.93 -21.46 -25.54
N PHE B 367 4.76 -22.03 -24.36
CA PHE B 367 3.54 -22.71 -23.95
C PHE B 367 2.46 -21.72 -23.48
N ILE B 368 1.16 -22.13 -23.55
CA ILE B 368 -0.03 -21.40 -23.07
C ILE B 368 -1.05 -22.46 -22.76
N GLY B 369 -1.20 -22.82 -21.50
CA GLY B 369 -2.18 -23.83 -21.16
C GLY B 369 -3.33 -23.28 -20.38
N ASN B 370 -4.55 -23.68 -20.74
CA ASN B 370 -5.74 -23.36 -19.94
C ASN B 370 -6.06 -24.66 -19.22
N SER B 371 -5.30 -24.89 -18.11
CA SER B 371 -5.31 -26.05 -17.19
C SER B 371 -6.20 -25.81 -15.97
N THR B 372 -6.88 -26.88 -15.50
CA THR B 372 -7.71 -26.80 -14.30
C THR B 372 -6.81 -26.65 -13.07
N ALA B 373 -5.50 -27.06 -13.23
CA ALA B 373 -4.41 -26.96 -12.25
C ALA B 373 -4.28 -25.53 -11.72
N ILE B 374 -4.53 -24.50 -12.57
CA ILE B 374 -4.50 -23.08 -12.19
C ILE B 374 -5.21 -22.79 -10.86
N GLN B 375 -6.25 -23.59 -10.51
CA GLN B 375 -6.97 -23.42 -9.24
C GLN B 375 -6.02 -23.49 -8.01
N GLU B 376 -4.82 -24.16 -8.15
CA GLU B 376 -3.76 -24.27 -7.12
C GLU B 376 -3.11 -22.89 -6.85
N LEU B 377 -2.96 -22.05 -7.88
CA LEU B 377 -2.45 -20.70 -7.75
C LEU B 377 -3.50 -19.87 -6.94
N PHE B 378 -4.81 -20.12 -7.18
CA PHE B 378 -5.91 -19.45 -6.47
C PHE B 378 -6.09 -19.95 -5.05
N LYS B 379 -6.04 -21.28 -4.81
CA LYS B 379 -6.14 -21.82 -3.44
C LYS B 379 -5.07 -21.13 -2.58
N ARG B 380 -3.83 -21.01 -3.11
CA ARG B 380 -2.69 -20.38 -2.44
C ARG B 380 -3.04 -18.97 -1.95
N ILE B 381 -3.42 -18.08 -2.91
CA ILE B 381 -3.85 -16.68 -2.74
C ILE B 381 -4.97 -16.64 -1.69
N SER B 382 -6.02 -17.50 -1.84
CA SER B 382 -7.18 -17.55 -0.93
C SER B 382 -6.77 -17.85 0.50
N GLU B 383 -5.85 -18.80 0.69
CA GLU B 383 -5.36 -19.20 2.01
C GLU B 383 -4.66 -18.00 2.72
N GLN B 384 -3.68 -17.38 2.03
CA GLN B 384 -2.95 -16.21 2.54
C GLN B 384 -3.93 -15.09 2.92
N PHE B 385 -4.97 -14.89 2.09
CA PHE B 385 -6.03 -13.94 2.34
C PHE B 385 -6.73 -14.30 3.68
N THR B 386 -7.29 -15.52 3.75
CA THR B 386 -8.05 -16.06 4.90
C THR B 386 -7.34 -15.94 6.28
N ALA B 387 -6.01 -16.20 6.31
CA ALA B 387 -5.17 -16.13 7.52
C ALA B 387 -5.38 -14.81 8.24
N MET B 388 -5.16 -13.72 7.49
CA MET B 388 -5.29 -12.36 7.96
C MET B 388 -6.75 -12.03 8.13
N PHE B 389 -7.60 -12.45 7.15
CA PHE B 389 -9.01 -12.10 7.15
C PHE B 389 -9.88 -12.63 8.29
N ARG B 390 -9.64 -13.90 8.74
CA ARG B 390 -10.40 -14.50 9.86
C ARG B 390 -10.28 -13.66 11.14
N ARG B 391 -9.13 -12.98 11.30
CA ARG B 391 -8.82 -12.08 12.41
C ARG B 391 -9.06 -10.56 12.06
N LYS B 392 -9.50 -10.28 10.81
CA LYS B 392 -9.80 -8.94 10.27
C LYS B 392 -8.54 -8.02 10.25
N ALA B 393 -7.34 -8.64 10.19
CA ALA B 393 -6.05 -7.94 10.19
C ALA B 393 -5.87 -7.04 8.96
N PHE B 394 -5.24 -5.85 9.14
CA PHE B 394 -4.89 -4.87 8.08
C PHE B 394 -6.04 -4.25 7.23
N LEU B 395 -7.28 -4.55 7.61
CA LEU B 395 -8.52 -4.09 7.01
C LEU B 395 -8.71 -2.60 7.21
N HIS B 396 -8.19 -2.07 8.34
CA HIS B 396 -8.32 -0.66 8.61
C HIS B 396 -7.85 0.18 7.42
N TRP B 397 -6.74 -0.25 6.75
CA TRP B 397 -6.13 0.43 5.59
C TRP B 397 -7.08 0.50 4.40
N TYR B 398 -8.06 -0.40 4.39
CA TYR B 398 -9.02 -0.50 3.32
C TYR B 398 -10.30 0.19 3.69
N THR B 399 -10.79 -0.01 4.93
CA THR B 399 -12.00 0.65 5.41
C THR B 399 -11.81 2.20 5.46
N GLY B 400 -10.55 2.62 5.56
CA GLY B 400 -10.15 4.02 5.58
C GLY B 400 -10.34 4.69 4.25
N GLU B 401 -10.30 3.89 3.14
CA GLU B 401 -10.48 4.31 1.74
C GLU B 401 -11.96 4.27 1.24
N GLY B 402 -12.89 3.97 2.15
CA GLY B 402 -14.31 3.97 1.87
C GLY B 402 -14.96 2.61 1.80
N MET B 403 -14.13 1.54 1.69
CA MET B 403 -14.57 0.16 1.56
C MET B 403 -15.36 -0.40 2.73
N ASP B 404 -15.97 -1.57 2.49
CA ASP B 404 -16.79 -2.36 3.41
C ASP B 404 -16.21 -3.76 3.50
N GLU B 405 -16.48 -4.45 4.62
CA GLU B 405 -16.03 -5.83 4.87
C GLU B 405 -16.65 -6.79 3.86
N MET B 406 -17.89 -6.45 3.38
CA MET B 406 -18.68 -7.20 2.41
C MET B 406 -17.94 -7.40 1.10
N GLU B 407 -17.39 -6.31 0.55
CA GLU B 407 -16.58 -6.29 -0.67
C GLU B 407 -15.41 -7.31 -0.64
N PHE B 408 -14.88 -7.61 0.57
CA PHE B 408 -13.80 -8.58 0.81
C PHE B 408 -14.37 -10.00 0.88
N THR B 409 -15.49 -10.14 1.61
CA THR B 409 -16.27 -11.36 1.83
C THR B 409 -16.73 -11.91 0.46
N GLU B 410 -17.13 -11.00 -0.45
CA GLU B 410 -17.56 -11.35 -1.80
C GLU B 410 -16.39 -11.80 -2.68
N ALA B 411 -15.33 -10.96 -2.79
CA ALA B 411 -14.15 -11.22 -3.63
C ALA B 411 -13.56 -12.59 -3.40
N GLU B 412 -13.47 -13.01 -2.11
CA GLU B 412 -12.98 -14.32 -1.69
C GLU B 412 -13.97 -15.38 -2.17
N SER B 413 -15.27 -15.21 -1.81
CA SER B 413 -16.39 -16.08 -2.17
C SER B 413 -16.34 -16.36 -3.67
N ASN B 414 -16.38 -15.28 -4.50
CA ASN B 414 -16.32 -15.32 -5.97
C ASN B 414 -15.08 -16.11 -6.48
N MET B 415 -13.91 -15.92 -5.82
CA MET B 415 -12.68 -16.62 -6.19
C MET B 415 -12.66 -18.07 -5.74
N ASN B 416 -13.35 -18.38 -4.62
CA ASN B 416 -13.48 -19.75 -4.13
C ASN B 416 -14.40 -20.51 -5.09
N ASP B 417 -15.48 -19.83 -5.57
CA ASP B 417 -16.45 -20.29 -6.56
C ASP B 417 -15.73 -20.58 -7.88
N LEU B 418 -14.64 -19.83 -8.18
CA LEU B 418 -13.83 -20.03 -9.39
C LEU B 418 -13.01 -21.30 -9.29
N VAL B 419 -12.57 -21.62 -8.09
CA VAL B 419 -11.80 -22.83 -7.84
C VAL B 419 -12.76 -24.06 -7.97
N SER B 420 -14.00 -23.94 -7.41
CA SER B 420 -15.05 -24.96 -7.50
C SER B 420 -15.53 -25.14 -8.96
N GLU B 421 -15.36 -24.09 -9.77
CA GLU B 421 -15.67 -24.10 -11.19
C GLU B 421 -14.58 -24.89 -11.95
N TYR B 422 -13.26 -24.56 -11.73
CA TYR B 422 -12.11 -25.27 -12.35
C TYR B 422 -12.16 -26.73 -11.94
N GLN B 423 -12.70 -26.99 -10.73
CA GLN B 423 -12.89 -28.31 -10.15
C GLN B 423 -13.76 -29.21 -11.06
N GLN B 424 -14.99 -28.76 -11.37
CA GLN B 424 -15.99 -29.44 -12.21
C GLN B 424 -15.44 -30.14 -13.45
N TYR B 425 -14.55 -29.46 -14.20
CA TYR B 425 -13.97 -29.96 -15.45
C TYR B 425 -12.71 -30.83 -15.26
N GLN B 426 -12.08 -30.76 -14.07
CA GLN B 426 -10.93 -31.58 -13.66
C GLN B 426 -11.43 -33.02 -13.40
N ASP B 427 -12.66 -33.14 -12.85
CA ASP B 427 -13.36 -34.38 -12.53
C ASP B 427 -14.20 -34.91 -13.72
N ALA B 428 -14.52 -34.04 -14.71
CA ALA B 428 -15.31 -34.35 -15.91
C ALA B 428 -14.56 -35.06 -17.05
N THR B 429 -15.25 -36.05 -17.66
CA THR B 429 -14.83 -36.92 -18.76
C THR B 429 -15.79 -36.77 -20.00
N ALA B 430 -15.98 -37.84 -20.80
CA ALA B 430 -16.88 -37.82 -21.96
C ALA B 430 -18.11 -38.74 -21.76
N MET C 1 7.40 18.26 -3.08
CA MET C 1 6.47 17.15 -2.90
C MET C 1 6.87 16.26 -1.73
N ARG C 2 5.92 15.36 -1.31
CA ARG C 2 6.04 14.37 -0.21
C ARG C 2 6.52 15.02 1.10
N GLU C 3 6.06 16.26 1.36
CA GLU C 3 6.50 17.08 2.48
C GLU C 3 6.12 16.57 3.87
N CYS C 4 7.03 16.81 4.87
CA CYS C 4 6.86 16.37 6.24
CA CYS C 4 6.90 16.35 6.27
C CYS C 4 7.21 17.45 7.28
N ILE C 5 6.19 17.86 8.09
CA ILE C 5 6.38 18.90 9.13
C ILE C 5 6.66 18.29 10.51
N SER C 6 7.81 18.70 11.14
CA SER C 6 8.23 18.23 12.48
C SER C 6 7.83 19.23 13.54
N ILE C 7 7.13 18.79 14.58
CA ILE C 7 6.70 19.68 15.66
C ILE C 7 7.41 19.20 16.93
N HIS C 8 8.00 20.12 17.72
CA HIS C 8 8.75 19.76 18.92
C HIS C 8 8.20 20.46 20.14
N VAL C 9 7.51 19.69 21.00
CA VAL C 9 6.86 20.23 22.20
C VAL C 9 7.69 19.98 23.46
N GLY C 10 7.74 20.98 24.33
CA GLY C 10 8.44 20.89 25.60
C GLY C 10 9.94 20.77 25.50
N GLN C 11 10.57 20.66 26.67
CA GLN C 11 12.01 20.57 26.82
C GLN C 11 12.64 19.40 26.08
N ALA C 12 12.10 18.18 26.28
CA ALA C 12 12.58 16.95 25.65
C ALA C 12 12.46 17.00 24.12
N GLY C 13 11.27 17.36 23.66
CA GLY C 13 10.91 17.49 22.25
C GLY C 13 11.81 18.45 21.50
N VAL C 14 12.04 19.64 22.06
CA VAL C 14 12.89 20.67 21.47
C VAL C 14 14.35 20.25 21.42
N GLN C 15 14.88 19.78 22.55
CA GLN C 15 16.28 19.38 22.66
C GLN C 15 16.65 18.25 21.70
N ILE C 16 15.68 17.36 21.48
CA ILE C 16 15.82 16.25 20.56
C ILE C 16 15.80 16.79 19.11
N GLY C 17 14.85 17.69 18.83
CA GLY C 17 14.73 18.37 17.54
C GLY C 17 16.06 18.96 17.15
N ASN C 18 16.78 19.57 18.13
CA ASN C 18 18.10 20.13 17.91
C ASN C 18 19.12 19.10 17.53
N ALA C 19 19.09 17.93 18.21
CA ALA C 19 20.00 16.83 17.92
C ALA C 19 19.71 16.28 16.50
N CYS C 20 18.40 16.13 16.20
CA CYS C 20 17.86 15.67 14.94
C CYS C 20 18.34 16.59 13.83
N TRP C 21 17.86 17.85 13.81
CA TRP C 21 18.15 18.88 12.80
C TRP C 21 19.60 19.20 12.57
N GLU C 22 20.45 19.03 13.60
CA GLU C 22 21.89 19.24 13.52
C GLU C 22 22.40 18.14 12.62
N LEU C 23 22.22 16.87 13.04
CA LEU C 23 22.59 15.68 12.28
C LEU C 23 22.11 15.79 10.80
N TYR C 24 20.80 16.07 10.59
CA TYR C 24 20.16 16.29 9.28
C TYR C 24 21.01 17.21 8.39
N CYS C 25 21.48 18.38 8.92
CA CYS C 25 22.33 19.30 8.16
C CYS C 25 23.54 18.54 7.72
N LEU C 26 24.25 17.90 8.67
CA LEU C 26 25.47 17.14 8.38
C LEU C 26 25.19 16.05 7.35
N GLU C 27 24.07 15.31 7.56
CA GLU C 27 23.58 14.25 6.69
C GLU C 27 23.47 14.74 5.25
N HIS C 28 23.04 16.01 5.05
CA HIS C 28 22.83 16.65 3.74
C HIS C 28 23.83 17.74 3.35
N GLY C 29 25.06 17.70 3.87
CA GLY C 29 26.10 18.68 3.58
C GLY C 29 25.78 20.14 3.85
N ILE C 30 24.56 20.41 4.39
CA ILE C 30 24.02 21.72 4.75
C ILE C 30 24.87 22.39 5.85
N GLN C 31 25.00 23.74 5.72
CA GLN C 31 25.72 24.61 6.63
C GLN C 31 24.71 25.29 7.57
N PRO C 32 25.11 25.61 8.85
CA PRO C 32 24.16 26.19 9.83
C PRO C 32 23.47 27.53 9.51
N ASP C 33 23.89 28.19 8.42
CA ASP C 33 23.34 29.45 7.94
C ASP C 33 22.08 29.23 7.10
N GLY C 34 21.85 27.97 6.71
CA GLY C 34 20.72 27.55 5.89
C GLY C 34 21.10 27.12 4.48
N GLN C 35 22.25 27.61 3.99
CA GLN C 35 22.77 27.32 2.65
C GLN C 35 23.52 25.97 2.58
N MET C 36 23.72 25.46 1.34
CA MET C 36 24.44 24.21 1.08
C MET C 36 25.19 24.22 -0.27
N PRO C 37 26.45 23.69 -0.34
CA PRO C 37 27.19 23.66 -1.62
C PRO C 37 26.66 22.61 -2.60
N ASP C 46 20.36 14.32 -5.55
CA ASP C 46 19.17 13.89 -4.79
C ASP C 46 18.42 15.09 -4.21
N ASP C 47 17.24 15.40 -4.76
CA ASP C 47 16.40 16.51 -4.30
C ASP C 47 15.42 16.06 -3.19
N SER C 48 15.49 14.75 -2.79
CA SER C 48 14.62 14.09 -1.81
C SER C 48 14.63 14.69 -0.40
N PHE C 49 15.65 15.48 -0.05
CA PHE C 49 15.72 16.13 1.27
C PHE C 49 14.74 17.28 1.42
N ASN C 50 14.29 17.87 0.31
CA ASN C 50 13.33 18.98 0.28
C ASN C 50 11.99 18.68 1.02
N THR C 51 11.77 17.39 1.34
CA THR C 51 10.60 16.86 2.06
C THR C 51 10.60 17.34 3.52
N PHE C 52 11.80 17.69 4.04
CA PHE C 52 12.10 18.17 5.40
C PHE C 52 12.57 19.65 5.48
N PHE C 53 13.18 20.16 4.40
CA PHE C 53 13.67 21.55 4.35
C PHE C 53 13.07 22.24 3.14
N SER C 54 12.41 23.37 3.39
CA SER C 54 11.86 24.20 2.33
C SER C 54 12.99 25.10 1.83
N GLU C 55 12.89 25.57 0.58
CA GLU C 55 13.91 26.44 0.02
C GLU C 55 13.36 27.82 -0.33
N THR C 56 14.21 28.86 -0.18
CA THR C 56 13.82 30.24 -0.45
C THR C 56 14.49 30.82 -1.70
N GLY C 57 13.96 31.96 -2.16
CA GLY C 57 14.45 32.73 -3.31
C GLY C 57 15.91 33.11 -3.20
N ALA C 58 16.41 33.26 -1.95
CA ALA C 58 17.79 33.57 -1.60
C ALA C 58 18.68 32.31 -1.60
N GLY C 59 18.06 31.13 -1.63
CA GLY C 59 18.76 29.84 -1.66
C GLY C 59 18.96 29.16 -0.31
N LYS C 60 18.37 29.74 0.76
CA LYS C 60 18.46 29.21 2.13
C LYS C 60 17.52 28.00 2.27
N HIS C 61 17.97 26.92 2.97
CA HIS C 61 17.19 25.69 3.16
C HIS C 61 16.63 25.57 4.59
N VAL C 62 15.45 26.20 4.82
CA VAL C 62 14.75 26.26 6.12
C VAL C 62 13.94 24.97 6.45
N PRO C 63 14.22 24.33 7.61
CA PRO C 63 13.45 23.14 8.01
C PRO C 63 11.95 23.35 8.12
N ARG C 64 11.18 22.30 7.77
CA ARG C 64 9.71 22.28 7.88
C ARG C 64 9.41 21.82 9.33
N ALA C 65 9.77 22.70 10.30
CA ALA C 65 9.70 22.47 11.74
C ALA C 65 9.11 23.62 12.52
N VAL C 66 8.38 23.30 13.60
CA VAL C 66 7.73 24.20 14.56
C VAL C 66 8.29 23.81 15.95
N PHE C 67 8.90 24.76 16.67
CA PHE C 67 9.39 24.50 18.03
C PHE C 67 8.49 25.23 19.01
N VAL C 68 7.77 24.48 19.83
CA VAL C 68 6.83 25.03 20.82
C VAL C 68 7.31 24.75 22.25
N ASP C 69 7.01 25.67 23.20
CA ASP C 69 7.25 25.51 24.64
C ASP C 69 6.48 26.54 25.43
N LEU C 70 5.88 26.12 26.56
CA LEU C 70 5.13 27.03 27.43
C LEU C 70 6.01 28.00 28.26
N GLU C 71 7.29 27.71 28.39
CA GLU C 71 8.25 28.61 29.02
C GLU C 71 9.34 28.97 28.00
N PRO C 72 10.01 30.15 28.13
CA PRO C 72 11.00 30.55 27.12
C PRO C 72 12.35 29.84 27.03
N THR C 73 13.01 29.63 28.18
CA THR C 73 14.35 29.05 28.31
C THR C 73 14.91 28.17 27.19
N VAL C 74 14.42 26.94 27.09
CA VAL C 74 14.94 25.98 26.13
C VAL C 74 14.99 26.53 24.71
N ILE C 75 13.89 27.16 24.24
CA ILE C 75 13.83 27.74 22.90
C ILE C 75 14.78 28.92 22.72
N ASP C 76 14.95 29.74 23.78
CA ASP C 76 15.85 30.88 23.77
C ASP C 76 17.30 30.45 23.55
N GLU C 77 17.64 29.21 23.96
CA GLU C 77 18.99 28.66 23.78
C GLU C 77 19.31 28.40 22.31
N VAL C 78 18.27 28.36 21.44
CA VAL C 78 18.33 28.10 19.99
C VAL C 78 18.31 29.45 19.26
N ARG C 79 17.56 30.41 19.82
CA ARG C 79 17.41 31.77 19.31
C ARG C 79 18.69 32.57 19.51
N THR C 80 19.61 31.99 20.29
CA THR C 80 20.93 32.51 20.64
C THR C 80 22.00 31.47 20.24
N GLY C 81 21.58 30.22 20.08
CA GLY C 81 22.45 29.09 19.71
C GLY C 81 23.14 29.23 18.38
N THR C 82 24.05 28.26 18.10
CA THR C 82 24.87 28.19 16.87
C THR C 82 24.04 28.13 15.57
N TYR C 83 22.75 27.77 15.69
CA TYR C 83 21.81 27.67 14.58
C TYR C 83 20.68 28.72 14.68
N ARG C 84 20.99 29.95 15.18
CA ARG C 84 20.02 31.04 15.30
C ARG C 84 19.45 31.44 13.92
N GLN C 85 20.30 31.27 12.88
CA GLN C 85 20.03 31.54 11.47
C GLN C 85 19.39 30.37 10.73
N LEU C 86 19.55 29.11 11.24
CA LEU C 86 18.95 27.93 10.60
C LEU C 86 17.43 27.94 10.50
N PHE C 87 16.74 28.62 11.44
CA PHE C 87 15.28 28.71 11.43
C PHE C 87 14.75 30.14 11.34
N HIS C 88 13.42 30.24 11.16
CA HIS C 88 12.64 31.48 11.15
C HIS C 88 12.24 31.81 12.58
N PRO C 89 12.44 33.06 13.05
CA PRO C 89 12.02 33.40 14.42
C PRO C 89 10.54 33.09 14.71
N GLU C 90 9.66 33.22 13.68
CA GLU C 90 8.23 32.97 13.80
C GLU C 90 7.96 31.53 14.15
N GLN C 91 8.74 30.59 13.58
CA GLN C 91 8.59 29.15 13.77
C GLN C 91 9.14 28.56 15.09
N LEU C 92 9.61 29.42 16.01
CA LEU C 92 10.13 29.06 17.33
C LEU C 92 9.24 29.79 18.33
N ILE C 93 8.13 29.16 18.67
CA ILE C 93 7.08 29.70 19.53
C ILE C 93 7.33 29.43 21.05
N THR C 94 7.07 30.44 21.92
CA THR C 94 7.22 30.35 23.40
C THR C 94 6.13 31.07 24.18
N GLY C 95 5.79 30.52 25.34
CA GLY C 95 4.87 31.10 26.30
C GLY C 95 5.75 31.66 27.40
N LYS C 96 5.15 32.31 28.42
CA LYS C 96 5.91 32.88 29.54
C LYS C 96 5.91 31.93 30.75
N GLU C 97 4.71 31.48 31.17
CA GLU C 97 4.53 30.56 32.29
C GLU C 97 4.46 29.11 31.77
N ASP C 98 5.24 28.15 32.36
CA ASP C 98 5.19 26.74 31.93
C ASP C 98 4.04 25.88 32.48
N ALA C 99 4.08 24.57 32.25
CA ALA C 99 2.97 23.70 32.68
C ALA C 99 3.13 23.05 34.03
N ALA C 100 4.19 23.43 34.79
CA ALA C 100 4.53 22.96 36.15
C ALA C 100 4.44 21.42 36.35
N ASN C 101 4.89 20.65 35.33
CA ASN C 101 4.88 19.19 35.27
C ASN C 101 3.44 18.68 35.42
N ASN C 102 2.50 19.42 34.81
CA ASN C 102 1.09 19.12 34.96
C ASN C 102 0.39 19.20 33.63
N TYR C 103 -0.07 18.02 33.17
CA TYR C 103 -0.82 17.79 31.95
C TYR C 103 -1.97 18.83 31.82
N ALA C 104 -2.84 18.92 32.83
CA ALA C 104 -4.00 19.81 32.88
C ALA C 104 -3.72 21.27 32.56
N ARG C 105 -2.46 21.74 32.78
CA ARG C 105 -2.00 23.11 32.50
C ARG C 105 -1.58 23.15 31.07
N GLY C 106 -0.77 22.14 30.69
CA GLY C 106 -0.27 22.01 29.33
C GLY C 106 -1.40 21.91 28.33
N HIS C 107 -2.39 21.08 28.69
CA HIS C 107 -3.56 20.88 27.88
C HIS C 107 -4.44 22.10 27.91
N TYR C 108 -5.12 22.33 29.05
CA TYR C 108 -6.06 23.44 29.24
C TYR C 108 -5.43 24.79 29.59
N THR C 109 -5.53 25.22 30.87
CA THR C 109 -5.06 26.49 31.41
C THR C 109 -4.03 27.27 30.62
N ILE C 110 -2.86 26.67 30.37
CA ILE C 110 -1.76 27.37 29.74
C ILE C 110 -1.65 27.20 28.20
N GLY C 111 -1.98 26.01 27.72
CA GLY C 111 -1.94 25.70 26.30
C GLY C 111 -3.01 26.43 25.52
N LYS C 112 -4.19 26.65 26.15
CA LYS C 112 -5.30 27.36 25.52
C LYS C 112 -4.89 28.73 24.96
N GLU C 113 -3.93 29.38 25.63
CA GLU C 113 -3.34 30.68 25.33
C GLU C 113 -2.30 30.70 24.20
N ILE C 114 -1.89 29.52 23.69
CA ILE C 114 -0.91 29.48 22.62
C ILE C 114 -1.36 28.69 21.39
N ILE C 115 -2.15 27.63 21.61
CA ILE C 115 -2.66 26.74 20.56
C ILE C 115 -2.96 27.35 19.19
N ASP C 116 -3.78 28.41 19.14
CA ASP C 116 -4.17 29.09 17.91
C ASP C 116 -2.96 29.74 17.27
N LEU C 117 -2.07 30.37 18.05
CA LEU C 117 -0.86 30.95 17.47
C LEU C 117 0.07 29.84 16.89
N VAL C 118 0.07 28.67 17.55
CA VAL C 118 0.85 27.50 17.15
C VAL C 118 0.29 26.94 15.82
N LEU C 119 -1.01 26.62 15.78
CA LEU C 119 -1.76 26.10 14.65
C LEU C 119 -1.69 26.99 13.42
N ASP C 120 -1.63 28.30 13.65
CA ASP C 120 -1.52 29.29 12.61
C ASP C 120 -0.21 29.16 11.90
N ARG C 121 0.88 28.88 12.62
CA ARG C 121 2.20 28.74 11.99
C ARG C 121 2.33 27.43 11.22
N ILE C 122 1.69 26.37 11.72
CA ILE C 122 1.67 25.06 11.09
C ILE C 122 0.97 25.22 9.74
N ARG C 123 -0.13 26.04 9.71
CA ARG C 123 -0.91 26.39 8.51
C ARG C 123 -0.03 27.06 7.43
N LYS C 124 0.88 27.98 7.84
CA LYS C 124 1.84 28.68 6.97
C LYS C 124 2.95 27.78 6.44
N LEU C 125 3.25 26.70 7.16
CA LEU C 125 4.25 25.72 6.73
C LEU C 125 3.53 24.71 5.85
N ALA C 126 2.21 24.51 6.12
CA ALA C 126 1.32 23.61 5.40
C ALA C 126 1.11 24.12 3.98
N ASP C 127 1.04 25.45 3.82
CA ASP C 127 0.88 26.12 2.54
C ASP C 127 2.07 25.85 1.61
N GLN C 128 3.29 25.84 2.18
CA GLN C 128 4.49 25.61 1.39
C GLN C 128 4.66 24.13 0.99
N CYS C 129 3.56 23.35 1.17
CA CYS C 129 3.49 21.93 0.85
C CYS C 129 2.62 21.68 -0.35
N THR C 130 3.29 21.33 -1.46
CA THR C 130 2.70 20.98 -2.76
C THR C 130 1.84 19.70 -2.58
N GLY C 131 2.26 18.83 -1.63
CA GLY C 131 1.64 17.57 -1.26
C GLY C 131 2.24 16.94 -0.01
N LEU C 132 1.76 17.41 1.17
CA LEU C 132 2.16 17.02 2.53
C LEU C 132 1.89 15.58 2.83
N GLN C 133 2.94 14.85 3.30
CA GLN C 133 2.80 13.43 3.70
C GLN C 133 2.15 13.38 5.06
N GLY C 134 2.53 14.34 5.92
CA GLY C 134 2.01 14.45 7.29
C GLY C 134 2.95 15.05 8.31
N PHE C 135 2.65 14.79 9.61
CA PHE C 135 3.38 15.36 10.75
C PHE C 135 4.20 14.40 11.61
N LEU C 136 5.36 14.91 12.13
CA LEU C 136 6.25 14.20 13.06
C LEU C 136 6.31 14.95 14.39
N VAL C 137 5.64 14.42 15.42
CA VAL C 137 5.57 15.07 16.74
C VAL C 137 6.52 14.53 17.82
N PHE C 138 7.53 15.32 18.18
CA PHE C 138 8.54 15.00 19.22
C PHE C 138 8.14 15.64 20.54
N HIS C 139 7.94 14.81 21.57
CA HIS C 139 7.51 15.26 22.89
C HIS C 139 7.93 14.26 24.00
N SER C 140 7.85 14.70 25.27
CA SER C 140 8.13 13.86 26.43
C SER C 140 6.79 13.31 26.88
N PHE C 141 6.81 12.20 27.65
CA PHE C 141 5.59 11.60 28.20
C PHE C 141 5.24 12.28 29.53
N GLY C 142 6.29 12.70 30.27
CA GLY C 142 6.15 13.26 31.61
C GLY C 142 6.12 14.76 31.83
N GLY C 143 6.47 15.56 30.82
CA GLY C 143 6.40 17.01 30.97
C GLY C 143 4.98 17.51 30.93
N GLY C 144 4.70 18.69 31.49
CA GLY C 144 3.34 19.20 31.44
C GLY C 144 3.00 19.68 30.03
N THR C 145 4.03 20.20 29.36
CA THR C 145 4.02 20.68 27.97
C THR C 145 4.04 19.40 27.07
N GLY C 146 5.06 18.56 27.23
CA GLY C 146 5.20 17.30 26.51
C GLY C 146 3.93 16.45 26.51
N SER C 147 3.24 16.33 27.68
CA SER C 147 1.97 15.59 27.79
C SER C 147 0.73 16.42 27.33
N GLY C 148 0.34 17.43 28.11
CA GLY C 148 -0.81 18.30 27.85
C GLY C 148 -0.86 19.03 26.53
N PHE C 149 0.18 19.79 26.23
CA PHE C 149 0.21 20.52 24.98
C PHE C 149 0.19 19.62 23.75
N THR C 150 0.97 18.53 23.78
CA THR C 150 1.00 17.59 22.67
C THR C 150 -0.39 17.02 22.39
N SER C 151 -1.10 16.52 23.44
CA SER C 151 -2.43 15.95 23.27
CA SER C 151 -2.44 15.95 23.31
C SER C 151 -3.44 16.96 22.74
N LEU C 152 -3.33 18.25 23.18
CA LEU C 152 -4.20 19.32 22.69
C LEU C 152 -3.96 19.59 21.20
N LEU C 153 -2.67 19.76 20.84
CA LEU C 153 -2.18 19.93 19.48
C LEU C 153 -2.61 18.73 18.59
N MET C 154 -2.40 17.46 19.03
CA MET C 154 -2.79 16.29 18.26
C MET C 154 -4.26 16.36 17.98
N GLU C 155 -5.10 16.51 19.03
CA GLU C 155 -6.56 16.66 18.90
C GLU C 155 -6.87 17.75 17.83
N ARG C 156 -6.32 18.95 18.04
CA ARG C 156 -6.52 20.10 17.17
C ARG C 156 -6.15 19.88 15.72
N LEU C 157 -5.00 19.21 15.45
CA LEU C 157 -4.53 18.88 14.09
C LEU C 157 -5.44 17.85 13.41
N SER C 158 -6.12 17.00 14.21
CA SER C 158 -7.06 16.01 13.71
C SER C 158 -8.41 16.65 13.28
N VAL C 159 -8.58 17.94 13.53
CA VAL C 159 -9.74 18.68 13.09
C VAL C 159 -9.19 19.40 11.87
N ASP C 160 -8.18 20.26 12.08
CA ASP C 160 -7.47 21.01 11.06
C ASP C 160 -7.02 20.18 9.86
N TYR C 161 -6.38 19.02 10.07
CA TYR C 161 -5.88 18.24 8.94
C TYR C 161 -6.53 16.89 8.82
N GLY C 162 -7.59 16.68 9.59
CA GLY C 162 -8.38 15.46 9.55
C GLY C 162 -7.60 14.18 9.75
N LYS C 163 -7.72 13.26 8.78
CA LYS C 163 -7.05 11.97 8.88
C LYS C 163 -5.57 11.97 8.42
N LYS C 164 -5.01 13.16 8.05
CA LYS C 164 -3.59 13.30 7.65
C LYS C 164 -2.65 12.62 8.66
N SER C 165 -1.68 11.85 8.13
CA SER C 165 -0.73 11.05 8.91
C SER C 165 -0.07 11.83 10.04
N LYS C 166 -0.24 11.32 11.29
CA LYS C 166 0.37 11.87 12.52
C LYS C 166 1.28 10.80 13.16
N LEU C 167 2.59 11.09 13.19
CA LEU C 167 3.59 10.21 13.76
C LEU C 167 4.16 10.75 15.09
N GLU C 168 4.62 9.87 15.99
CA GLU C 168 5.17 10.33 17.26
C GLU C 168 6.56 9.79 17.63
N PHE C 169 7.26 10.60 18.40
CA PHE C 169 8.53 10.30 19.05
C PHE C 169 8.32 10.76 20.47
N SER C 170 7.99 9.80 21.31
CA SER C 170 7.68 10.05 22.72
C SER C 170 8.78 9.50 23.66
N ILE C 171 9.31 10.36 24.53
CA ILE C 171 10.38 9.92 25.43
C ILE C 171 9.78 9.33 26.70
N TYR C 172 9.85 8.00 26.80
CA TYR C 172 9.38 7.19 27.91
C TYR C 172 10.21 7.49 29.20
N PRO C 173 9.49 7.91 30.29
CA PRO C 173 10.17 8.27 31.54
C PRO C 173 10.96 7.15 32.23
N ALA C 174 12.18 7.50 32.69
CA ALA C 174 13.04 6.60 33.45
C ALA C 174 13.55 7.30 34.76
N PRO C 175 13.64 6.55 35.92
CA PRO C 175 14.11 7.16 37.18
C PRO C 175 15.48 7.85 37.09
N GLN C 176 16.47 7.13 36.51
CA GLN C 176 17.87 7.54 36.28
C GLN C 176 17.96 8.80 35.45
N VAL C 177 17.09 8.95 34.44
CA VAL C 177 17.12 10.13 33.59
C VAL C 177 16.06 11.13 34.07
N SER C 178 16.49 11.95 35.04
CA SER C 178 15.68 12.94 35.76
C SER C 178 14.37 12.41 36.33
N THR C 179 13.24 12.62 35.61
CA THR C 179 11.89 12.19 36.00
C THR C 179 11.34 12.99 37.19
N ALA C 180 10.02 12.96 37.41
CA ALA C 180 9.36 13.63 38.52
C ALA C 180 8.24 12.72 39.00
N VAL C 181 7.73 12.95 40.23
CA VAL C 181 6.72 12.04 40.83
C VAL C 181 5.44 11.89 40.03
N VAL C 182 4.97 12.98 39.43
CA VAL C 182 3.74 12.99 38.64
C VAL C 182 3.85 12.48 37.23
N GLU C 183 5.07 12.26 36.71
CA GLU C 183 5.26 11.71 35.34
C GLU C 183 4.34 10.54 34.94
N PRO C 184 4.13 9.48 35.75
CA PRO C 184 3.13 8.46 35.37
C PRO C 184 1.74 9.01 35.01
N TYR C 185 1.28 10.03 35.77
CA TYR C 185 -0.01 10.66 35.55
C TYR C 185 0.01 11.31 34.19
N ASN C 186 1.07 12.06 33.91
CA ASN C 186 1.27 12.77 32.65
C ASN C 186 1.29 11.84 31.46
N SER C 187 2.11 10.77 31.53
CA SER C 187 2.25 9.73 30.49
C SER C 187 0.96 8.95 30.19
N ILE C 188 0.14 8.63 31.24
CA ILE C 188 -1.10 7.87 31.05
C ILE C 188 -2.21 8.71 30.44
N LEU C 189 -2.33 9.97 30.90
CA LEU C 189 -3.30 10.93 30.37
C LEU C 189 -3.04 11.22 28.88
N THR C 190 -1.73 11.43 28.52
CA THR C 190 -1.27 11.71 27.16
C THR C 190 -1.44 10.54 26.22
N THR C 191 -1.18 9.33 26.70
CA THR C 191 -1.35 8.17 25.84
C THR C 191 -2.81 8.12 25.42
N HIS C 192 -3.72 8.07 26.42
CA HIS C 192 -5.16 8.08 26.19
C HIS C 192 -5.62 9.18 25.22
N THR C 193 -5.32 10.46 25.49
CA THR C 193 -5.74 11.55 24.58
C THR C 193 -5.25 11.49 23.15
N THR C 194 -4.01 11.03 22.95
CA THR C 194 -3.38 10.94 21.63
C THR C 194 -3.74 9.65 20.86
N LEU C 195 -3.97 8.54 21.60
CA LEU C 195 -4.25 7.23 21.01
C LEU C 195 -5.02 7.20 19.67
N GLU C 196 -6.10 8.03 19.56
CA GLU C 196 -6.91 8.13 18.32
C GLU C 196 -6.21 8.97 17.28
N HIS C 197 -5.78 10.16 17.67
CA HIS C 197 -5.13 11.14 16.80
C HIS C 197 -3.77 10.67 16.28
N SER C 198 -3.36 9.48 16.73
CA SER C 198 -2.12 8.96 16.26
C SER C 198 -2.28 7.81 15.35
N ASP C 199 -1.42 7.81 14.35
CA ASP C 199 -1.40 6.81 13.31
C ASP C 199 -0.23 5.84 13.56
N CYS C 200 0.81 6.32 14.26
CA CYS C 200 2.02 5.59 14.61
C CYS C 200 2.85 6.30 15.69
N ALA C 201 3.33 5.56 16.70
CA ALA C 201 4.14 6.16 17.76
C ALA C 201 5.36 5.34 18.09
N PHE C 202 6.54 5.96 18.01
CA PHE C 202 7.84 5.34 18.33
C PHE C 202 8.28 5.68 19.77
N MET C 203 8.16 4.70 20.72
CA MET C 203 8.54 4.90 22.13
C MET C 203 10.03 4.84 22.33
N VAL C 204 10.53 5.72 23.21
CA VAL C 204 11.95 5.88 23.49
C VAL C 204 12.15 5.80 25.03
N ASP C 205 12.47 4.62 25.56
CA ASP C 205 12.69 4.45 26.99
C ASP C 205 14.02 5.07 27.41
N ASN C 206 13.95 6.17 28.18
CA ASN C 206 15.14 6.90 28.64
C ASN C 206 16.21 6.03 29.36
N GLU C 207 15.75 4.98 30.08
CA GLU C 207 16.58 4.00 30.79
C GLU C 207 17.45 3.31 29.77
N ALA C 208 16.85 2.84 28.63
CA ALA C 208 17.53 2.14 27.54
C ALA C 208 18.61 3.03 26.90
N ILE C 209 18.28 4.29 26.64
CA ILE C 209 19.21 5.26 26.07
C ILE C 209 20.31 5.56 27.13
N TYR C 210 19.94 5.47 28.42
CA TYR C 210 20.87 5.62 29.54
C TYR C 210 21.79 4.38 29.49
N ASP C 211 21.20 3.17 29.54
CA ASP C 211 21.93 1.91 29.51
C ASP C 211 22.90 1.77 28.34
N ILE C 212 22.49 2.20 27.15
CA ILE C 212 23.33 2.09 25.96
C ILE C 212 24.54 3.02 26.05
N CYS C 213 24.31 4.28 26.44
CA CYS C 213 25.36 5.29 26.63
C CYS C 213 26.35 4.84 27.68
N ARG C 214 25.88 4.08 28.67
CA ARG C 214 26.70 3.58 29.76
C ARG C 214 27.56 2.41 29.26
N ARG C 215 26.88 1.34 28.80
CA ARG C 215 27.45 0.07 28.36
C ARG C 215 28.25 0.12 27.06
N ASN C 216 27.92 1.02 26.13
CA ASN C 216 28.57 1.06 24.82
C ASN C 216 29.41 2.28 24.51
N LEU C 217 28.98 3.44 24.99
CA LEU C 217 29.72 4.67 24.81
C LEU C 217 30.64 4.88 26.03
N ASP C 218 30.51 3.98 27.02
CA ASP C 218 31.27 3.94 28.27
C ASP C 218 31.17 5.21 29.13
N ILE C 219 30.05 5.96 28.99
CA ILE C 219 29.76 7.20 29.74
C ILE C 219 29.10 6.85 31.08
N GLU C 220 29.84 7.06 32.19
CA GLU C 220 29.42 6.75 33.56
C GLU C 220 28.14 7.46 33.98
N ARG C 221 28.02 8.74 33.62
CA ARG C 221 26.85 9.57 33.91
C ARG C 221 26.52 10.43 32.67
N PRO C 222 25.71 9.83 31.74
CA PRO C 222 25.41 10.53 30.46
C PRO C 222 24.53 11.76 30.55
N THR C 223 24.90 12.77 29.71
CA THR C 223 24.27 14.08 29.58
C THR C 223 23.03 13.98 28.69
N TYR C 224 22.24 15.06 28.58
CA TYR C 224 21.08 15.07 27.70
C TYR C 224 21.57 15.05 26.27
N THR C 225 22.65 15.80 26.01
CA THR C 225 23.29 15.85 24.70
C THR C 225 23.64 14.43 24.24
N ASN C 226 24.37 13.68 25.08
CA ASN C 226 24.78 12.27 24.89
C ASN C 226 23.60 11.38 24.49
N LEU C 227 22.48 11.49 25.22
CA LEU C 227 21.29 10.68 24.96
C LEU C 227 20.66 11.12 23.64
N ASN C 228 20.38 12.42 23.54
CA ASN C 228 19.75 13.03 22.38
C ASN C 228 20.50 12.76 21.09
N ARG C 229 21.85 12.79 21.13
CA ARG C 229 22.70 12.44 19.96
C ARG C 229 22.44 10.97 19.56
N LEU C 230 22.47 10.05 20.53
CA LEU C 230 22.19 8.64 20.25
C LEU C 230 20.79 8.54 19.66
N ILE C 231 19.79 9.16 20.32
CA ILE C 231 18.40 9.21 19.85
C ILE C 231 18.35 9.73 18.38
N GLY C 232 19.00 10.88 18.09
CA GLY C 232 18.96 11.45 16.74
C GLY C 232 19.36 10.50 15.64
N GLN C 233 20.36 9.62 15.90
CA GLN C 233 20.86 8.61 14.96
C GLN C 233 19.71 7.64 14.60
N ILE C 234 19.06 7.06 15.63
CA ILE C 234 17.91 6.19 15.51
C ILE C 234 16.77 6.90 14.73
N VAL C 235 16.36 8.09 15.18
CA VAL C 235 15.31 8.88 14.54
C VAL C 235 15.68 9.13 13.08
N SER C 236 16.90 9.66 12.78
CA SER C 236 17.37 9.90 11.40
C SER C 236 17.34 8.61 10.61
N SER C 237 17.81 7.50 11.21
CA SER C 237 17.80 6.17 10.59
C SER C 237 16.38 5.76 10.14
N ILE C 238 15.33 6.11 10.95
CA ILE C 238 13.89 5.85 10.69
C ILE C 238 13.43 6.77 9.54
N THR C 239 13.87 8.06 9.58
CA THR C 239 13.50 9.06 8.56
C THR C 239 14.37 9.13 7.32
N ALA C 240 15.49 8.34 7.28
CA ALA C 240 16.44 8.25 6.15
C ALA C 240 15.70 7.99 4.84
N SER C 241 14.72 7.05 4.90
CA SER C 241 13.83 6.61 3.83
C SER C 241 12.90 7.70 3.31
N LEU C 242 13.13 8.97 3.71
CA LEU C 242 12.33 10.14 3.35
C LEU C 242 13.16 11.36 2.96
N ARG C 243 14.41 11.45 3.45
CA ARG C 243 15.28 12.57 3.09
C ARG C 243 16.20 12.13 1.94
N PHE C 244 16.28 10.80 1.72
CA PHE C 244 17.07 10.18 0.66
C PHE C 244 16.21 9.28 -0.24
N ASP C 245 16.68 9.14 -1.48
CA ASP C 245 16.06 8.31 -2.49
C ASP C 245 17.18 7.52 -3.19
N GLY C 246 17.27 6.26 -2.81
CA GLY C 246 18.25 5.34 -3.37
C GLY C 246 17.56 4.19 -4.06
N ALA C 247 18.17 3.68 -5.14
CA ALA C 247 17.66 2.54 -5.92
C ALA C 247 17.58 1.32 -5.01
N LEU C 248 18.67 1.15 -4.19
CA LEU C 248 18.94 0.12 -3.17
C LEU C 248 17.67 -0.36 -2.46
N ASN C 249 16.86 0.62 -1.96
CA ASN C 249 15.56 0.51 -1.28
C ASN C 249 15.08 1.85 -0.70
N VAL C 250 15.18 2.05 0.63
CA VAL C 250 14.70 3.21 1.42
C VAL C 250 13.22 3.45 1.20
N ASP C 251 12.34 3.00 2.15
CA ASP C 251 10.90 3.04 1.92
C ASP C 251 9.90 3.09 3.09
N LEU C 252 9.91 4.10 4.01
CA LEU C 252 8.91 4.17 5.11
C LEU C 252 7.48 4.24 4.51
N THR C 253 6.43 4.25 5.37
CA THR C 253 4.99 4.27 5.01
C THR C 253 4.53 2.88 4.58
N GLU C 254 5.47 2.13 3.97
CA GLU C 254 5.33 0.76 3.54
C GLU C 254 5.52 -0.08 4.79
N PHE C 255 6.62 0.18 5.56
CA PHE C 255 6.95 -0.50 6.82
C PHE C 255 5.71 -0.37 7.68
N GLN C 256 5.29 0.90 7.86
CA GLN C 256 4.12 1.38 8.57
C GLN C 256 2.84 0.56 8.28
N THR C 257 2.65 0.05 7.02
CA THR C 257 1.51 -0.79 6.67
C THR C 257 1.59 -2.15 7.35
N ASN C 258 2.79 -2.78 7.36
CA ASN C 258 3.10 -4.10 7.93
C ASN C 258 3.18 -3.99 9.44
N LEU C 259 3.74 -2.84 9.90
CA LEU C 259 3.93 -2.55 11.31
C LEU C 259 2.64 -2.37 12.06
N VAL C 260 1.64 -1.74 11.42
CA VAL C 260 0.36 -1.50 12.06
C VAL C 260 -0.74 -2.46 11.56
N PRO C 261 -1.07 -3.54 12.31
CA PRO C 261 -2.15 -4.42 11.84
C PRO C 261 -3.53 -3.83 12.08
N TYR C 262 -3.70 -3.23 13.25
CA TYR C 262 -4.92 -2.64 13.74
C TYR C 262 -4.58 -1.23 14.16
N PRO C 263 -5.57 -0.33 14.26
CA PRO C 263 -5.26 1.08 14.56
C PRO C 263 -4.60 1.33 15.92
N ARG C 264 -5.13 0.72 17.02
CA ARG C 264 -4.54 0.91 18.34
C ARG C 264 -3.14 0.33 18.47
N ILE C 265 -2.81 -0.74 17.72
CA ILE C 265 -1.52 -1.45 17.70
C ILE C 265 -0.54 -0.72 16.75
N HIS C 266 -0.17 0.52 17.11
CA HIS C 266 0.72 1.36 16.30
C HIS C 266 2.03 1.77 16.96
N PHE C 267 2.55 0.92 17.88
CA PHE C 267 3.80 1.21 18.60
C PHE C 267 4.97 0.29 18.23
N PRO C 268 5.79 0.63 17.22
CA PRO C 268 6.92 -0.22 16.90
C PRO C 268 8.01 -0.07 17.97
N LEU C 269 8.83 -1.11 18.08
CA LEU C 269 9.99 -1.17 18.94
C LEU C 269 11.24 -1.05 18.04
N ALA C 270 12.02 0.02 18.24
CA ALA C 270 13.30 0.20 17.53
C ALA C 270 14.40 -0.58 18.26
N THR C 271 15.29 -1.21 17.48
CA THR C 271 16.38 -2.00 18.08
C THR C 271 17.70 -1.67 17.41
N TYR C 272 18.05 -0.37 17.37
CA TYR C 272 19.26 0.17 16.75
C TYR C 272 20.60 -0.51 17.12
N ALA C 273 21.48 -0.69 16.11
CA ALA C 273 22.80 -1.29 16.16
C ALA C 273 23.61 -0.77 14.96
N PRO C 274 24.93 -0.49 15.04
CA PRO C 274 25.84 -0.67 16.17
C PRO C 274 26.17 0.63 16.93
N VAL C 275 26.18 0.55 18.28
CA VAL C 275 26.55 1.67 19.12
C VAL C 275 27.97 1.42 19.58
N ILE C 276 28.89 2.24 19.05
CA ILE C 276 30.33 2.16 19.20
C ILE C 276 30.94 3.46 19.68
N SER C 277 31.76 3.36 20.75
CA SER C 277 32.48 4.46 21.39
C SER C 277 33.49 5.08 20.43
N ALA C 278 33.53 6.43 20.37
CA ALA C 278 34.43 7.18 19.50
C ALA C 278 35.93 7.01 19.83
N GLU C 279 36.25 6.13 20.80
CA GLU C 279 37.61 5.76 21.23
C GLU C 279 37.65 4.21 21.40
N LYS C 280 37.36 3.48 20.31
CA LYS C 280 37.32 2.02 20.28
C LYS C 280 38.59 1.38 19.71
N ALA C 281 39.40 2.17 18.97
CA ALA C 281 40.66 1.79 18.30
C ALA C 281 40.49 0.88 17.04
N TYR C 282 41.16 -0.33 17.02
CA TYR C 282 41.17 -1.33 15.94
C TYR C 282 39.83 -1.58 15.25
N HIS C 283 38.72 -1.41 16.04
CA HIS C 283 37.28 -1.54 15.73
C HIS C 283 36.88 -1.99 14.32
N GLU C 284 37.18 -1.15 13.29
CA GLU C 284 36.86 -1.32 11.86
C GLU C 284 36.91 -2.78 11.30
N GLN C 285 35.74 -3.43 10.98
CA GLN C 285 34.35 -2.95 11.13
C GLN C 285 33.45 -4.16 11.46
N LEU C 286 32.13 -4.06 11.19
CA LEU C 286 31.18 -5.15 11.45
C LEU C 286 30.40 -5.58 10.20
N SER C 287 30.27 -6.90 10.03
CA SER C 287 29.52 -7.53 8.93
C SER C 287 28.02 -7.32 9.12
N VAL C 288 27.24 -7.51 8.04
CA VAL C 288 25.78 -7.39 8.07
C VAL C 288 25.18 -8.35 9.09
N ALA C 289 25.75 -9.58 9.18
CA ALA C 289 25.36 -10.64 10.10
C ALA C 289 25.60 -10.30 11.60
N GLU C 290 26.60 -9.45 11.88
CA GLU C 290 26.88 -8.98 13.24
C GLU C 290 25.71 -8.04 13.62
N ILE C 291 25.57 -6.96 12.83
CA ILE C 291 24.56 -5.92 12.99
C ILE C 291 23.12 -6.43 12.94
N THR C 292 22.85 -7.44 12.14
CA THR C 292 21.50 -8.03 12.08
C THR C 292 21.16 -8.76 13.38
N ASN C 293 22.09 -9.63 13.87
CA ASN C 293 21.93 -10.41 15.10
C ASN C 293 21.79 -9.47 16.27
N ALA C 294 22.55 -8.34 16.23
CA ALA C 294 22.54 -7.29 17.23
C ALA C 294 21.12 -6.83 17.54
N CYS C 295 20.27 -6.69 16.50
CA CYS C 295 18.86 -6.31 16.58
C CYS C 295 18.05 -7.27 17.47
N PHE C 296 18.54 -8.50 17.65
CA PHE C 296 17.78 -9.46 18.45
C PHE C 296 18.23 -9.54 19.91
N GLU C 297 19.28 -8.75 20.26
CA GLU C 297 19.81 -8.60 21.60
C GLU C 297 18.97 -7.55 22.34
N PRO C 298 18.33 -7.89 23.50
CA PRO C 298 17.53 -6.88 24.24
C PRO C 298 18.28 -5.63 24.70
N ALA C 299 19.61 -5.74 24.76
CA ALA C 299 20.53 -4.67 25.14
C ALA C 299 20.55 -3.53 24.13
N ASN C 300 19.97 -3.73 22.94
CA ASN C 300 19.95 -2.70 21.89
C ASN C 300 18.59 -2.09 21.66
N GLN C 301 17.55 -2.65 22.33
CA GLN C 301 16.16 -2.19 22.29
C GLN C 301 15.97 -0.74 22.72
N MET C 302 15.11 0.02 21.98
CA MET C 302 14.82 1.41 22.32
C MET C 302 14.00 1.53 23.57
N VAL C 303 13.20 0.50 23.83
CA VAL C 303 12.36 0.37 25.01
C VAL C 303 12.82 -0.92 25.68
N LYS C 304 12.95 -0.90 27.01
CA LYS C 304 13.30 -2.08 27.79
C LYS C 304 12.07 -3.00 27.85
N CYS C 305 12.11 -4.14 27.12
CA CYS C 305 11.03 -5.16 27.10
C CYS C 305 11.54 -6.57 26.75
N ASP C 306 10.67 -7.61 26.81
CA ASP C 306 11.10 -8.96 26.41
C ASP C 306 10.33 -9.63 25.27
N PRO C 307 10.79 -9.34 24.01
CA PRO C 307 10.18 -9.93 22.81
C PRO C 307 10.67 -11.36 22.49
N ARG C 308 11.49 -11.94 23.39
CA ARG C 308 11.94 -13.33 23.31
C ARG C 308 10.78 -14.11 23.99
N HIS C 309 10.01 -13.38 24.81
CA HIS C 309 8.85 -13.85 25.56
C HIS C 309 7.53 -13.33 25.02
N GLY C 310 7.59 -12.64 23.90
CA GLY C 310 6.42 -12.10 23.23
C GLY C 310 6.34 -12.47 21.77
N LYS C 311 5.10 -12.73 21.31
CA LYS C 311 4.83 -13.03 19.90
C LYS C 311 5.03 -11.79 18.99
N TYR C 312 5.41 -12.03 17.73
CA TYR C 312 5.64 -11.00 16.70
C TYR C 312 4.50 -10.83 15.69
N MET C 313 4.29 -9.58 15.29
CA MET C 313 3.31 -9.27 14.25
C MET C 313 3.95 -8.61 13.05
N ALA C 314 5.18 -8.12 13.22
CA ALA C 314 5.94 -7.51 12.14
C ALA C 314 7.36 -7.50 12.50
N CYS C 315 8.22 -7.29 11.50
CA CYS C 315 9.64 -7.19 11.63
C CYS C 315 10.19 -6.48 10.42
N CYS C 316 10.80 -5.33 10.66
CA CYS C 316 11.37 -4.49 9.60
C CYS C 316 12.79 -4.18 9.90
N LEU C 317 13.61 -4.28 8.87
CA LEU C 317 15.02 -4.00 8.96
C LEU C 317 15.34 -2.84 8.06
N LEU C 318 16.04 -1.83 8.59
CA LEU C 318 16.35 -0.59 7.88
C LEU C 318 17.85 -0.40 7.83
N TYR C 319 18.47 -1.01 6.81
CA TYR C 319 19.91 -0.91 6.63
C TYR C 319 20.33 0.43 6.03
N ARG C 320 21.60 0.82 6.27
CA ARG C 320 22.20 2.05 5.74
C ARG C 320 23.70 2.02 5.78
N GLY C 321 24.31 2.38 4.65
CA GLY C 321 25.76 2.40 4.51
C GLY C 321 26.37 1.64 3.35
N ASP C 322 26.88 0.43 3.63
CA ASP C 322 27.54 -0.46 2.66
C ASP C 322 26.89 -1.84 2.74
N VAL C 323 25.57 -1.88 2.50
CA VAL C 323 24.79 -3.11 2.57
C VAL C 323 24.41 -3.67 1.17
N VAL C 324 24.53 -5.01 1.00
CA VAL C 324 24.26 -5.76 -0.24
C VAL C 324 23.25 -6.92 0.05
N PRO C 325 22.16 -7.05 -0.75
CA PRO C 325 21.16 -8.13 -0.52
C PRO C 325 21.64 -9.55 -0.17
N LYS C 326 22.79 -10.00 -0.74
CA LYS C 326 23.40 -11.32 -0.50
C LYS C 326 23.45 -11.66 1.01
N ASP C 327 24.23 -10.88 1.75
CA ASP C 327 24.48 -10.98 3.18
C ASP C 327 23.24 -10.70 3.97
N VAL C 328 22.36 -9.77 3.50
CA VAL C 328 21.11 -9.43 4.18
C VAL C 328 20.22 -10.68 4.28
N ASN C 329 20.00 -11.33 3.10
CA ASN C 329 19.24 -12.55 2.90
C ASN C 329 19.89 -13.70 3.65
N ALA C 330 21.23 -13.81 3.54
CA ALA C 330 22.06 -14.82 4.22
C ALA C 330 21.91 -14.70 5.74
N ALA C 331 21.85 -13.43 6.23
CA ALA C 331 21.65 -13.09 7.63
C ALA C 331 20.24 -13.48 8.02
N ILE C 332 19.21 -12.90 7.34
CA ILE C 332 17.77 -13.17 7.53
C ILE C 332 17.46 -14.68 7.70
N ALA C 333 18.21 -15.52 6.94
CA ALA C 333 18.15 -16.97 6.91
C ALA C 333 18.62 -17.56 8.24
N THR C 334 19.84 -17.14 8.71
CA THR C 334 20.47 -17.60 9.95
C THR C 334 19.51 -17.38 11.11
N ILE C 335 18.86 -16.20 11.14
CA ILE C 335 17.88 -15.80 12.16
C ILE C 335 16.60 -16.65 12.03
N LYS C 336 15.96 -16.63 10.82
CA LYS C 336 14.71 -17.34 10.48
C LYS C 336 14.66 -18.84 10.81
N THR C 337 15.82 -19.42 11.20
CA THR C 337 15.93 -20.82 11.65
C THR C 337 15.57 -20.85 13.16
N LYS C 338 16.35 -20.07 13.97
CA LYS C 338 16.21 -19.91 15.43
C LYS C 338 14.74 -19.71 15.86
N ARG C 339 14.32 -20.49 16.88
CA ARG C 339 12.94 -20.50 17.38
C ARG C 339 12.49 -19.40 18.37
N THR C 340 13.40 -18.45 18.69
CA THR C 340 12.98 -17.37 19.58
C THR C 340 12.25 -16.25 18.85
N ILE C 341 12.32 -16.25 17.49
CA ILE C 341 11.61 -15.27 16.67
C ILE C 341 10.27 -15.85 16.28
N GLN C 342 9.41 -16.02 17.30
CA GLN C 342 8.07 -16.58 17.10
C GLN C 342 6.99 -15.55 16.69
N PHE C 343 6.54 -15.67 15.42
CA PHE C 343 5.49 -14.86 14.86
C PHE C 343 4.14 -15.46 15.20
N VAL C 344 3.05 -14.71 14.99
CA VAL C 344 1.69 -15.22 15.23
C VAL C 344 1.26 -16.15 14.03
N ASP C 345 0.07 -16.75 14.13
CA ASP C 345 -0.51 -17.61 13.07
C ASP C 345 -1.38 -16.79 12.10
N TRP C 346 -1.71 -15.53 12.44
CA TRP C 346 -2.55 -14.70 11.60
C TRP C 346 -1.79 -13.74 10.65
N CYS C 347 -0.47 -13.61 10.87
CA CYS C 347 0.32 -12.84 9.92
C CYS C 347 1.65 -13.48 9.50
N PRO C 348 2.12 -13.22 8.25
CA PRO C 348 3.38 -13.83 7.78
C PRO C 348 4.61 -13.53 8.62
N THR C 349 5.66 -14.34 8.34
CA THR C 349 6.96 -14.36 9.00
C THR C 349 8.11 -13.74 8.19
N GLY C 350 7.77 -13.01 7.14
CA GLY C 350 8.77 -12.31 6.36
C GLY C 350 9.24 -11.03 7.03
N PHE C 351 10.51 -10.65 6.77
CA PHE C 351 11.07 -9.43 7.32
C PHE C 351 11.18 -8.39 6.20
N LYS C 352 10.40 -7.29 6.28
CA LYS C 352 10.44 -6.21 5.29
C LYS C 352 11.80 -5.49 5.42
N VAL C 353 12.60 -5.46 4.35
CA VAL C 353 13.93 -4.84 4.36
C VAL C 353 13.97 -3.57 3.49
N GLY C 354 14.72 -2.57 3.97
CA GLY C 354 15.00 -1.28 3.32
C GLY C 354 16.50 -1.00 3.43
N ILE C 355 17.14 -0.46 2.37
CA ILE C 355 18.61 -0.20 2.37
C ILE C 355 18.96 1.18 1.80
N ASN C 356 19.83 1.95 2.50
CA ASN C 356 20.29 3.26 2.06
C ASN C 356 21.74 3.28 1.54
N TYR C 357 22.07 4.31 0.76
CA TYR C 357 23.39 4.52 0.20
C TYR C 357 24.22 5.29 1.20
N GLN C 358 23.68 6.45 1.62
CA GLN C 358 24.27 7.38 2.57
C GLN C 358 24.51 6.69 3.91
N PRO C 359 25.79 6.44 4.29
CA PRO C 359 26.05 5.76 5.57
C PRO C 359 25.73 6.65 6.77
N PRO C 360 25.64 6.10 8.00
CA PRO C 360 25.40 6.98 9.15
C PRO C 360 26.52 8.03 9.24
N THR C 361 26.13 9.31 9.38
CA THR C 361 27.12 10.40 9.49
C THR C 361 27.30 10.75 10.96
N VAL C 362 28.53 11.14 11.35
CA VAL C 362 28.81 11.49 12.76
C VAL C 362 28.88 13.00 13.05
N VAL C 363 28.57 13.37 14.29
CA VAL C 363 28.51 14.74 14.80
C VAL C 363 29.92 15.31 15.12
N PRO C 364 30.26 16.55 14.69
CA PRO C 364 31.59 17.12 15.04
C PRO C 364 31.83 17.15 16.54
N GLY C 365 32.83 16.39 16.96
CA GLY C 365 33.19 16.25 18.37
C GLY C 365 32.11 15.46 19.09
N GLY C 366 31.88 14.24 18.59
CA GLY C 366 30.85 13.33 19.05
C GLY C 366 31.27 12.28 20.05
N ASP C 367 30.27 11.59 20.57
CA ASP C 367 30.37 10.53 21.56
C ASP C 367 30.47 9.19 20.83
N LEU C 368 29.89 9.10 19.61
CA LEU C 368 29.86 7.90 18.76
C LEU C 368 30.97 7.87 17.72
N ALA C 369 31.39 6.66 17.33
CA ALA C 369 32.39 6.41 16.31
C ALA C 369 31.70 6.37 14.94
N LYS C 370 32.44 6.50 13.80
CA LYS C 370 31.82 6.46 12.47
C LYS C 370 31.76 5.05 11.90
N VAL C 371 30.53 4.50 11.77
CA VAL C 371 30.31 3.17 11.20
C VAL C 371 30.07 3.15 9.69
N GLN C 372 30.67 2.15 9.03
CA GLN C 372 30.57 1.93 7.60
C GLN C 372 29.10 1.58 7.31
N ARG C 373 28.51 0.68 8.15
CA ARG C 373 27.12 0.22 8.04
C ARG C 373 26.31 0.08 9.35
N ALA C 374 25.08 0.66 9.36
CA ALA C 374 24.12 0.63 10.48
C ALA C 374 22.70 0.11 10.10
N VAL C 375 21.99 -0.47 11.08
CA VAL C 375 20.63 -0.99 10.92
C VAL C 375 19.70 -0.50 12.09
N CYS C 376 18.39 -0.40 11.81
CA CYS C 376 17.36 -0.12 12.81
C CYS C 376 16.23 -1.11 12.58
N MET C 377 15.93 -1.92 13.59
CA MET C 377 14.87 -2.90 13.43
C MET C 377 13.55 -2.50 14.10
N LEU C 378 12.55 -2.15 13.27
CA LEU C 378 11.20 -1.81 13.75
C LEU C 378 10.38 -3.08 13.77
N SER C 379 9.74 -3.36 14.87
CA SER C 379 8.97 -4.58 14.95
C SER C 379 7.70 -4.39 15.77
N ASN C 380 6.69 -5.19 15.45
CA ASN C 380 5.45 -5.17 16.19
C ASN C 380 5.34 -6.45 17.02
N THR C 381 5.80 -6.33 18.29
CA THR C 381 5.81 -7.37 19.33
C THR C 381 4.82 -7.01 20.45
N THR C 382 4.26 -8.04 21.13
CA THR C 382 3.34 -7.86 22.27
C THR C 382 4.11 -7.53 23.58
N ALA C 383 5.46 -7.49 23.46
CA ALA C 383 6.40 -7.18 24.54
C ALA C 383 6.43 -5.66 24.81
N ILE C 384 6.05 -4.85 23.84
CA ILE C 384 6.01 -3.42 24.06
C ILE C 384 4.96 -3.09 25.13
N ALA C 385 3.93 -3.96 25.30
CA ALA C 385 2.85 -3.76 26.26
C ALA C 385 3.31 -3.75 27.72
N GLU C 386 4.55 -4.23 27.95
CA GLU C 386 5.19 -4.26 29.26
C GLU C 386 5.45 -2.84 29.74
N ALA C 387 5.98 -1.98 28.85
CA ALA C 387 6.24 -0.55 29.04
C ALA C 387 4.98 0.14 29.56
N TRP C 388 3.80 -0.27 29.01
CA TRP C 388 2.48 0.21 29.42
C TRP C 388 2.20 -0.18 30.84
N ALA C 389 2.28 -1.51 31.11
CA ALA C 389 2.06 -2.14 32.40
C ALA C 389 2.98 -1.55 33.46
N ARG C 390 4.26 -1.36 33.11
CA ARG C 390 5.28 -0.79 33.97
C ARG C 390 4.80 0.59 34.53
N LEU C 391 4.41 1.46 33.59
CA LEU C 391 3.90 2.79 33.81
C LEU C 391 2.58 2.75 34.54
N ASP C 392 1.63 1.96 34.06
CA ASP C 392 0.29 1.77 34.65
C ASP C 392 0.32 1.42 36.14
N HIS C 393 1.28 0.59 36.56
CA HIS C 393 1.42 0.15 37.96
C HIS C 393 1.78 1.31 38.90
N LYS C 394 2.83 2.08 38.51
CA LYS C 394 3.30 3.33 39.13
C LYS C 394 2.12 4.29 39.27
N PHE C 395 1.34 4.49 38.18
CA PHE C 395 0.12 5.29 38.17
C PHE C 395 -0.85 4.73 39.26
N ASP C 396 -1.10 3.40 39.21
CA ASP C 396 -2.03 2.68 40.07
C ASP C 396 -1.80 2.86 41.56
N LEU C 397 -0.51 2.87 41.95
CA LEU C 397 0.03 3.06 43.30
C LEU C 397 -0.40 4.41 43.91
N MET C 398 -0.10 5.51 43.19
CA MET C 398 -0.45 6.88 43.58
C MET C 398 -1.95 7.13 43.46
N TYR C 399 -2.56 6.78 42.29
CA TYR C 399 -4.00 7.01 42.08
C TYR C 399 -4.87 6.37 43.13
N ALA C 400 -4.46 5.17 43.60
CA ALA C 400 -5.13 4.44 44.65
C ALA C 400 -5.43 5.38 45.83
N LYS C 401 -4.41 6.16 46.26
CA LYS C 401 -4.51 7.11 47.37
C LYS C 401 -4.79 8.54 46.88
N ARG C 402 -5.04 8.70 45.52
CA ARG C 402 -5.28 9.98 44.81
C ARG C 402 -4.19 11.00 45.08
N ALA C 403 -2.95 10.52 45.21
CA ALA C 403 -1.78 11.37 45.47
C ALA C 403 -1.53 12.30 44.29
N PHE C 404 -1.28 13.59 44.56
CA PHE C 404 -1.02 14.66 43.59
C PHE C 404 -2.21 15.08 42.73
N VAL C 405 -3.27 14.23 42.67
CA VAL C 405 -4.49 14.41 41.88
C VAL C 405 -5.08 15.83 41.92
N HIS C 406 -5.08 16.45 43.10
CA HIS C 406 -5.60 17.80 43.32
C HIS C 406 -5.03 18.87 42.43
N TRP C 407 -3.72 18.80 42.09
CA TRP C 407 -3.06 19.78 41.21
C TRP C 407 -3.71 19.80 39.83
N TYR C 408 -4.12 18.60 39.32
CA TYR C 408 -4.85 18.37 38.05
C TYR C 408 -6.24 18.96 38.14
N VAL C 409 -7.05 18.41 39.06
CA VAL C 409 -8.41 18.85 39.41
C VAL C 409 -8.48 20.38 39.63
N GLY C 410 -7.53 20.95 40.34
CA GLY C 410 -7.45 22.39 40.52
C GLY C 410 -7.38 23.16 39.20
N GLU C 411 -6.86 22.50 38.14
CA GLU C 411 -6.76 23.14 36.83
C GLU C 411 -7.99 22.94 35.92
N GLY C 412 -9.06 22.34 36.47
CA GLY C 412 -10.34 22.13 35.80
C GLY C 412 -10.64 20.71 35.39
N MET C 413 -9.72 19.81 35.70
CA MET C 413 -9.87 18.41 35.35
C MET C 413 -10.82 17.68 36.28
N GLU C 414 -11.29 16.51 35.84
CA GLU C 414 -12.21 15.67 36.61
C GLU C 414 -11.47 14.42 37.01
N GLU C 415 -11.89 13.74 38.11
CA GLU C 415 -11.31 12.46 38.53
C GLU C 415 -11.53 11.41 37.43
N GLY C 416 -12.67 11.49 36.75
CA GLY C 416 -13.05 10.60 35.65
C GLY C 416 -12.08 10.58 34.49
N GLU C 417 -11.47 11.76 34.17
CA GLU C 417 -10.49 11.91 33.10
C GLU C 417 -9.27 11.01 33.36
N PHE C 418 -9.12 10.53 34.63
CA PHE C 418 -8.06 9.62 35.07
C PHE C 418 -8.54 8.19 35.01
N SER C 419 -9.86 7.96 35.27
CA SER C 419 -10.47 6.62 35.25
C SER C 419 -10.47 6.14 33.79
N GLU C 420 -11.07 6.97 32.92
CA GLU C 420 -11.22 6.83 31.49
C GLU C 420 -9.88 6.53 30.84
N ALA C 421 -8.87 7.35 31.18
CA ALA C 421 -7.50 7.24 30.69
C ALA C 421 -6.87 5.90 31.11
N ARG C 422 -7.15 5.46 32.35
CA ARG C 422 -6.63 4.20 32.86
C ARG C 422 -7.35 3.00 32.24
N GLU C 423 -8.71 3.08 32.11
CA GLU C 423 -9.56 2.04 31.51
C GLU C 423 -9.09 1.80 30.08
N ASP C 424 -8.86 2.89 29.31
CA ASP C 424 -8.35 2.85 27.96
C ASP C 424 -7.00 2.11 27.88
N MET C 425 -6.14 2.31 28.89
CA MET C 425 -4.84 1.68 28.96
C MET C 425 -4.96 0.19 29.21
N ALA C 426 -5.92 -0.19 30.07
CA ALA C 426 -6.20 -1.59 30.38
C ALA C 426 -6.75 -2.25 29.12
N ALA C 427 -7.53 -1.50 28.30
CA ALA C 427 -8.06 -1.99 27.04
C ALA C 427 -6.86 -2.18 26.12
N LEU C 428 -6.00 -1.17 25.97
CA LEU C 428 -4.78 -1.30 25.17
C LEU C 428 -3.92 -2.49 25.63
N GLU C 429 -3.91 -2.77 26.94
CA GLU C 429 -3.18 -3.91 27.50
C GLU C 429 -3.87 -5.26 27.12
N LYS C 430 -5.21 -5.34 27.30
CA LYS C 430 -6.09 -6.47 26.95
C LYS C 430 -5.98 -6.74 25.47
N ASP C 431 -5.90 -5.67 24.66
CA ASP C 431 -5.79 -5.71 23.21
C ASP C 431 -4.51 -6.34 22.74
N TYR C 432 -3.41 -6.14 23.48
CA TYR C 432 -2.13 -6.75 23.14
C TYR C 432 -2.08 -8.23 23.54
N GLU C 433 -2.89 -8.63 24.56
CA GLU C 433 -3.05 -10.03 25.01
C GLU C 433 -3.77 -10.76 23.87
N GLU C 434 -4.97 -10.22 23.47
CA GLU C 434 -5.90 -10.69 22.43
C GLU C 434 -5.25 -10.91 21.07
N VAL C 435 -4.32 -10.02 20.70
CA VAL C 435 -3.61 -10.02 19.43
C VAL C 435 -2.57 -11.16 19.30
N GLY C 436 -1.90 -11.51 20.40
CA GLY C 436 -0.91 -12.59 20.47
C GLY C 436 -1.50 -13.99 20.59
N VAL C 437 -2.84 -14.09 20.57
CA VAL C 437 -3.59 -15.33 20.65
C VAL C 437 -3.47 -16.03 19.30
N ASP C 438 -3.18 -17.35 19.31
CA ASP C 438 -3.05 -18.12 18.07
C ASP C 438 -4.23 -19.09 17.86
N ARG D 2 8.44 33.09 36.85
CA ARG D 2 9.56 34.04 36.89
C ARG D 2 9.93 34.69 38.25
N GLU D 3 9.50 35.94 38.58
CA GLU D 3 9.89 36.64 39.85
C GLU D 3 9.07 36.40 41.11
N ILE D 4 9.73 36.45 42.27
CA ILE D 4 9.15 36.27 43.61
C ILE D 4 9.13 37.59 44.43
N VAL D 5 7.99 37.85 45.12
CA VAL D 5 7.73 38.96 46.04
C VAL D 5 7.86 38.40 47.47
N HIS D 6 8.66 39.08 48.31
CA HIS D 6 8.94 38.68 49.70
C HIS D 6 8.29 39.63 50.69
N ILE D 7 7.82 39.07 51.82
CA ILE D 7 7.21 39.85 52.90
C ILE D 7 7.74 39.32 54.21
N GLN D 8 8.37 40.17 54.99
CA GLN D 8 8.81 39.73 56.31
C GLN D 8 7.86 40.35 57.35
N ALA D 9 7.26 39.54 58.24
CA ALA D 9 6.30 40.08 59.22
C ALA D 9 6.56 39.84 60.74
N GLY D 10 6.61 40.95 61.46
CA GLY D 10 6.80 40.92 62.89
C GLY D 10 8.25 41.06 63.28
N GLN D 11 8.56 40.70 64.53
CA GLN D 11 9.92 40.76 64.98
C GLN D 11 10.69 39.65 64.33
N CYS D 12 10.32 38.40 64.63
CA CYS D 12 10.99 37.23 64.07
C CYS D 12 11.03 37.28 62.55
N GLY D 13 9.88 37.60 61.95
CA GLY D 13 9.72 37.72 60.52
C GLY D 13 10.80 38.58 59.93
N ASN D 14 10.89 39.83 60.39
CA ASN D 14 11.92 40.76 59.91
C ASN D 14 13.30 40.32 60.33
N GLN D 15 13.40 39.69 61.49
CA GLN D 15 14.71 39.27 61.98
C GLN D 15 15.37 38.24 61.07
N ILE D 16 14.66 37.14 60.78
CA ILE D 16 15.13 36.07 59.89
C ILE D 16 15.18 36.55 58.43
N GLY D 17 14.34 37.52 58.08
CA GLY D 17 14.24 38.07 56.74
C GLY D 17 15.48 38.84 56.38
N ALA D 18 15.84 39.79 57.23
CA ALA D 18 17.02 40.63 57.08
C ALA D 18 18.24 39.74 56.88
N LYS D 19 18.42 38.72 57.75
CA LYS D 19 19.52 37.79 57.59
C LYS D 19 19.48 37.03 56.26
N PHE D 20 18.28 36.60 55.79
CA PHE D 20 18.17 35.95 54.48
C PHE D 20 18.78 36.87 53.42
N TRP D 21 18.37 38.13 53.45
CA TRP D 21 18.91 39.11 52.52
C TRP D 21 20.42 39.33 52.65
N GLU D 22 21.00 39.23 53.88
CA GLU D 22 22.44 39.37 54.09
C GLU D 22 23.17 38.20 53.42
N VAL D 23 22.60 36.98 53.58
CA VAL D 23 23.14 35.73 53.11
C VAL D 23 23.13 35.68 51.61
N ILE D 24 21.95 35.88 51.02
CA ILE D 24 21.77 35.78 49.59
C ILE D 24 22.31 36.94 48.81
N SER D 25 22.53 38.08 49.45
CA SER D 25 23.06 39.20 48.69
C SER D 25 24.54 38.95 48.50
N ASP D 26 25.20 38.46 49.57
CA ASP D 26 26.61 38.07 49.56
C ASP D 26 26.83 36.96 48.53
N GLU D 27 25.93 35.94 48.52
CA GLU D 27 25.95 34.79 47.62
C GLU D 27 25.86 35.22 46.15
N HIS D 28 25.24 36.38 45.91
CA HIS D 28 25.03 36.95 44.58
C HIS D 28 26.00 38.08 44.23
N GLY D 29 27.00 38.30 45.08
CA GLY D 29 28.00 39.32 44.81
C GLY D 29 27.47 40.75 44.76
N ILE D 30 26.70 41.13 45.80
CA ILE D 30 26.07 42.44 45.99
C ILE D 30 26.58 42.99 47.32
N ASP D 31 26.98 44.28 47.33
CA ASP D 31 27.47 44.97 48.52
C ASP D 31 26.28 45.69 49.18
N PRO D 32 26.36 46.18 50.46
CA PRO D 32 25.19 46.82 51.10
C PRO D 32 24.50 47.97 50.38
N THR D 33 25.19 48.60 49.40
CA THR D 33 24.60 49.69 48.63
C THR D 33 23.63 49.14 47.60
N GLY D 34 23.97 47.99 47.02
CA GLY D 34 23.16 47.31 46.01
C GLY D 34 23.85 47.21 44.66
N SER D 35 25.14 47.58 44.64
CA SER D 35 25.96 47.56 43.45
C SER D 35 26.58 46.16 43.33
N TYR D 36 26.39 45.52 42.17
CA TYR D 36 26.96 44.20 41.94
C TYR D 36 28.48 44.32 41.83
N HIS D 37 29.23 43.55 42.62
CA HIS D 37 30.68 43.55 42.50
C HIS D 37 31.24 42.15 42.73
N GLY D 38 30.65 41.17 42.02
CA GLY D 38 31.04 39.77 42.09
C GLY D 38 31.71 39.26 40.83
N ASP D 39 32.35 38.07 40.89
CA ASP D 39 33.04 37.49 39.74
C ASP D 39 32.17 36.80 38.67
N SER D 40 31.52 35.67 39.02
CA SER D 40 30.68 34.82 38.16
C SER D 40 29.47 35.52 37.55
N ASP D 41 29.11 35.15 36.31
CA ASP D 41 27.97 35.73 35.60
C ASP D 41 26.67 35.02 35.99
N LEU D 42 26.79 33.87 36.70
CA LEU D 42 25.70 33.02 37.20
C LEU D 42 24.94 33.67 38.36
N GLN D 43 25.66 34.47 39.17
CA GLN D 43 25.13 35.23 40.31
C GLN D 43 24.04 36.19 39.81
N LEU D 44 24.04 36.53 38.49
CA LEU D 44 23.08 37.43 37.84
C LEU D 44 22.07 36.70 36.93
N GLU D 45 22.46 35.53 36.41
CA GLU D 45 21.67 34.69 35.51
C GLU D 45 20.17 34.57 35.91
N ARG D 46 19.89 34.46 37.23
CA ARG D 46 18.56 34.37 37.81
C ARG D 46 18.38 35.36 38.99
N ILE D 47 19.05 36.54 38.91
CA ILE D 47 19.02 37.56 39.98
C ILE D 47 17.69 38.25 40.13
N ASN D 48 16.94 38.33 39.02
CA ASN D 48 15.62 38.95 38.93
C ASN D 48 14.55 38.25 39.76
N VAL D 49 14.79 36.97 40.16
CA VAL D 49 13.85 36.19 40.96
C VAL D 49 13.55 36.97 42.24
N TYR D 50 14.61 37.37 42.95
CA TYR D 50 14.55 38.07 44.23
C TYR D 50 14.94 39.55 44.23
N TYR D 51 15.33 40.13 43.08
CA TYR D 51 15.77 41.52 43.00
C TYR D 51 15.16 42.31 41.87
N ASN D 52 15.20 43.62 42.00
CA ASN D 52 14.72 44.56 41.00
C ASN D 52 15.96 45.22 40.44
N GLU D 53 15.98 45.41 39.11
CA GLU D 53 17.06 46.09 38.39
C GLU D 53 16.77 47.57 38.53
N ALA D 54 17.66 48.29 39.22
CA ALA D 54 17.46 49.71 39.46
C ALA D 54 18.38 50.62 38.61
N THR D 55 18.16 51.96 38.78
CA THR D 55 18.90 53.05 38.14
C THR D 55 20.33 53.14 38.71
N GLY D 56 21.28 53.37 37.81
CA GLY D 56 22.70 53.41 38.14
C GLY D 56 23.27 52.01 38.23
N ASN D 57 22.55 51.03 37.57
CA ASN D 57 22.85 49.60 37.50
C ASN D 57 23.02 48.95 38.90
N LYS D 58 22.09 49.31 39.79
CA LYS D 58 22.01 48.85 41.17
C LYS D 58 20.88 47.82 41.22
N TYR D 59 20.93 46.90 42.21
CA TYR D 59 19.90 45.87 42.38
C TYR D 59 19.20 46.03 43.71
N VAL D 60 17.87 45.93 43.70
CA VAL D 60 17.12 46.12 44.94
C VAL D 60 16.13 44.98 45.27
N PRO D 61 16.28 44.31 46.46
CA PRO D 61 15.35 43.24 46.83
C PRO D 61 13.88 43.53 46.69
N ARG D 62 13.18 42.58 46.11
CA ARG D 62 11.74 42.59 45.97
C ARG D 62 11.26 42.06 47.34
N ALA D 63 11.24 42.95 48.34
CA ALA D 63 10.84 42.64 49.72
C ALA D 63 10.06 43.78 50.33
N ILE D 64 9.04 43.43 51.15
CA ILE D 64 8.15 44.35 51.88
C ILE D 64 8.35 44.15 53.38
N LEU D 65 8.78 45.19 54.07
CA LEU D 65 9.01 45.04 55.50
C LEU D 65 7.75 45.45 56.27
N VAL D 66 7.16 44.50 57.05
CA VAL D 66 5.92 44.74 57.82
C VAL D 66 5.97 44.36 59.31
N ASP D 67 5.45 45.26 60.19
CA ASP D 67 5.34 45.13 61.65
C ASP D 67 4.40 46.21 62.22
N LEU D 68 3.93 45.94 63.44
CA LEU D 68 3.03 46.81 64.21
C LEU D 68 3.76 47.64 65.31
N GLU D 69 5.11 47.53 65.37
CA GLU D 69 6.02 48.27 66.25
C GLU D 69 7.17 48.77 65.38
N PRO D 70 7.66 50.01 65.54
CA PRO D 70 8.81 50.46 64.73
C PRO D 70 10.12 49.74 65.04
N GLY D 71 10.26 49.30 66.30
CA GLY D 71 11.39 48.59 66.88
C GLY D 71 12.33 47.81 65.97
N THR D 72 11.93 46.57 65.58
CA THR D 72 12.75 45.70 64.72
C THR D 72 13.08 46.29 63.36
N MET D 73 12.17 47.10 62.79
CA MET D 73 12.38 47.78 61.51
C MET D 73 13.50 48.81 61.62
N ASP D 74 13.71 49.34 62.81
CA ASP D 74 14.78 50.30 63.06
C ASP D 74 16.08 49.51 63.20
N SER D 75 16.05 48.40 63.96
CA SER D 75 17.19 47.50 64.14
C SER D 75 17.73 47.14 62.74
N VAL D 76 16.81 46.74 61.83
CA VAL D 76 17.10 46.34 60.46
C VAL D 76 17.74 47.48 59.67
N ARG D 77 17.14 48.69 59.72
CA ARG D 77 17.61 49.90 59.03
C ARG D 77 19.03 50.28 59.42
N SER D 78 19.28 50.36 60.74
CA SER D 78 20.58 50.68 61.35
C SER D 78 21.58 49.53 61.12
N GLY D 79 21.06 48.38 60.67
CA GLY D 79 21.83 47.18 60.40
C GLY D 79 22.67 47.24 59.14
N PRO D 80 23.51 46.20 58.94
CA PRO D 80 24.42 46.14 57.77
C PRO D 80 23.87 46.52 56.40
N PHE D 81 23.10 45.61 55.78
CA PHE D 81 22.56 45.83 54.45
C PHE D 81 21.45 46.86 54.42
N GLY D 82 20.62 46.88 55.47
CA GLY D 82 19.50 47.80 55.74
C GLY D 82 19.21 48.91 54.73
N GLN D 83 20.25 49.66 54.34
CA GLN D 83 20.12 50.73 53.35
C GLN D 83 19.91 50.16 51.93
N ILE D 84 19.98 48.82 51.80
CA ILE D 84 19.79 48.05 50.56
C ILE D 84 18.33 48.02 50.08
N PHE D 85 17.37 47.90 51.03
CA PHE D 85 15.92 47.83 50.78
C PHE D 85 15.36 49.18 50.39
N ARG D 86 14.32 49.16 49.52
CA ARG D 86 13.57 50.36 49.11
C ARG D 86 12.80 50.84 50.36
N PRO D 87 13.01 52.11 50.82
CA PRO D 87 12.40 52.52 52.10
C PRO D 87 10.89 52.78 52.11
N ASP D 88 10.28 52.66 50.94
CA ASP D 88 8.86 52.85 50.72
C ASP D 88 8.10 51.59 51.13
N ASN D 89 8.80 50.44 51.03
CA ASN D 89 8.34 49.08 51.35
C ASN D 89 8.19 48.82 52.87
N PHE D 90 8.79 49.68 53.70
CA PHE D 90 8.72 49.60 55.15
C PHE D 90 7.33 50.07 55.60
N VAL D 91 6.41 49.12 55.74
CA VAL D 91 5.02 49.42 56.11
C VAL D 91 4.88 49.12 57.60
N PHE D 92 5.01 50.17 58.40
CA PHE D 92 5.02 50.06 59.86
C PHE D 92 3.95 50.83 60.61
N GLY D 93 3.62 50.32 61.79
CA GLY D 93 2.67 50.89 62.72
C GLY D 93 3.33 51.08 64.07
N GLN D 94 2.72 51.87 64.95
CA GLN D 94 3.31 52.09 66.27
C GLN D 94 2.57 51.39 67.39
N SER D 95 1.31 51.00 67.11
CA SER D 95 0.39 50.34 68.03
C SER D 95 1.00 49.20 68.85
N GLY D 96 1.61 48.23 68.17
CA GLY D 96 2.11 47.01 68.76
C GLY D 96 0.99 45.99 68.68
N ALA D 97 1.31 44.68 68.78
CA ALA D 97 0.33 43.58 68.69
C ALA D 97 0.26 42.82 69.99
N GLY D 98 1.12 43.21 70.92
CA GLY D 98 1.21 42.66 72.27
C GLY D 98 1.17 41.16 72.38
N ASN D 99 1.75 40.47 71.35
CA ASN D 99 1.81 39.01 71.19
C ASN D 99 0.40 38.43 71.18
N ASN D 100 -0.51 39.15 70.49
CA ASN D 100 -1.90 38.79 70.41
C ASN D 100 -2.34 38.68 68.94
N TRP D 101 -2.66 37.44 68.51
CA TRP D 101 -3.10 37.08 67.16
C TRP D 101 -4.22 38.00 66.67
N ALA D 102 -5.27 38.16 67.53
CA ALA D 102 -6.43 39.01 67.28
C ALA D 102 -6.05 40.47 67.06
N LYS D 103 -4.99 41.01 67.72
CA LYS D 103 -4.54 42.39 67.46
C LYS D 103 -3.96 42.43 66.05
N GLY D 104 -3.29 41.35 65.65
CA GLY D 104 -2.68 41.21 64.34
C GLY D 104 -3.65 40.92 63.22
N HIS D 105 -4.40 39.81 63.34
CA HIS D 105 -5.38 39.35 62.35
C HIS D 105 -6.58 40.30 62.24
N TYR D 106 -7.26 40.56 63.38
CA TYR D 106 -8.45 41.40 63.42
C TYR D 106 -8.29 42.89 63.68
N THR D 107 -8.00 43.27 64.92
CA THR D 107 -8.02 44.65 65.34
C THR D 107 -6.97 45.60 64.69
N GLU D 108 -5.78 45.68 65.30
CA GLU D 108 -4.66 46.55 64.92
C GLU D 108 -4.07 46.25 63.53
N GLY D 109 -3.89 44.97 63.23
CA GLY D 109 -3.33 44.50 61.98
C GLY D 109 -4.07 45.00 60.77
N ALA D 110 -5.40 44.76 60.74
CA ALA D 110 -6.28 45.18 59.66
C ALA D 110 -6.11 46.66 59.25
N GLU D 111 -5.91 47.59 60.22
CA GLU D 111 -5.74 49.02 59.90
C GLU D 111 -4.53 49.29 58.98
N LEU D 112 -3.44 48.53 59.16
CA LEU D 112 -2.26 48.67 58.31
C LEU D 112 -2.35 47.77 57.03
N VAL D 113 -3.04 46.62 57.12
CA VAL D 113 -3.14 45.68 56.01
C VAL D 113 -3.30 46.30 54.62
N ASP D 114 -4.22 47.26 54.42
CA ASP D 114 -4.43 47.83 53.08
C ASP D 114 -3.29 48.65 52.58
N SER D 115 -2.52 49.24 53.50
CA SER D 115 -1.35 50.03 53.13
C SER D 115 -0.24 49.08 52.64
N VAL D 116 -0.19 47.87 53.24
CA VAL D 116 0.76 46.83 52.90
C VAL D 116 0.44 46.34 51.50
N LEU D 117 -0.83 45.97 51.25
CA LEU D 117 -1.30 45.46 49.97
C LEU D 117 -1.00 46.41 48.83
N ASP D 118 -1.08 47.72 49.07
CA ASP D 118 -0.77 48.71 48.04
C ASP D 118 0.65 48.49 47.54
N VAL D 119 1.61 48.29 48.48
CA VAL D 119 3.03 48.02 48.24
C VAL D 119 3.26 46.64 47.58
N VAL D 120 2.47 45.62 47.96
CA VAL D 120 2.63 44.31 47.35
C VAL D 120 2.11 44.35 45.92
N ARG D 121 1.01 45.11 45.68
CA ARG D 121 0.45 45.32 44.35
C ARG D 121 1.42 46.13 43.51
N LYS D 122 2.24 46.98 44.13
CA LYS D 122 3.21 47.73 43.36
C LYS D 122 4.32 46.82 42.88
N GLU D 123 4.85 45.93 43.76
CA GLU D 123 5.92 44.99 43.42
C GLU D 123 5.49 43.90 42.44
N SER D 124 4.20 43.54 42.45
CA SER D 124 3.59 42.59 41.52
C SER D 124 3.47 43.20 40.12
N GLU D 125 3.29 44.53 40.03
CA GLU D 125 3.18 45.20 38.74
C GLU D 125 4.54 45.32 38.07
N SER D 126 5.60 45.63 38.86
CA SER D 126 6.98 45.71 38.41
C SER D 126 7.43 44.38 37.74
N CYS D 127 6.78 43.23 38.14
CA CYS D 127 7.06 41.87 37.69
C CYS D 127 6.74 41.61 36.23
N ASP D 128 7.63 40.83 35.56
CA ASP D 128 7.52 40.38 34.17
C ASP D 128 6.60 39.15 34.11
N CYS D 129 6.74 38.28 35.13
CA CYS D 129 5.95 37.08 35.37
C CYS D 129 6.08 36.73 36.84
N LEU D 130 5.02 36.97 37.64
CA LEU D 130 5.06 36.69 39.07
C LEU D 130 4.96 35.19 39.27
N GLN D 131 5.90 34.64 40.03
CA GLN D 131 5.96 33.21 40.32
C GLN D 131 4.97 32.92 41.43
N GLY D 132 5.24 33.53 42.59
CA GLY D 132 4.46 33.50 43.81
C GLY D 132 4.96 34.46 44.89
N PHE D 133 4.63 34.17 46.14
CA PHE D 133 5.01 34.97 47.30
C PHE D 133 5.67 34.12 48.37
N GLN D 134 6.50 34.77 49.17
CA GLN D 134 7.18 34.15 50.27
C GLN D 134 7.17 35.05 51.51
N LEU D 135 6.66 34.49 52.63
CA LEU D 135 6.54 35.15 53.93
C LEU D 135 7.46 34.54 54.99
N THR D 136 8.17 35.42 55.70
CA THR D 136 8.97 34.99 56.84
C THR D 136 8.25 35.55 58.05
N HIS D 137 7.83 34.66 58.98
CA HIS D 137 7.07 35.08 60.15
C HIS D 137 7.15 34.11 61.32
N SER D 138 6.98 34.67 62.53
CA SER D 138 6.92 33.98 63.83
C SER D 138 5.51 33.39 63.97
N LEU D 139 5.36 32.22 64.57
CA LEU D 139 3.97 31.75 64.76
C LEU D 139 3.39 32.00 66.18
N GLY D 140 4.23 32.46 67.11
CA GLY D 140 3.84 32.72 68.48
C GLY D 140 3.55 34.16 68.89
N GLY D 141 3.89 35.13 68.03
CA GLY D 141 3.69 36.54 68.33
C GLY D 141 2.35 37.11 67.94
N GLY D 142 2.36 38.33 67.46
CA GLY D 142 1.14 39.01 67.05
C GLY D 142 1.12 39.35 65.58
N THR D 143 2.12 40.15 65.12
CA THR D 143 2.28 40.57 63.73
C THR D 143 2.59 39.38 62.79
N GLY D 144 3.55 38.55 63.16
CA GLY D 144 3.89 37.35 62.39
C GLY D 144 2.76 36.36 62.26
N SER D 145 2.16 36.02 63.38
CA SER D 145 1.03 35.07 63.42
C SER D 145 -0.31 35.68 62.97
N GLY D 146 -0.64 36.89 63.40
CA GLY D 146 -1.92 37.48 63.06
C GLY D 146 -1.94 38.19 61.73
N MET D 147 -1.19 39.29 61.65
CA MET D 147 -1.08 40.09 60.44
C MET D 147 -0.42 39.30 59.27
N GLY D 148 0.42 38.31 59.61
CA GLY D 148 1.05 37.43 58.62
C GLY D 148 0.00 36.67 57.84
N THR D 149 -0.82 35.90 58.59
CA THR D 149 -1.93 35.06 58.10
C THR D 149 -3.05 35.88 57.48
N LEU D 150 -3.18 37.12 57.95
CA LEU D 150 -4.14 38.06 57.41
C LEU D 150 -3.68 38.42 56.00
N LEU D 151 -2.40 38.78 55.84
CA LEU D 151 -1.81 39.14 54.56
C LEU D 151 -1.86 38.01 53.55
N ILE D 152 -1.56 36.79 54.03
CA ILE D 152 -1.60 35.58 53.23
C ILE D 152 -2.97 35.55 52.57
N SER D 153 -4.07 35.53 53.41
CA SER D 153 -5.48 35.51 52.99
CA SER D 153 -5.47 35.51 52.98
C SER D 153 -5.83 36.67 52.06
N LYS D 154 -5.49 37.91 52.45
CA LYS D 154 -5.79 39.05 51.62
C LYS D 154 -5.08 39.00 50.26
N ILE D 155 -3.80 38.51 50.22
CA ILE D 155 -3.01 38.31 48.98
C ILE D 155 -3.70 37.23 48.12
N ARG D 156 -3.98 36.06 48.75
CA ARG D 156 -4.67 34.91 48.15
C ARG D 156 -5.95 35.34 47.38
N GLU D 157 -6.69 36.34 47.88
CA GLU D 157 -7.90 36.86 47.24
C GLU D 157 -7.51 37.44 45.92
N GLU D 158 -6.46 38.28 45.91
CA GLU D 158 -5.94 38.98 44.75
C GLU D 158 -5.11 38.13 43.78
N TYR D 159 -4.34 37.15 44.30
CA TYR D 159 -3.47 36.31 43.48
C TYR D 159 -3.73 34.88 43.79
N PRO D 160 -4.90 34.37 43.38
CA PRO D 160 -5.20 32.94 43.67
C PRO D 160 -4.39 31.98 42.78
N ASP D 161 -3.94 32.51 41.63
CA ASP D 161 -3.13 31.87 40.59
C ASP D 161 -1.68 31.59 41.03
N ARG D 162 -1.13 32.40 41.95
CA ARG D 162 0.25 32.34 42.43
C ARG D 162 0.52 31.41 43.63
N ILE D 163 1.82 31.10 43.86
CA ILE D 163 2.23 30.18 44.91
C ILE D 163 2.44 30.91 46.22
N MET D 164 1.77 30.50 47.28
CA MET D 164 1.96 31.10 48.58
C MET D 164 2.81 30.14 49.40
N ASN D 165 4.08 30.54 49.58
CA ASN D 165 5.11 29.78 50.28
C ASN D 165 5.55 30.54 51.55
N THR D 166 5.64 29.84 52.73
CA THR D 166 6.08 30.47 54.03
C THR D 166 7.28 29.80 54.74
N PHE D 167 7.94 30.59 55.61
CA PHE D 167 9.02 30.14 56.50
C PHE D 167 8.47 30.41 57.89
N SER D 168 7.71 29.46 58.41
CA SER D 168 7.00 29.63 59.66
C SER D 168 7.79 29.10 60.84
N VAL D 169 8.12 29.99 61.77
CA VAL D 169 8.91 29.56 62.91
C VAL D 169 8.08 29.25 64.15
N MET D 170 8.03 27.93 64.43
CA MET D 170 7.32 27.25 65.51
C MET D 170 7.85 27.61 66.87
N PRO D 171 6.94 27.93 67.81
CA PRO D 171 7.41 28.32 69.14
C PRO D 171 7.61 27.12 70.07
N SER D 172 8.70 27.19 70.81
CA SER D 172 9.04 26.20 71.81
C SER D 172 9.06 26.92 73.16
N PRO D 173 8.63 26.25 74.27
CA PRO D 173 8.75 26.92 75.60
C PRO D 173 10.21 26.98 76.06
N LYS D 174 11.08 26.13 75.44
CA LYS D 174 12.51 26.03 75.66
C LYS D 174 13.13 27.38 75.33
N VAL D 175 12.49 28.13 74.40
CA VAL D 175 12.98 29.44 73.95
C VAL D 175 12.20 30.70 74.37
N SER D 176 10.88 30.56 74.67
CA SER D 176 10.05 31.70 75.04
C SER D 176 8.99 31.40 76.08
N ASP D 177 8.90 32.31 77.07
CA ASP D 177 7.98 32.29 78.22
C ASP D 177 6.53 32.70 77.93
N THR D 178 6.27 33.53 76.88
CA THR D 178 4.93 33.97 76.49
C THR D 178 4.00 32.76 76.44
N VAL D 179 3.21 32.60 77.51
CA VAL D 179 2.25 31.52 77.75
C VAL D 179 1.24 31.35 76.65
N VAL D 180 0.73 32.44 76.08
CA VAL D 180 -0.28 32.46 75.03
C VAL D 180 0.24 32.03 73.65
N GLU D 181 1.54 31.69 73.52
CA GLU D 181 2.10 31.26 72.24
C GLU D 181 1.38 30.08 71.63
N PRO D 182 0.91 29.05 72.39
CA PRO D 182 0.20 27.94 71.74
C PRO D 182 -1.15 28.35 71.14
N TYR D 183 -1.81 29.37 71.75
CA TYR D 183 -3.06 29.89 71.23
C TYR D 183 -2.77 30.42 69.84
N ASN D 184 -1.83 31.42 69.75
CA ASN D 184 -1.35 32.06 68.51
C ASN D 184 -0.84 31.03 67.48
N ALA D 185 -0.07 30.00 67.94
CA ALA D 185 0.44 28.96 67.07
C ALA D 185 -0.71 28.30 66.35
N THR D 186 -1.64 27.67 67.13
CA THR D 186 -2.82 26.93 66.69
C THR D 186 -3.69 27.73 65.73
N LEU D 187 -3.97 28.99 66.03
CA LEU D 187 -4.77 29.84 65.15
C LEU D 187 -4.11 30.06 63.79
N SER D 188 -2.77 30.20 63.78
CA SER D 188 -1.98 30.43 62.58
C SER D 188 -1.86 29.18 61.74
N VAL D 189 -1.68 28.02 62.38
CA VAL D 189 -1.54 26.76 61.65
C VAL D 189 -2.75 26.51 60.74
N HIS D 190 -3.95 26.86 61.25
CA HIS D 190 -5.19 26.73 60.50
C HIS D 190 -5.19 27.57 59.23
N GLN D 191 -4.77 28.81 59.37
CA GLN D 191 -4.66 29.72 58.24
C GLN D 191 -3.70 29.16 57.18
N LEU D 192 -2.61 28.50 57.64
CA LEU D 192 -1.60 27.89 56.78
C LEU D 192 -2.19 26.71 56.04
N VAL D 193 -2.72 25.74 56.79
CA VAL D 193 -3.35 24.54 56.27
C VAL D 193 -4.35 24.76 55.11
N GLU D 194 -4.82 26.03 54.88
CA GLU D 194 -5.80 26.41 53.85
C GLU D 194 -5.30 27.49 52.83
N ASN D 195 -4.31 28.31 53.23
CA ASN D 195 -3.85 29.42 52.37
C ASN D 195 -2.41 29.36 51.85
N THR D 196 -1.67 28.29 52.12
CA THR D 196 -0.29 28.27 51.62
C THR D 196 -0.08 27.01 50.82
N ASP D 197 0.67 27.12 49.70
CA ASP D 197 0.98 25.99 48.82
C ASP D 197 2.04 25.16 49.49
N GLU D 198 3.07 25.80 50.04
CA GLU D 198 4.08 25.12 50.86
C GLU D 198 4.58 25.93 52.03
N THR D 199 4.91 25.25 53.13
CA THR D 199 5.42 25.87 54.37
C THR D 199 6.62 25.06 54.89
N TYR D 200 7.73 25.77 55.24
CA TYR D 200 8.94 25.16 55.82
C TYR D 200 8.87 25.39 57.30
N SER D 201 8.80 24.28 58.05
CA SER D 201 8.63 24.27 59.48
C SER D 201 9.95 24.45 60.29
N ILE D 202 10.21 25.72 60.66
CA ILE D 202 11.40 26.13 61.43
C ILE D 202 10.98 26.08 62.86
N ASP D 203 11.48 25.14 63.59
CA ASP D 203 11.04 24.99 64.94
C ASP D 203 12.11 25.31 65.96
N ASN D 204 11.90 26.43 66.70
CA ASN D 204 12.75 26.90 67.78
C ASN D 204 13.10 25.78 68.80
N GLU D 205 12.34 24.66 68.85
CA GLU D 205 12.72 23.59 69.79
C GLU D 205 13.96 22.95 69.26
N ALA D 206 13.99 22.68 67.93
CA ALA D 206 15.12 22.07 67.22
C ALA D 206 16.31 23.04 67.19
N LEU D 207 16.03 24.28 66.82
CA LEU D 207 17.03 25.32 66.77
C LEU D 207 17.79 25.44 68.08
N TYR D 208 17.08 25.51 69.20
CA TYR D 208 17.70 25.60 70.52
C TYR D 208 18.55 24.35 70.80
N ASP D 209 17.94 23.19 70.67
CA ASP D 209 18.60 21.91 70.91
C ASP D 209 19.84 21.70 70.04
N ILE D 210 19.87 22.32 68.85
CA ILE D 210 21.03 22.21 67.96
C ILE D 210 22.15 23.00 68.61
N CYS D 211 21.97 24.33 68.71
CA CYS D 211 22.91 25.28 69.32
C CYS D 211 23.41 24.89 70.68
N PHE D 212 22.68 24.02 71.37
CA PHE D 212 23.02 23.60 72.71
C PHE D 212 23.67 22.22 72.78
N ARG D 213 22.96 21.18 72.37
CA ARG D 213 23.45 19.80 72.37
C ARG D 213 24.58 19.52 71.33
N THR D 214 24.61 20.27 70.22
CA THR D 214 25.56 20.07 69.11
C THR D 214 26.66 21.10 69.07
N LEU D 215 26.29 22.38 68.83
CA LEU D 215 27.20 23.53 68.74
C LEU D 215 27.71 23.97 70.12
N LYS D 216 27.26 23.28 71.17
CA LYS D 216 27.64 23.49 72.56
C LYS D 216 27.70 24.96 73.07
N LEU D 217 26.82 25.81 72.55
CA LEU D 217 26.74 27.19 73.02
C LEU D 217 25.79 27.14 74.21
N THR D 218 26.30 27.38 75.42
CA THR D 218 25.50 27.26 76.66
C THR D 218 24.24 28.13 76.63
N THR D 219 24.42 29.43 76.30
CA THR D 219 23.31 30.37 76.28
C THR D 219 23.15 30.87 74.86
N PRO D 220 22.38 30.13 74.04
CA PRO D 220 22.28 30.50 72.64
C PRO D 220 21.43 31.73 72.39
N THR D 221 21.96 32.70 71.64
CA THR D 221 21.18 33.88 71.33
C THR D 221 20.32 33.67 70.08
N TYR D 222 19.58 34.70 69.67
CA TYR D 222 18.76 34.60 68.49
C TYR D 222 19.62 34.60 67.28
N GLY D 223 20.73 35.36 67.36
CA GLY D 223 21.74 35.42 66.30
C GLY D 223 22.28 34.06 65.99
N ASP D 224 22.40 33.21 67.01
CA ASP D 224 22.86 31.83 66.89
C ASP D 224 21.82 30.96 66.21
N LEU D 225 20.51 31.19 66.52
CA LEU D 225 19.40 30.40 65.94
C LEU D 225 19.11 30.85 64.51
N ASN D 226 19.07 32.17 64.27
CA ASN D 226 18.85 32.76 62.95
C ASN D 226 19.90 32.33 61.94
N HIS D 227 21.11 32.01 62.42
CA HIS D 227 22.21 31.52 61.60
C HIS D 227 21.79 30.18 60.97
N LEU D 228 21.10 29.34 61.73
CA LEU D 228 20.61 28.09 61.17
C LEU D 228 19.49 28.37 60.16
N VAL D 229 18.51 29.25 60.52
CA VAL D 229 17.39 29.63 59.65
C VAL D 229 17.92 30.06 58.28
N SER D 230 18.88 30.99 58.28
CA SER D 230 19.50 31.55 57.08
C SER D 230 20.24 30.48 56.28
N ALA D 231 21.03 29.62 56.95
CA ALA D 231 21.78 28.56 56.28
C ALA D 231 20.81 27.71 55.46
N THR D 232 19.70 27.31 56.12
CA THR D 232 18.58 26.55 55.57
C THR D 232 17.93 27.31 54.38
N MET D 233 17.57 28.60 54.57
CA MET D 233 16.90 29.41 53.55
C MET D 233 17.65 29.53 52.26
N SER D 234 18.96 29.82 52.29
CA SER D 234 19.78 29.87 51.07
C SER D 234 19.72 28.48 50.42
N GLY D 235 19.79 27.44 51.25
CA GLY D 235 19.69 26.07 50.81
C GLY D 235 18.39 25.78 50.08
N VAL D 236 17.24 25.90 50.79
CA VAL D 236 15.89 25.62 50.24
C VAL D 236 15.55 26.43 48.99
N THR D 237 16.26 27.54 48.76
CA THR D 237 16.04 28.41 47.60
C THR D 237 17.22 28.41 46.64
N THR D 238 18.06 27.33 46.61
CA THR D 238 19.23 27.34 45.73
C THR D 238 18.85 27.24 44.27
N CYS D 239 18.05 26.24 43.93
CA CYS D 239 17.67 26.04 42.54
C CYS D 239 16.76 27.13 42.07
N LEU D 240 16.28 27.96 43.01
CA LEU D 240 15.41 29.06 42.68
C LEU D 240 16.23 30.20 42.18
N ARG D 241 17.45 30.31 42.69
CA ARG D 241 18.38 31.40 42.43
C ARG D 241 19.51 31.02 41.50
N PHE D 242 20.02 29.80 41.59
CA PHE D 242 21.14 29.39 40.76
C PHE D 242 20.82 28.52 39.54
N PRO D 243 21.52 28.75 38.41
CA PRO D 243 21.27 27.91 37.21
C PRO D 243 22.00 26.56 37.29
N GLY D 244 21.25 25.48 37.06
CA GLY D 244 21.78 24.12 37.10
C GLY D 244 21.15 23.22 36.07
N GLN D 245 20.75 22.02 36.51
CA GLN D 245 20.08 21.02 35.68
C GLN D 245 18.53 21.07 35.83
N LEU D 246 18.01 22.30 36.07
CA LEU D 246 16.61 22.74 36.21
C LEU D 246 16.68 24.27 36.51
N ASN D 247 15.62 25.10 36.29
CA ASN D 247 14.16 24.98 36.00
C ASN D 247 13.28 24.44 37.19
N ALA D 248 13.19 25.14 38.37
CA ALA D 248 13.66 26.47 38.86
C ALA D 248 12.41 27.20 39.33
N ASP D 249 11.31 26.45 39.39
CA ASP D 249 9.99 26.97 39.68
C ASP D 249 9.41 26.50 41.00
N LEU D 250 8.64 27.40 41.65
CA LEU D 250 7.94 27.15 42.90
C LEU D 250 6.80 26.16 42.69
N ARG D 251 5.96 26.40 41.63
CA ARG D 251 4.83 25.52 41.30
C ARG D 251 5.29 24.12 41.05
N LYS D 252 6.38 23.98 40.26
CA LYS D 252 7.00 22.70 39.94
C LYS D 252 7.39 21.97 41.25
N LEU D 253 8.06 22.68 42.18
CA LEU D 253 8.40 22.09 43.50
C LEU D 253 7.14 21.56 44.23
N ALA D 254 6.12 22.49 44.42
CA ALA D 254 4.80 22.25 45.02
C ALA D 254 4.09 20.99 44.45
N VAL D 255 3.91 20.92 43.11
CA VAL D 255 3.24 19.81 42.41
C VAL D 255 3.88 18.47 42.69
N ASN D 256 5.20 18.46 42.92
CA ASN D 256 5.98 17.24 43.21
C ASN D 256 6.12 16.95 44.67
N MET D 257 6.28 17.98 45.47
CA MET D 257 6.49 17.82 46.89
C MET D 257 5.19 17.70 47.70
N VAL D 258 4.05 18.19 47.15
CA VAL D 258 2.78 18.19 47.86
C VAL D 258 1.82 17.22 47.28
N PRO D 259 1.66 16.00 47.85
CA PRO D 259 0.71 15.02 47.28
C PRO D 259 -0.75 15.30 47.65
N PHE D 260 -1.00 15.71 48.90
CA PHE D 260 -2.30 16.02 49.45
C PHE D 260 -2.31 17.49 49.86
N PRO D 261 -3.34 18.29 49.50
CA PRO D 261 -3.25 19.75 49.71
C PRO D 261 -3.07 20.23 51.14
N ARG D 262 -3.83 19.69 52.09
CA ARG D 262 -3.71 20.12 53.48
C ARG D 262 -2.29 19.85 54.02
N LEU D 263 -1.60 18.82 53.50
CA LEU D 263 -0.25 18.43 53.93
C LEU D 263 0.95 19.00 53.07
N HIS D 264 1.26 20.28 53.31
CA HIS D 264 2.31 21.09 52.66
C HIS D 264 3.32 21.68 53.66
N PHE D 265 3.50 20.98 54.81
CA PHE D 265 4.38 21.39 55.89
C PHE D 265 5.62 20.55 55.81
N PHE D 266 6.76 21.20 55.51
CA PHE D 266 8.04 20.55 55.31
C PHE D 266 8.97 20.65 56.48
N MET D 267 9.72 19.58 56.66
CA MET D 267 10.72 19.42 57.69
C MET D 267 12.08 19.77 57.04
N PRO D 268 12.59 21.02 57.17
CA PRO D 268 13.90 21.31 56.61
C PRO D 268 14.98 20.68 57.49
N GLY D 269 16.17 20.54 56.93
CA GLY D 269 17.34 19.98 57.59
C GLY D 269 18.57 20.39 56.84
N PHE D 270 19.71 20.52 57.51
CA PHE D 270 20.93 20.97 56.83
C PHE D 270 22.18 20.24 57.35
N ALA D 271 23.15 20.07 56.46
CA ALA D 271 24.47 19.53 56.79
C ALA D 271 25.51 20.30 55.96
N PRO D 272 26.58 20.81 56.60
CA PRO D 272 26.96 20.65 58.00
C PRO D 272 26.40 21.73 58.92
N LEU D 273 26.36 21.42 60.22
CA LEU D 273 25.89 22.36 61.21
C LEU D 273 27.10 23.16 61.74
N THR D 274 27.12 24.45 61.43
CA THR D 274 28.18 25.36 61.84
C THR D 274 27.73 26.42 62.83
N SER D 275 28.67 26.87 63.68
CA SER D 275 28.45 27.96 64.62
C SER D 275 28.47 29.29 63.86
N ARG D 276 27.65 30.28 64.30
CA ARG D 276 27.55 31.60 63.68
C ARG D 276 28.97 32.17 63.50
N GLY D 277 29.29 32.65 62.31
CA GLY D 277 30.59 33.26 62.02
C GLY D 277 31.84 32.56 62.54
N SER D 278 31.92 31.25 62.33
CA SER D 278 33.09 30.45 62.72
C SER D 278 33.75 29.85 61.46
N GLN D 279 35.12 29.96 61.34
CA GLN D 279 35.84 29.39 60.19
C GLN D 279 35.80 27.88 60.22
N GLN D 280 35.40 27.27 59.08
CA GLN D 280 35.32 25.82 58.88
C GLN D 280 36.75 25.29 58.66
N TYR D 281 37.09 24.15 59.29
CA TYR D 281 38.43 23.54 59.15
C TYR D 281 38.47 22.50 58.02
N ARG D 282 38.02 21.25 58.29
CA ARG D 282 37.98 20.21 57.25
C ARG D 282 36.55 19.92 56.75
N ALA D 283 36.37 19.86 55.41
CA ALA D 283 35.08 19.56 54.76
C ALA D 283 34.69 18.08 54.91
N LEU D 284 33.38 17.82 54.83
CA LEU D 284 32.81 16.48 54.93
C LEU D 284 32.81 15.76 53.60
N THR D 285 32.92 14.43 53.63
CA THR D 285 32.88 13.56 52.45
C THR D 285 31.42 13.49 52.01
N VAL D 286 31.14 13.01 50.78
CA VAL D 286 29.75 12.86 50.33
C VAL D 286 28.93 11.95 51.24
N PRO D 287 29.44 10.79 51.75
CA PRO D 287 28.60 9.98 52.67
C PRO D 287 28.26 10.73 53.94
N GLU D 288 29.23 11.46 54.51
CA GLU D 288 29.02 12.26 55.72
C GLU D 288 27.86 13.22 55.50
N LEU D 289 27.89 13.97 54.38
CA LEU D 289 26.83 14.88 54.00
C LEU D 289 25.48 14.20 53.85
N THR D 290 25.45 12.98 53.28
CA THR D 290 24.24 12.21 53.00
C THR D 290 23.61 11.71 54.28
N GLN D 291 24.44 11.07 55.13
CA GLN D 291 24.06 10.48 56.41
C GLN D 291 23.53 11.51 57.38
N GLN D 292 24.27 12.64 57.48
CA GLN D 292 23.96 13.76 58.37
C GLN D 292 22.61 14.36 58.00
N MET D 293 22.48 14.80 56.76
CA MET D 293 21.30 15.39 56.18
C MET D 293 20.01 14.62 56.48
N PHE D 294 20.04 13.27 56.42
CA PHE D 294 18.90 12.38 56.69
C PHE D 294 18.73 11.99 58.20
N ASP D 295 19.52 12.63 59.10
CA ASP D 295 19.51 12.40 60.54
C ASP D 295 18.68 13.43 61.30
N SER D 296 17.91 12.93 62.30
CA SER D 296 17.02 13.66 63.21
C SER D 296 17.73 14.86 63.84
N LYS D 297 19.03 14.69 64.17
CA LYS D 297 19.89 15.70 64.80
C LYS D 297 20.19 16.88 63.87
N ASN D 298 19.93 16.71 62.56
CA ASN D 298 20.20 17.74 61.56
C ASN D 298 18.92 18.42 61.04
N MET D 299 17.75 18.00 61.59
CA MET D 299 16.42 18.51 61.23
C MET D 299 16.11 19.82 61.87
N MET D 300 15.47 20.73 61.12
CA MET D 300 15.08 22.06 61.57
C MET D 300 13.80 22.10 62.32
N ALA D 301 13.17 20.94 62.45
CA ALA D 301 11.93 20.72 63.16
C ALA D 301 12.16 19.51 64.06
N ALA D 302 11.88 19.71 65.37
CA ALA D 302 11.99 18.69 66.42
C ALA D 302 10.95 17.55 66.27
N CYS D 303 11.12 16.70 65.24
CA CYS D 303 10.33 15.49 64.98
C CYS D 303 11.33 14.46 64.51
N ASP D 304 11.10 13.20 64.90
CA ASP D 304 12.00 12.14 64.50
C ASP D 304 11.47 11.52 63.21
N PRO D 305 12.21 11.73 62.11
CA PRO D 305 11.78 11.18 60.83
C PRO D 305 11.64 9.67 60.82
N ARG D 306 12.28 8.98 61.80
CA ARG D 306 12.17 7.53 61.87
C ARG D 306 10.89 7.12 62.58
N HIS D 307 10.16 8.11 63.13
CA HIS D 307 8.89 7.87 63.77
C HIS D 307 7.71 7.98 62.82
N GLY D 308 7.99 8.41 61.60
CA GLY D 308 7.01 8.57 60.54
C GLY D 308 7.49 8.01 59.23
N ARG D 309 6.90 8.51 58.12
CA ARG D 309 7.20 8.09 56.76
C ARG D 309 7.23 9.25 55.73
N TYR D 310 8.29 9.29 54.92
CA TYR D 310 8.48 10.30 53.89
C TYR D 310 7.57 10.08 52.69
N LEU D 311 6.72 11.06 52.41
CA LEU D 311 5.87 11.02 51.23
C LEU D 311 6.77 11.48 50.10
N THR D 312 7.40 12.66 50.25
CA THR D 312 8.28 13.22 49.25
C THR D 312 9.56 13.74 49.89
N VAL D 313 10.70 13.63 49.20
CA VAL D 313 11.99 14.17 49.67
C VAL D 313 12.72 14.87 48.52
N ALA D 314 13.18 16.09 48.77
CA ALA D 314 14.03 16.83 47.85
C ALA D 314 15.29 17.19 48.64
N ALA D 315 16.46 16.81 48.11
CA ALA D 315 17.75 17.06 48.73
C ALA D 315 18.66 17.83 47.77
N VAL D 316 19.24 18.96 48.24
CA VAL D 316 20.10 19.83 47.44
C VAL D 316 21.52 19.87 47.95
N PHE D 317 22.45 19.37 47.11
CA PHE D 317 23.86 19.34 47.40
C PHE D 317 24.53 20.51 46.75
N ARG D 318 25.36 21.22 47.52
CA ARG D 318 26.13 22.37 47.04
C ARG D 318 27.65 22.09 47.13
N GLY D 319 28.40 22.80 46.29
CA GLY D 319 29.84 22.63 46.20
C GLY D 319 30.17 21.67 45.08
N ARG D 320 31.47 21.63 44.68
CA ARG D 320 31.97 20.76 43.60
C ARG D 320 32.34 19.36 44.15
N MET D 321 31.50 18.39 43.83
CA MET D 321 31.62 17.01 44.29
C MET D 321 31.15 16.04 43.19
N SER D 322 31.36 14.72 43.40
CA SER D 322 31.01 13.68 42.44
C SER D 322 29.54 13.31 42.50
N MET D 323 28.82 13.48 41.38
CA MET D 323 27.41 13.06 41.36
C MET D 323 27.26 11.54 41.40
N LYS D 324 28.26 10.78 40.94
CA LYS D 324 28.18 9.32 41.01
C LYS D 324 28.29 8.88 42.44
N GLU D 325 29.13 9.59 43.23
CA GLU D 325 29.28 9.34 44.66
C GLU D 325 27.93 9.70 45.28
N VAL D 326 27.42 10.91 44.92
CA VAL D 326 26.13 11.44 45.36
C VAL D 326 24.99 10.44 45.08
N ASP D 327 24.86 10.00 43.81
CA ASP D 327 23.85 9.06 43.37
C ASP D 327 23.98 7.72 44.03
N GLU D 328 25.22 7.29 44.36
CA GLU D 328 25.50 6.02 45.05
C GLU D 328 24.93 6.09 46.44
N GLN D 329 25.37 7.13 47.18
CA GLN D 329 25.03 7.43 48.57
C GLN D 329 23.55 7.61 48.75
N MET D 330 22.94 8.44 47.89
CA MET D 330 21.50 8.71 47.93
C MET D 330 20.65 7.44 47.79
N LEU D 331 21.04 6.54 46.89
CA LEU D 331 20.30 5.30 46.71
C LEU D 331 20.55 4.31 47.84
N ASN D 332 21.72 4.40 48.52
CA ASN D 332 22.02 3.53 49.65
C ASN D 332 21.02 3.82 50.77
N VAL D 333 20.89 5.11 51.13
CA VAL D 333 20.02 5.59 52.21
C VAL D 333 18.63 5.01 52.13
N GLN D 334 17.93 5.23 51.00
CA GLN D 334 16.58 4.72 50.79
C GLN D 334 16.46 3.21 50.67
N ASN D 335 17.54 2.51 50.24
CA ASN D 335 17.55 1.05 50.14
C ASN D 335 17.68 0.38 51.53
N LYS D 336 18.35 1.07 52.48
CA LYS D 336 18.48 0.58 53.84
C LYS D 336 17.33 1.09 54.75
N ASN D 337 16.89 2.36 54.54
CA ASN D 337 15.78 2.98 55.28
C ASN D 337 14.44 2.89 54.55
N SER D 338 14.30 1.89 53.67
CA SER D 338 13.13 1.55 52.82
C SER D 338 11.76 1.66 53.49
N SER D 339 11.71 1.35 54.78
CA SER D 339 10.50 1.39 55.60
C SER D 339 9.97 2.83 55.85
N TYR D 340 10.86 3.87 55.71
CA TYR D 340 10.50 5.26 55.99
C TYR D 340 10.13 6.07 54.77
N PHE D 341 9.89 5.35 53.67
CA PHE D 341 9.50 5.93 52.41
C PHE D 341 8.31 5.17 51.91
N VAL D 342 7.22 5.92 51.66
CA VAL D 342 5.95 5.38 51.18
C VAL D 342 6.11 4.70 49.82
N GLU D 343 5.66 3.44 49.72
CA GLU D 343 5.79 2.69 48.49
C GLU D 343 4.80 3.16 47.43
N TRP D 344 3.72 3.77 47.87
CA TRP D 344 2.69 4.26 46.99
C TRP D 344 2.97 5.61 46.31
N ILE D 345 4.16 6.18 46.52
CA ILE D 345 4.63 7.38 45.80
C ILE D 345 5.97 6.94 45.21
N PRO D 346 5.94 6.29 44.02
CA PRO D 346 7.19 5.77 43.41
C PRO D 346 8.22 6.85 43.06
N ASN D 347 9.50 6.60 43.38
CA ASN D 347 10.61 7.50 43.12
C ASN D 347 10.38 8.89 43.76
N ASN D 348 10.09 8.92 45.08
CA ASN D 348 9.79 10.12 45.86
C ASN D 348 11.02 10.88 46.42
N VAL D 349 12.23 10.51 46.02
CA VAL D 349 13.43 11.19 46.52
C VAL D 349 14.21 11.85 45.39
N LYS D 350 13.99 13.15 45.14
CA LYS D 350 14.69 13.86 44.06
C LYS D 350 15.97 14.58 44.55
N THR D 351 17.01 14.65 43.68
CA THR D 351 18.29 15.27 44.03
C THR D 351 18.83 16.29 43.02
N ALA D 352 19.06 17.50 43.53
CA ALA D 352 19.63 18.62 42.79
C ALA D 352 21.07 18.89 43.31
N VAL D 353 22.01 19.15 42.37
CA VAL D 353 23.40 19.44 42.70
C VAL D 353 23.73 20.81 42.12
N CYS D 354 24.32 21.69 42.98
CA CYS D 354 24.78 23.04 42.63
C CYS D 354 26.27 23.14 42.86
N ASP D 355 27.01 23.52 41.81
CA ASP D 355 28.46 23.68 41.86
C ASP D 355 28.90 24.88 42.72
N ILE D 356 27.97 25.83 42.98
CA ILE D 356 28.25 27.01 43.80
C ILE D 356 27.95 26.72 45.29
N PRO D 357 29.01 26.61 46.12
CA PRO D 357 28.80 26.34 47.55
C PRO D 357 28.51 27.64 48.32
N PRO D 358 28.06 27.57 49.60
CA PRO D 358 27.80 28.81 50.35
C PRO D 358 29.07 29.42 50.94
N ARG D 359 28.95 30.58 51.60
CA ARG D 359 30.13 31.22 52.18
C ARG D 359 30.73 30.38 53.28
N GLY D 360 32.04 30.18 53.18
CA GLY D 360 32.85 29.43 54.13
C GLY D 360 32.57 27.95 54.25
N LEU D 361 31.91 27.39 53.25
CA LEU D 361 31.60 25.96 53.22
C LEU D 361 32.02 25.46 51.84
N LYS D 362 32.94 24.47 51.80
CA LYS D 362 33.39 23.93 50.52
C LYS D 362 32.29 23.00 49.96
N MET D 363 31.40 22.49 50.88
CA MET D 363 30.25 21.62 50.58
C MET D 363 29.12 21.71 51.61
N SER D 364 27.89 21.88 51.12
CA SER D 364 26.67 21.93 51.92
C SER D 364 25.67 20.90 51.36
N ALA D 365 24.59 20.63 52.12
CA ALA D 365 23.52 19.70 51.76
C ALA D 365 22.26 20.14 52.50
N THR D 366 21.20 20.42 51.75
CA THR D 366 19.92 20.87 52.31
C THR D 366 18.90 19.77 52.15
N PHE D 367 18.00 19.64 53.11
CA PHE D 367 16.99 18.59 53.10
C PHE D 367 15.60 19.19 53.24
N ILE D 368 14.71 18.72 52.38
CA ILE D 368 13.31 19.16 52.42
C ILE D 368 12.54 17.88 52.38
N GLY D 369 11.91 17.54 53.48
CA GLY D 369 11.12 16.30 53.51
C GLY D 369 9.66 16.48 53.87
N ASN D 370 8.81 15.62 53.33
CA ASN D 370 7.39 15.61 53.68
C ASN D 370 7.13 14.28 54.40
N SER D 371 7.68 14.16 55.64
CA SER D 371 7.52 13.01 56.54
C SER D 371 6.22 13.22 57.31
N THR D 372 5.49 12.12 57.58
CA THR D 372 4.27 12.18 58.40
C THR D 372 4.64 12.57 59.84
N ALA D 373 5.89 12.28 60.26
CA ALA D 373 6.48 12.64 61.56
C ALA D 373 6.18 14.07 62.00
N ILE D 374 5.87 15.00 61.08
CA ILE D 374 5.57 16.38 61.44
C ILE D 374 4.38 16.51 62.42
N GLN D 375 3.49 15.49 62.43
CA GLN D 375 2.36 15.40 63.36
C GLN D 375 2.87 15.64 64.82
N GLU D 376 4.06 15.09 65.14
CA GLU D 376 4.74 15.25 66.41
C GLU D 376 4.79 16.69 66.89
N LEU D 377 5.02 17.61 65.96
CA LEU D 377 5.18 19.04 66.23
C LEU D 377 3.79 19.58 66.51
N PHE D 378 2.80 19.27 65.61
CA PHE D 378 1.41 19.72 65.75
C PHE D 378 0.80 19.22 67.08
N LYS D 379 1.00 17.92 67.38
CA LYS D 379 0.57 17.29 68.62
C LYS D 379 1.12 18.11 69.81
N ARG D 380 2.45 18.36 69.83
CA ARG D 380 3.17 19.13 70.85
C ARG D 380 2.51 20.47 71.10
N ILE D 381 2.06 21.13 70.02
CA ILE D 381 1.38 22.41 70.09
C ILE D 381 -0.03 22.15 70.63
N SER D 382 -0.75 21.16 70.09
CA SER D 382 -2.12 20.95 70.56
C SER D 382 -2.17 20.70 72.05
N GLU D 383 -1.30 19.83 72.56
CA GLU D 383 -1.18 19.53 73.99
C GLU D 383 -0.97 20.81 74.79
N GLN D 384 0.00 21.64 74.34
CA GLN D 384 0.34 22.94 74.91
C GLN D 384 -0.89 23.88 74.91
N PHE D 385 -1.69 23.87 73.81
CA PHE D 385 -2.90 24.69 73.63
C PHE D 385 -3.98 24.21 74.58
N THR D 386 -4.36 22.91 74.47
CA THR D 386 -5.34 22.22 75.28
C THR D 386 -5.20 22.54 76.75
N ALA D 387 -4.01 22.29 77.34
CA ALA D 387 -3.67 22.56 78.73
C ALA D 387 -4.27 23.91 79.19
N MET D 388 -3.99 24.95 78.41
CA MET D 388 -4.47 26.27 78.69
C MET D 388 -5.91 26.47 78.30
N PHE D 389 -6.33 25.92 77.17
CA PHE D 389 -7.70 26.12 76.72
C PHE D 389 -8.68 25.54 77.67
N ARG D 390 -8.38 24.32 78.19
CA ARG D 390 -9.18 23.60 79.17
C ARG D 390 -9.49 24.52 80.37
N ARG D 391 -8.55 25.38 80.75
CA ARG D 391 -8.75 26.29 81.88
C ARG D 391 -9.17 27.70 81.44
N LYS D 392 -9.51 27.85 80.15
CA LYS D 392 -9.88 29.12 79.52
C LYS D 392 -8.89 30.25 79.88
N ALA D 393 -7.59 29.85 80.04
CA ALA D 393 -6.46 30.70 80.40
C ALA D 393 -6.21 31.86 79.42
N PHE D 394 -5.92 33.06 79.92
CA PHE D 394 -5.60 34.27 79.11
C PHE D 394 -6.55 34.67 78.02
N LEU D 395 -7.69 33.96 77.86
CA LEU D 395 -8.69 34.18 76.82
C LEU D 395 -9.27 35.60 76.69
N HIS D 396 -9.37 36.35 77.79
CA HIS D 396 -9.89 37.71 77.70
C HIS D 396 -8.95 38.72 76.99
N TRP D 397 -7.79 38.22 76.55
CA TRP D 397 -6.85 39.01 75.77
C TRP D 397 -7.38 38.93 74.34
N TYR D 398 -8.08 37.82 74.04
CA TYR D 398 -8.64 37.52 72.73
C TYR D 398 -10.06 38.01 72.62
N THR D 399 -10.96 37.60 73.55
CA THR D 399 -12.36 38.06 73.65
C THR D 399 -12.42 39.60 73.80
N GLY D 400 -11.39 40.18 74.38
CA GLY D 400 -11.27 41.63 74.51
C GLY D 400 -11.02 42.31 73.19
N GLU D 401 -10.54 41.54 72.17
CA GLU D 401 -10.32 42.04 70.81
C GLU D 401 -11.54 41.74 69.90
N GLY D 402 -12.56 41.10 70.49
CA GLY D 402 -13.82 40.76 69.85
C GLY D 402 -13.92 39.33 69.37
N MET D 403 -12.95 38.50 69.74
CA MET D 403 -12.93 37.11 69.30
C MET D 403 -13.97 36.23 70.03
N ASP D 404 -14.05 34.93 69.67
CA ASP D 404 -14.98 33.94 70.25
C ASP D 404 -14.29 32.67 70.75
N GLU D 405 -14.86 32.06 71.76
CA GLU D 405 -14.37 30.82 72.37
C GLU D 405 -14.59 29.68 71.36
N MET D 406 -15.53 29.88 70.40
CA MET D 406 -15.89 28.95 69.32
C MET D 406 -14.71 28.90 68.34
N GLU D 407 -14.28 30.09 67.84
CA GLU D 407 -13.11 30.28 66.96
C GLU D 407 -11.89 29.49 67.49
N PHE D 408 -11.75 29.45 68.81
CA PHE D 408 -10.72 28.74 69.51
C PHE D 408 -10.91 27.21 69.43
N THR D 409 -12.12 26.70 69.74
CA THR D 409 -12.46 25.27 69.71
C THR D 409 -12.37 24.72 68.31
N GLU D 410 -12.74 25.57 67.33
CA GLU D 410 -12.70 25.26 65.91
C GLU D 410 -11.25 25.01 65.53
N ALA D 411 -10.34 25.93 65.95
CA ALA D 411 -8.90 25.91 65.67
C ALA D 411 -8.20 24.66 66.19
N GLU D 412 -8.52 24.25 67.45
CA GLU D 412 -8.03 23.04 68.13
C GLU D 412 -8.42 21.87 67.26
N SER D 413 -9.73 21.79 66.96
CA SER D 413 -10.34 20.75 66.13
C SER D 413 -9.69 20.62 64.77
N ASN D 414 -9.43 21.75 64.09
CA ASN D 414 -8.79 21.71 62.78
C ASN D 414 -7.35 21.21 62.87
N MET D 415 -6.64 21.52 64.00
CA MET D 415 -5.29 21.02 64.26
C MET D 415 -5.34 19.54 64.44
N ASN D 416 -6.27 19.07 65.27
CA ASN D 416 -6.46 17.66 65.57
C ASN D 416 -6.70 16.81 64.34
N ASP D 417 -7.51 17.35 63.40
CA ASP D 417 -7.87 16.72 62.13
C ASP D 417 -6.63 16.54 61.28
N LEU D 418 -5.75 17.59 61.25
CA LEU D 418 -4.47 17.58 60.51
C LEU D 418 -3.56 16.44 60.99
N VAL D 419 -3.46 16.27 62.32
CA VAL D 419 -2.68 15.18 62.90
C VAL D 419 -3.27 13.85 62.44
N SER D 420 -4.61 13.70 62.47
CA SER D 420 -5.29 12.46 62.07
C SER D 420 -5.06 12.16 60.61
N GLU D 421 -5.05 13.20 59.79
CA GLU D 421 -4.80 13.11 58.35
C GLU D 421 -3.36 12.60 58.16
N TYR D 422 -2.33 13.24 58.85
CA TYR D 422 -0.92 12.81 58.77
C TYR D 422 -0.80 11.36 59.13
N GLN D 423 -1.48 10.92 60.20
CA GLN D 423 -1.46 9.53 60.71
C GLN D 423 -2.05 8.50 59.75
N GLN D 424 -3.13 8.88 59.07
CA GLN D 424 -3.84 8.07 58.09
C GLN D 424 -2.90 7.59 56.95
N TYR D 425 -2.18 8.53 56.31
CA TYR D 425 -1.25 8.21 55.23
C TYR D 425 0.01 7.57 55.76
N GLN D 426 0.31 7.79 57.04
CA GLN D 426 1.47 7.17 57.67
C GLN D 426 1.21 5.66 57.76
N ASP D 427 -0.01 5.31 58.21
CA ASP D 427 -0.53 3.96 58.40
C ASP D 427 -0.95 3.32 57.08
N ALA D 428 -1.30 4.14 56.05
CA ALA D 428 -1.66 3.68 54.71
C ALA D 428 -0.54 2.85 54.04
N THR D 429 -0.94 1.67 53.57
CA THR D 429 -0.11 0.65 52.90
C THR D 429 -0.58 0.45 51.46
N ALA D 430 0.34 0.11 50.54
CA ALA D 430 -0.04 -0.13 49.12
C ALA D 430 -0.58 -1.55 48.81
N ASP D 431 -0.21 -2.56 49.68
CA ASP D 431 -0.59 -3.99 49.60
C ASP D 431 -0.19 -4.72 48.30
N ILE E 6 -23.63 -48.02 -75.57
CA ILE E 6 -24.71 -47.05 -75.35
C ILE E 6 -24.18 -45.63 -75.69
N GLU E 7 -25.09 -44.67 -76.03
CA GLU E 7 -24.73 -43.28 -76.37
C GLU E 7 -25.47 -42.23 -75.53
N LEU E 8 -24.89 -41.02 -75.41
CA LEU E 8 -25.42 -39.89 -74.64
C LEU E 8 -25.46 -38.60 -75.50
N ASN E 9 -24.30 -38.21 -76.08
CA ASN E 9 -24.08 -37.05 -76.98
C ASN E 9 -22.64 -36.98 -77.52
N LYS E 10 -22.47 -36.25 -78.64
CA LYS E 10 -21.20 -35.99 -79.33
C LYS E 10 -21.10 -34.46 -79.57
N ALA E 11 -19.92 -33.87 -79.34
CA ALA E 11 -19.71 -32.42 -79.51
C ALA E 11 -18.35 -32.03 -80.11
N THR E 12 -18.07 -30.70 -80.20
CA THR E 12 -16.85 -30.08 -80.75
C THR E 12 -15.62 -30.55 -79.95
N SER E 13 -15.36 -29.89 -78.79
CA SER E 13 -14.30 -30.21 -77.84
C SER E 13 -14.98 -30.89 -76.62
N GLY E 14 -15.51 -32.07 -76.87
CA GLY E 14 -16.24 -32.89 -75.91
C GLY E 14 -17.04 -34.00 -76.55
N GLN E 15 -17.51 -34.94 -75.72
CA GLN E 15 -18.31 -36.12 -76.07
C GLN E 15 -18.88 -36.74 -74.77
N SER E 16 -19.81 -37.70 -74.88
CA SER E 16 -20.42 -38.37 -73.73
C SER E 16 -21.12 -39.67 -74.09
N TRP E 17 -21.07 -40.64 -73.18
CA TRP E 17 -21.76 -41.91 -73.36
C TRP E 17 -21.98 -42.66 -72.08
N GLU E 18 -23.23 -43.12 -71.90
CA GLU E 18 -23.70 -43.97 -70.81
C GLU E 18 -23.03 -45.33 -71.00
N VAL E 19 -22.83 -46.08 -69.89
CA VAL E 19 -22.29 -47.45 -69.87
C VAL E 19 -22.91 -48.26 -68.73
N ILE E 20 -23.96 -49.06 -69.04
CA ILE E 20 -24.68 -49.91 -68.09
C ILE E 20 -23.93 -51.24 -67.97
N LEU E 21 -23.70 -51.70 -66.73
CA LEU E 21 -22.97 -52.95 -66.44
C LEU E 21 -23.89 -54.07 -65.90
N LYS E 22 -24.99 -53.69 -65.22
CA LYS E 22 -25.98 -54.58 -64.60
C LYS E 22 -27.27 -53.75 -64.36
N PRO E 23 -28.47 -54.28 -64.67
CA PRO E 23 -29.70 -53.47 -64.50
C PRO E 23 -30.15 -53.28 -63.04
N PRO E 24 -31.00 -52.25 -62.74
CA PRO E 24 -31.45 -52.07 -61.35
C PRO E 24 -32.52 -53.08 -60.95
N SER E 25 -32.31 -53.74 -59.79
CA SER E 25 -33.23 -54.76 -59.24
C SER E 25 -34.63 -54.24 -58.86
N PHE E 26 -34.83 -52.91 -58.84
CA PHE E 26 -36.09 -52.27 -58.49
C PHE E 26 -36.58 -51.27 -59.56
N ASP E 27 -37.83 -51.45 -60.03
CA ASP E 27 -38.48 -50.61 -61.04
C ASP E 27 -39.57 -49.72 -60.43
N GLY E 28 -39.13 -48.70 -59.69
CA GLY E 28 -40.00 -47.75 -59.03
C GLY E 28 -39.26 -46.48 -58.69
N VAL E 29 -38.11 -46.62 -57.97
CA VAL E 29 -37.15 -45.58 -57.52
C VAL E 29 -37.35 -45.04 -56.05
N PRO E 30 -38.38 -44.21 -55.67
CA PRO E 30 -38.46 -43.73 -54.28
C PRO E 30 -38.81 -44.79 -53.23
N GLU E 31 -38.20 -44.67 -52.03
CA GLU E 31 -38.42 -45.57 -50.90
C GLU E 31 -38.39 -44.82 -49.56
N PRO E 42 -38.85 -21.46 -48.37
CA PRO E 42 -37.87 -20.36 -48.35
C PRO E 42 -38.57 -19.00 -48.48
N SER E 43 -38.31 -18.08 -47.52
CA SER E 43 -38.92 -16.74 -47.49
C SER E 43 -38.03 -15.66 -46.84
N LEU E 44 -37.77 -14.54 -47.59
CA LEU E 44 -36.96 -13.38 -47.14
C LEU E 44 -37.58 -12.70 -45.93
N GLU E 45 -38.94 -12.66 -45.89
CA GLU E 45 -39.72 -12.09 -44.81
C GLU E 45 -39.45 -12.81 -43.48
N GLU E 46 -39.23 -14.15 -43.52
CA GLU E 46 -38.95 -15.00 -42.37
C GLU E 46 -37.46 -15.19 -42.01
N ILE E 47 -36.53 -14.95 -42.98
CA ILE E 47 -35.08 -15.02 -42.72
C ILE E 47 -34.70 -13.73 -41.98
N GLN E 48 -35.22 -12.58 -42.45
CA GLN E 48 -34.98 -11.29 -41.82
C GLN E 48 -35.72 -11.17 -40.49
N LYS E 49 -36.80 -11.97 -40.30
CA LYS E 49 -37.57 -12.02 -39.06
C LYS E 49 -36.70 -12.70 -37.99
N LYS E 50 -35.94 -13.75 -38.41
CA LYS E 50 -35.03 -14.53 -37.59
C LYS E 50 -33.64 -13.86 -37.42
N LEU E 51 -33.16 -13.11 -38.45
CA LEU E 51 -31.91 -12.32 -38.42
C LEU E 51 -32.06 -11.21 -37.39
N GLU E 52 -33.22 -10.48 -37.43
CA GLU E 52 -33.61 -9.42 -36.50
C GLU E 52 -33.68 -9.98 -35.09
N ALA E 53 -34.24 -11.21 -34.93
CA ALA E 53 -34.40 -11.94 -33.68
C ALA E 53 -33.08 -12.15 -32.93
N ALA E 54 -32.01 -12.52 -33.66
CA ALA E 54 -30.68 -12.76 -33.11
C ALA E 54 -30.02 -11.47 -32.69
N GLU E 55 -30.28 -10.38 -33.45
CA GLU E 55 -29.75 -9.05 -33.18
C GLU E 55 -30.37 -8.44 -31.91
N GLU E 56 -31.68 -8.67 -31.66
CA GLU E 56 -32.44 -8.21 -30.48
C GLU E 56 -31.76 -8.73 -29.22
N ARG E 57 -31.48 -10.06 -29.22
CA ARG E 57 -30.85 -10.83 -28.15
C ARG E 57 -29.47 -10.32 -27.83
N ARG E 58 -28.53 -10.35 -28.81
CA ARG E 58 -27.17 -9.83 -28.70
C ARG E 58 -27.16 -8.39 -28.10
N LYS E 59 -28.06 -7.50 -28.61
CA LYS E 59 -28.24 -6.12 -28.16
C LYS E 59 -28.75 -5.97 -26.72
N TYR E 60 -29.62 -6.91 -26.27
CA TYR E 60 -30.22 -6.92 -24.92
C TYR E 60 -29.27 -7.47 -23.81
N GLN E 61 -28.49 -8.52 -24.12
CA GLN E 61 -27.51 -9.06 -23.17
C GLN E 61 -26.37 -8.05 -22.97
N GLU E 62 -26.04 -7.29 -24.05
CA GLU E 62 -25.07 -6.20 -24.05
C GLU E 62 -25.66 -5.06 -23.20
N ALA E 63 -27.00 -4.88 -23.25
CA ALA E 63 -27.74 -3.88 -22.47
C ALA E 63 -27.80 -4.32 -20.99
N GLU E 64 -27.76 -5.63 -20.73
CA GLU E 64 -27.73 -6.13 -19.36
C GLU E 64 -26.33 -5.99 -18.80
N LEU E 65 -25.32 -6.20 -19.67
CA LEU E 65 -23.88 -6.04 -19.38
C LEU E 65 -23.63 -4.56 -19.01
N LEU E 66 -24.31 -3.65 -19.74
CA LEU E 66 -24.31 -2.19 -19.59
C LEU E 66 -24.93 -1.80 -18.22
N LYS E 67 -26.01 -2.50 -17.80
CA LYS E 67 -26.72 -2.31 -16.54
C LYS E 67 -25.77 -2.57 -15.35
N HIS E 68 -25.13 -3.75 -15.33
CA HIS E 68 -24.19 -4.18 -14.31
C HIS E 68 -22.94 -3.34 -14.27
N LEU E 69 -22.48 -2.87 -15.44
CA LEU E 69 -21.29 -2.03 -15.56
C LEU E 69 -21.55 -0.65 -14.97
N ALA E 70 -22.77 -0.12 -15.16
CA ALA E 70 -23.18 1.17 -14.62
C ALA E 70 -23.55 1.06 -13.15
N GLU E 71 -23.94 -0.17 -12.70
CA GLU E 71 -24.25 -0.48 -11.30
C GLU E 71 -22.94 -0.46 -10.50
N LYS E 72 -21.80 -0.84 -11.16
CA LYS E 72 -20.43 -0.84 -10.63
C LYS E 72 -19.97 0.60 -10.44
N ARG E 73 -20.34 1.49 -11.37
CA ARG E 73 -20.03 2.93 -11.35
C ARG E 73 -20.66 3.54 -10.12
N GLU E 74 -21.86 3.04 -9.76
CA GLU E 74 -22.60 3.48 -8.59
C GLU E 74 -21.84 3.09 -7.33
N HIS E 75 -21.37 1.82 -7.25
CA HIS E 75 -20.57 1.33 -6.14
C HIS E 75 -19.36 2.22 -5.95
N GLU E 76 -18.62 2.49 -7.04
CA GLU E 76 -17.45 3.35 -7.01
C GLU E 76 -17.81 4.71 -6.42
N ARG E 77 -18.98 5.28 -6.82
CA ARG E 77 -19.50 6.55 -6.30
C ARG E 77 -19.83 6.45 -4.80
N GLU E 78 -20.34 5.27 -4.34
CA GLU E 78 -20.72 5.01 -2.94
C GLU E 78 -19.51 5.02 -1.99
N VAL E 79 -18.45 4.22 -2.32
CA VAL E 79 -17.22 4.08 -1.52
C VAL E 79 -16.42 5.38 -1.44
N ILE E 80 -16.16 6.04 -2.57
CA ILE E 80 -15.45 7.33 -2.58
C ILE E 80 -16.19 8.35 -1.65
N GLN E 81 -17.54 8.22 -1.56
CA GLN E 81 -18.41 9.05 -0.71
C GLN E 81 -18.31 8.64 0.75
N LYS E 82 -18.30 7.32 1.06
CA LYS E 82 -18.15 6.78 2.41
C LYS E 82 -16.88 7.34 3.04
N ALA E 83 -15.72 7.22 2.32
CA ALA E 83 -14.39 7.74 2.72
C ALA E 83 -14.43 9.22 3.09
N ILE E 84 -15.16 10.04 2.28
CA ILE E 84 -15.35 11.49 2.46
C ILE E 84 -16.19 11.76 3.71
N GLU E 85 -17.33 11.04 3.88
CA GLU E 85 -18.24 11.19 5.03
C GLU E 85 -17.58 10.74 6.34
N GLU E 86 -16.86 9.59 6.30
CA GLU E 86 -16.11 9.03 7.44
C GLU E 86 -15.10 10.04 7.99
N ASN E 87 -14.45 10.83 7.12
CA ASN E 87 -13.48 11.84 7.50
C ASN E 87 -14.18 13.04 8.12
N ASN E 88 -15.31 13.47 7.56
CA ASN E 88 -16.05 14.63 8.04
C ASN E 88 -16.77 14.38 9.39
N ASN E 89 -17.34 13.16 9.57
CA ASN E 89 -17.99 12.75 10.82
C ASN E 89 -16.93 12.68 11.92
N PHE E 90 -15.72 12.19 11.56
CA PHE E 90 -14.52 12.09 12.40
C PHE E 90 -14.10 13.49 12.85
N ILE E 91 -13.98 14.46 11.89
CA ILE E 91 -13.64 15.85 12.18
C ILE E 91 -14.73 16.50 13.05
N LYS E 92 -16.02 16.25 12.77
CA LYS E 92 -17.11 16.77 13.60
C LYS E 92 -16.97 16.26 15.02
N MET E 93 -16.91 14.91 15.20
CA MET E 93 -16.75 14.28 16.51
C MET E 93 -15.56 14.87 17.27
N ALA E 94 -14.35 14.86 16.64
CA ALA E 94 -13.13 15.41 17.22
C ALA E 94 -13.36 16.86 17.69
N LYS E 95 -13.82 17.75 16.77
CA LYS E 95 -14.12 19.17 17.04
C LYS E 95 -15.15 19.32 18.16
N GLU E 96 -16.23 18.51 18.12
CA GLU E 96 -17.28 18.59 19.13
C GLU E 96 -16.87 18.04 20.47
N LYS E 97 -16.13 16.91 20.52
CA LYS E 97 -15.67 16.37 21.80
C LYS E 97 -14.81 17.43 22.47
N LEU E 98 -13.84 18.03 21.72
CA LEU E 98 -12.93 19.07 22.18
C LEU E 98 -13.66 20.32 22.67
N ALA E 99 -14.77 20.69 22.00
CA ALA E 99 -15.60 21.83 22.38
C ALA E 99 -16.16 21.63 23.78
N GLN E 100 -16.70 20.43 24.04
CA GLN E 100 -17.30 20.06 25.31
C GLN E 100 -16.23 19.92 26.39
N LYS E 101 -15.06 19.32 26.04
CA LYS E 101 -13.87 19.13 26.88
C LYS E 101 -13.35 20.48 27.38
N MET E 102 -13.03 21.42 26.45
CA MET E 102 -12.53 22.77 26.75
C MET E 102 -13.53 23.62 27.51
N GLU E 103 -14.84 23.34 27.34
CA GLU E 103 -15.86 24.08 28.07
C GLU E 103 -16.02 23.51 29.46
N SER E 104 -16.38 22.21 29.60
CA SER E 104 -16.51 21.56 30.91
C SER E 104 -15.34 21.92 31.81
N ASN E 105 -14.13 22.02 31.22
CA ASN E 105 -12.89 22.43 31.89
C ASN E 105 -13.03 23.86 32.46
N LYS E 106 -13.27 24.87 31.56
CA LYS E 106 -13.47 26.29 31.90
C LYS E 106 -14.53 26.37 32.99
N GLU E 107 -15.71 25.72 32.77
CA GLU E 107 -16.85 25.62 33.69
C GLU E 107 -16.37 25.15 35.07
N ASN E 108 -15.66 23.97 35.13
CA ASN E 108 -15.13 23.31 36.34
C ASN E 108 -14.20 24.21 37.15
N ARG E 109 -13.06 24.63 36.53
CA ARG E 109 -12.02 25.48 37.11
C ARG E 109 -12.55 26.79 37.64
N GLU E 110 -13.51 27.41 36.92
CA GLU E 110 -14.12 28.67 37.31
C GLU E 110 -14.84 28.60 38.66
N ALA E 111 -15.67 27.54 38.89
CA ALA E 111 -16.41 27.31 40.14
C ALA E 111 -15.44 27.03 41.28
N HIS E 112 -14.30 26.37 40.96
CA HIS E 112 -13.22 26.07 41.90
C HIS E 112 -12.75 27.41 42.50
N LEU E 113 -12.34 28.36 41.64
CA LEU E 113 -11.87 29.69 42.05
C LEU E 113 -12.96 30.57 42.71
N ALA E 114 -14.19 30.54 42.15
CA ALA E 114 -15.36 31.28 42.64
C ALA E 114 -15.76 30.82 44.04
N ALA E 115 -15.56 29.53 44.34
CA ALA E 115 -15.87 28.99 45.65
C ALA E 115 -14.76 29.35 46.65
N MET E 116 -13.48 29.23 46.23
CA MET E 116 -12.35 29.57 47.11
C MET E 116 -12.29 31.06 47.47
N LEU E 117 -12.84 31.91 46.61
CA LEU E 117 -12.95 33.35 46.86
C LEU E 117 -14.10 33.60 47.83
N GLU E 118 -15.19 32.79 47.75
CA GLU E 118 -16.37 32.85 48.62
C GLU E 118 -15.97 32.47 50.01
N ARG E 119 -15.19 31.39 50.16
CA ARG E 119 -14.64 30.88 51.42
C ARG E 119 -13.85 32.00 52.10
N LEU E 120 -13.05 32.76 51.31
CA LEU E 120 -12.26 33.90 51.80
C LEU E 120 -13.16 35.07 52.12
N GLN E 121 -14.16 35.35 51.26
CA GLN E 121 -15.11 36.44 51.50
C GLN E 121 -15.97 36.15 52.69
N GLU E 122 -16.24 34.87 52.96
CA GLU E 122 -16.97 34.44 54.15
C GLU E 122 -16.10 34.71 55.40
N LYS E 123 -14.79 34.43 55.30
CA LYS E 123 -13.86 34.70 56.38
C LYS E 123 -13.68 36.21 56.54
N ASP E 124 -13.83 36.98 55.43
CA ASP E 124 -13.76 38.45 55.40
C ASP E 124 -14.98 39.04 56.12
N LYS E 125 -16.12 38.31 56.08
CA LYS E 125 -17.36 38.69 56.77
C LYS E 125 -17.03 38.61 58.26
N HIS E 126 -16.56 37.43 58.73
CA HIS E 126 -16.16 37.15 60.11
C HIS E 126 -15.35 38.25 60.76
N ALA E 127 -14.26 38.70 60.10
CA ALA E 127 -13.35 39.75 60.60
C ALA E 127 -14.10 41.02 60.94
N GLU E 128 -15.07 41.40 60.08
CA GLU E 128 -15.90 42.59 60.26
C GLU E 128 -16.75 42.52 61.52
N GLU E 129 -17.28 41.31 61.82
CA GLU E 129 -18.07 41.10 63.03
C GLU E 129 -17.21 41.09 64.30
N VAL E 130 -15.90 40.74 64.19
CA VAL E 130 -15.00 40.74 65.35
C VAL E 130 -14.74 42.20 65.72
N ARG E 131 -14.44 43.05 64.72
CA ARG E 131 -14.27 44.49 64.92
C ARG E 131 -15.56 45.08 65.48
N LYS E 132 -16.73 44.52 65.08
CA LYS E 132 -18.05 44.91 65.54
C LYS E 132 -18.28 44.47 67.00
N ASN E 133 -17.85 43.24 67.33
CA ASN E 133 -17.97 42.65 68.67
C ASN E 133 -17.07 43.34 69.71
N LYS E 134 -15.97 43.97 69.27
CA LYS E 134 -15.04 44.70 70.14
C LYS E 134 -15.67 46.06 70.51
N GLU E 135 -16.39 46.67 69.54
CA GLU E 135 -17.05 47.96 69.69
C GLU E 135 -18.19 47.88 70.70
N LEU E 136 -18.99 46.80 70.61
CA LEU E 136 -20.08 46.46 71.51
C LEU E 136 -19.54 46.33 72.95
N LYS E 137 -18.38 45.63 73.11
CA LYS E 137 -17.69 45.43 74.39
C LYS E 137 -17.20 46.75 75.06
N GLU E 138 -17.34 47.90 74.37
CA GLU E 138 -16.96 49.22 74.87
C GLU E 138 -18.15 50.18 74.97
#